data_9FOE
# 
_entry.id   9FOE 
# 
_audit_conform.dict_name       mmcif_pdbx.dic 
_audit_conform.dict_version    5.406 
_audit_conform.dict_location   http://mmcif.pdb.org/dictionaries/ascii/mmcif_pdbx.dic 
# 
loop_
_database_2.database_id 
_database_2.database_code 
_database_2.pdbx_database_accession 
_database_2.pdbx_DOI 
PDB   9FOE         pdb_00009foe 10.2210/pdb9foe/pdb 
WWPDB D_1292139347 ?            ?                   
# 
loop_
_pdbx_audit_revision_history.ordinal 
_pdbx_audit_revision_history.data_content_type 
_pdbx_audit_revision_history.major_revision 
_pdbx_audit_revision_history.minor_revision 
_pdbx_audit_revision_history.revision_date 
_pdbx_audit_revision_history.part_number 
1 'Structure model' 1 0 2025-09-03 ? 
2 'Structure model' 1 1 2025-10-01 ? 
# 
_pdbx_audit_revision_details.ordinal             1 
_pdbx_audit_revision_details.revision_ordinal    1 
_pdbx_audit_revision_details.data_content_type   'Structure model' 
_pdbx_audit_revision_details.provider            repository 
_pdbx_audit_revision_details.type                'Initial release' 
_pdbx_audit_revision_details.description         ? 
_pdbx_audit_revision_details.details             ? 
# 
_pdbx_audit_revision_group.ordinal             1 
_pdbx_audit_revision_group.revision_ordinal    2 
_pdbx_audit_revision_group.data_content_type   'Structure model' 
_pdbx_audit_revision_group.group               'Database references' 
# 
_pdbx_audit_revision_category.ordinal             1 
_pdbx_audit_revision_category.revision_ordinal    2 
_pdbx_audit_revision_category.data_content_type   'Structure model' 
_pdbx_audit_revision_category.category            citation 
# 
loop_
_pdbx_audit_revision_item.ordinal 
_pdbx_audit_revision_item.revision_ordinal 
_pdbx_audit_revision_item.data_content_type 
_pdbx_audit_revision_item.item 
1 2 'Structure model' '_citation.journal_volume'          
2 2 'Structure model' '_citation.page_first'              
3 2 'Structure model' '_citation.page_last'               
4 2 'Structure model' '_citation.pdbx_database_id_PubMed' 
5 2 'Structure model' '_citation.title'                   
# 
_pdbx_database_status.status_code                     REL 
_pdbx_database_status.status_code_sf                  REL 
_pdbx_database_status.status_code_mr                  ? 
_pdbx_database_status.entry_id                        9FOE 
_pdbx_database_status.recvd_initial_deposition_date   2024-06-11 
_pdbx_database_status.SG_entry                        N 
_pdbx_database_status.deposit_site                    PDBE 
_pdbx_database_status.process_site                    PDBE 
_pdbx_database_status.status_code_cs                  ? 
_pdbx_database_status.status_code_nmr_data            ? 
_pdbx_database_status.methods_development_category    ? 
_pdbx_database_status.pdb_format_compatible           N 
# 
_pdbx_database_related.db_name        PDB 
_pdbx_database_related.details        . 
_pdbx_database_related.db_id          9FOC 
_pdbx_database_related.content_type   unspecified 
# 
_pdbx_contact_author.id                 2 
_pdbx_contact_author.email              gavin.collie@astrazeneca.com 
_pdbx_contact_author.name_first         Gavin 
_pdbx_contact_author.name_last          Collie 
_pdbx_contact_author.name_mi            ? 
_pdbx_contact_author.role               'principal investigator/group leader' 
_pdbx_contact_author.identifier_ORCID   0000-0002-0406-922X 
# 
_audit_author.name               'Collie, G.W.' 
_audit_author.pdbx_ordinal       1 
_audit_author.identifier_ORCID   ? 
# 
_citation.abstract                  ? 
_citation.abstract_id_CAS           ? 
_citation.book_id_ISBN              ? 
_citation.book_publisher            ? 
_citation.book_publisher_city       ? 
_citation.book_title                ? 
_citation.coordinate_linkage        ? 
_citation.country                   US 
_citation.database_id_Medline       ? 
_citation.details                   ? 
_citation.id                        primary 
_citation.journal_abbrev            'Acs Med.Chem.Lett.' 
_citation.journal_id_ASTM           ? 
_citation.journal_id_CSD            ? 
_citation.journal_id_ISSN           1948-5875 
_citation.journal_full              ? 
_citation.journal_issue             ? 
_citation.journal_volume            16 
_citation.language                  ? 
_citation.page_first                1703 
_citation.page_last                 1708 
_citation.title                     
;Structural and Molecular Insight into the PWWP1 Domain of NSD2 from the Discovery of Novel Binders Via DNA-Encoded Library Screening.
;
_citation.year                      2025 
_citation.database_id_CSD           ? 
_citation.pdbx_database_id_DOI      10.1021/acsmedchemlett.5c00396 
_citation.pdbx_database_id_PubMed   40959233 
_citation.pdbx_database_id_patent   ? 
_citation.unpublished_flag          ? 
# 
loop_
_citation_author.citation_id 
_citation_author.name 
_citation_author.ordinal 
_citation_author.identifier_ORCID 
primary 'Collie, G.W.'    1  ? 
primary 'Ackroyd, B.'     2  ? 
primary 'Corbishley, C.'  3  ? 
primary 
;O'Donovan, D.H.
;
4  ? 
primary 'Edwards, A.'     5  ? 
primary 'Gohlke, A.'      6  ? 
primary 'Guo, X.'         7  ? 
primary 'Howells, B.'     8  ? 
primary 'Li, Y.'          9  ? 
primary 'Madin, A.'       10 ? 
primary 'Milbradt, A.G.'  11 ? 
primary 'Rivers, E.L.'    12 ? 
primary 'Talapatra, S.K.' 13 ? 
primary 'Underwood, E.'   14 ? 
primary 'Webb, A.'        15 ? 
# 
loop_
_entity.id 
_entity.type 
_entity.src_method 
_entity.pdbx_description 
_entity.formula_weight 
_entity.pdbx_number_of_molecules 
_entity.pdbx_ec 
_entity.pdbx_mutation 
_entity.pdbx_fragment 
_entity.details 
1 polymer     man 'Histone-lysine N-methyltransferase NSD2'                                                               
19085.719 1  2.1.1.357 'K256A, K257A, K304A, K312A, D351A, E285A, E291A' ? ? 
2 non-polymer syn '1-[[(2~{S})-1-[4-[ethyl(pyridin-4-ylmethyl)amino]-6-methyl-pyrimidin-2-yl]pyrrolidin-2-yl]methyl]urea' 369.464 
1  ?         ?                                                 ? ? 
3 water       nat water                                                                                                   18.015 
38 ?         ?                                                 ? ? 
# 
_entity_name_com.entity_id   1 
_entity_name_com.name        
;Multiple myeloma SET domain-containing protein,MMSET,Nuclear SET domain-containing protein 2,Protein trithorax-5,Wolf-Hirschhorn syndrome candidate 1 protein
;
# 
_entity_poly.entity_id                      1 
_entity_poly.type                           'polypeptide(L)' 
_entity_poly.nstd_linkage                   no 
_entity_poly.nstd_monomer                   no 
_entity_poly.pdbx_seq_one_letter_code       
;MGGGPNTGRDKDHLLKYNVGDLVWSKVSGYPWWPCMVSADPLLHSYTKLKGQAASARQYHVQFFGDAPERAWIFEKSLVA
FAGEGQFAKLCQESAKQAPTAAEKIKLLAPISGKLRAQWEMGIVQAEEAASMSVEERKAKFTFLYVGAQLHLNPQVAKEA
GIAAEGGGENLYFQ
;
_entity_poly.pdbx_seq_one_letter_code_can   
;MGGGPNTGRDKDHLLKYNVGDLVWSKVSGYPWWPCMVSADPLLHSYTKLKGQAASARQYHVQFFGDAPERAWIFEKSLVA
FAGEGQFAKLCQESAKQAPTAAEKIKLLAPISGKLRAQWEMGIVQAEEAASMSVEERKAKFTFLYVGAQLHLNPQVAKEA
GIAAEGGGENLYFQ
;
_entity_poly.pdbx_strand_id                 A 
_entity_poly.pdbx_target_identifier         ? 
# 
loop_
_pdbx_entity_nonpoly.entity_id 
_pdbx_entity_nonpoly.name 
_pdbx_entity_nonpoly.comp_id 
2 '1-[[(2~{S})-1-[4-[ethyl(pyridin-4-ylmethyl)amino]-6-methyl-pyrimidin-2-yl]pyrrolidin-2-yl]methyl]urea' A1IEF 
3 water                                                                                                   HOH   
# 
loop_
_entity_poly_seq.entity_id 
_entity_poly_seq.num 
_entity_poly_seq.mon_id 
_entity_poly_seq.hetero 
1 1   MET n 
1 2   GLY n 
1 3   GLY n 
1 4   GLY n 
1 5   PRO n 
1 6   ASN n 
1 7   THR n 
1 8   GLY n 
1 9   ARG n 
1 10  ASP n 
1 11  LYS n 
1 12  ASP n 
1 13  HIS n 
1 14  LEU n 
1 15  LEU n 
1 16  LYS n 
1 17  TYR n 
1 18  ASN n 
1 19  VAL n 
1 20  GLY n 
1 21  ASP n 
1 22  LEU n 
1 23  VAL n 
1 24  TRP n 
1 25  SER n 
1 26  LYS n 
1 27  VAL n 
1 28  SER n 
1 29  GLY n 
1 30  TYR n 
1 31  PRO n 
1 32  TRP n 
1 33  TRP n 
1 34  PRO n 
1 35  CYS n 
1 36  MET n 
1 37  VAL n 
1 38  SER n 
1 39  ALA n 
1 40  ASP n 
1 41  PRO n 
1 42  LEU n 
1 43  LEU n 
1 44  HIS n 
1 45  SER n 
1 46  TYR n 
1 47  THR n 
1 48  LYS n 
1 49  LEU n 
1 50  LYS n 
1 51  GLY n 
1 52  GLN n 
1 53  ALA n 
1 54  ALA n 
1 55  SER n 
1 56  ALA n 
1 57  ARG n 
1 58  GLN n 
1 59  TYR n 
1 60  HIS n 
1 61  VAL n 
1 62  GLN n 
1 63  PHE n 
1 64  PHE n 
1 65  GLY n 
1 66  ASP n 
1 67  ALA n 
1 68  PRO n 
1 69  GLU n 
1 70  ARG n 
1 71  ALA n 
1 72  TRP n 
1 73  ILE n 
1 74  PHE n 
1 75  GLU n 
1 76  LYS n 
1 77  SER n 
1 78  LEU n 
1 79  VAL n 
1 80  ALA n 
1 81  PHE n 
1 82  ALA n 
1 83  GLY n 
1 84  GLU n 
1 85  GLY n 
1 86  GLN n 
1 87  PHE n 
1 88  ALA n 
1 89  LYS n 
1 90  LEU n 
1 91  CYS n 
1 92  GLN n 
1 93  GLU n 
1 94  SER n 
1 95  ALA n 
1 96  LYS n 
1 97  GLN n 
1 98  ALA n 
1 99  PRO n 
1 100 THR n 
1 101 ALA n 
1 102 ALA n 
1 103 GLU n 
1 104 LYS n 
1 105 ILE n 
1 106 LYS n 
1 107 LEU n 
1 108 LEU n 
1 109 ALA n 
1 110 PRO n 
1 111 ILE n 
1 112 SER n 
1 113 GLY n 
1 114 LYS n 
1 115 LEU n 
1 116 ARG n 
1 117 ALA n 
1 118 GLN n 
1 119 TRP n 
1 120 GLU n 
1 121 MET n 
1 122 GLY n 
1 123 ILE n 
1 124 VAL n 
1 125 GLN n 
1 126 ALA n 
1 127 GLU n 
1 128 GLU n 
1 129 ALA n 
1 130 ALA n 
1 131 SER n 
1 132 MET n 
1 133 SER n 
1 134 VAL n 
1 135 GLU n 
1 136 GLU n 
1 137 ARG n 
1 138 LYS n 
1 139 ALA n 
1 140 LYS n 
1 141 PHE n 
1 142 THR n 
1 143 PHE n 
1 144 LEU n 
1 145 TYR n 
1 146 VAL n 
1 147 GLY n 
1 148 ALA n 
1 149 GLN n 
1 150 LEU n 
1 151 HIS n 
1 152 LEU n 
1 153 ASN n 
1 154 PRO n 
1 155 GLN n 
1 156 VAL n 
1 157 ALA n 
1 158 LYS n 
1 159 GLU n 
1 160 ALA n 
1 161 GLY n 
1 162 ILE n 
1 163 ALA n 
1 164 ALA n 
1 165 GLU n 
1 166 GLY n 
1 167 GLY n 
1 168 GLY n 
1 169 GLU n 
1 170 ASN n 
1 171 LEU n 
1 172 TYR n 
1 173 PHE n 
1 174 GLN n 
# 
_entity_src_gen.entity_id                          1 
_entity_src_gen.pdbx_src_id                        1 
_entity_src_gen.pdbx_alt_source_flag               sample 
_entity_src_gen.pdbx_seq_type                      'Biological sequence' 
_entity_src_gen.pdbx_beg_seq_num                   1 
_entity_src_gen.pdbx_end_seq_num                   174 
_entity_src_gen.gene_src_common_name               human 
_entity_src_gen.gene_src_genus                     ? 
_entity_src_gen.pdbx_gene_src_gene                 'NSD2, KIAA1090, MMSET, TRX5, WHSC1' 
_entity_src_gen.gene_src_species                   ? 
_entity_src_gen.gene_src_strain                    ? 
_entity_src_gen.gene_src_tissue                    ? 
_entity_src_gen.gene_src_tissue_fraction           ? 
_entity_src_gen.gene_src_details                   ? 
_entity_src_gen.pdbx_gene_src_fragment             ? 
_entity_src_gen.pdbx_gene_src_scientific_name      'Homo sapiens' 
_entity_src_gen.pdbx_gene_src_ncbi_taxonomy_id     9606 
_entity_src_gen.pdbx_gene_src_variant              ? 
_entity_src_gen.pdbx_gene_src_cell_line            ? 
_entity_src_gen.pdbx_gene_src_atcc                 ? 
_entity_src_gen.pdbx_gene_src_organ                ? 
_entity_src_gen.pdbx_gene_src_organelle            ? 
_entity_src_gen.pdbx_gene_src_cell                 ? 
_entity_src_gen.pdbx_gene_src_cellular_location    ? 
_entity_src_gen.host_org_common_name               ? 
_entity_src_gen.pdbx_host_org_scientific_name      'Escherichia coli' 
_entity_src_gen.pdbx_host_org_ncbi_taxonomy_id     562 
_entity_src_gen.host_org_genus                     ? 
_entity_src_gen.pdbx_host_org_gene                 ? 
_entity_src_gen.pdbx_host_org_organ                ? 
_entity_src_gen.host_org_species                   ? 
_entity_src_gen.pdbx_host_org_tissue               ? 
_entity_src_gen.pdbx_host_org_tissue_fraction      ? 
_entity_src_gen.pdbx_host_org_strain               ? 
_entity_src_gen.pdbx_host_org_variant              ? 
_entity_src_gen.pdbx_host_org_cell_line            ? 
_entity_src_gen.pdbx_host_org_atcc                 ? 
_entity_src_gen.pdbx_host_org_culture_collection   ? 
_entity_src_gen.pdbx_host_org_cell                 ? 
_entity_src_gen.pdbx_host_org_organelle            ? 
_entity_src_gen.pdbx_host_org_cellular_location    ? 
_entity_src_gen.pdbx_host_org_vector_type          ? 
_entity_src_gen.pdbx_host_org_vector               ? 
_entity_src_gen.host_org_details                   ? 
_entity_src_gen.expression_system_id               ? 
_entity_src_gen.plasmid_name                       ? 
_entity_src_gen.plasmid_details                    ? 
_entity_src_gen.pdbx_description                   ? 
# 
loop_
_chem_comp.id 
_chem_comp.type 
_chem_comp.mon_nstd_flag 
_chem_comp.name 
_chem_comp.pdbx_synonyms 
_chem_comp.formula 
_chem_comp.formula_weight 
A1IEF non-polymer         . 
'1-[[(2~{S})-1-[4-[ethyl(pyridin-4-ylmethyl)amino]-6-methyl-pyrimidin-2-yl]pyrrolidin-2-yl]methyl]urea' ? 'C19 H27 N7 O'   369.464 
ALA   'L-peptide linking' y ALANINE ? 'C3 H7 N O2'     89.093  
ARG   'L-peptide linking' y ARGININE ? 'C6 H15 N4 O2 1' 175.209 
ASN   'L-peptide linking' y ASPARAGINE ? 'C4 H8 N2 O3'    132.118 
ASP   'L-peptide linking' y 'ASPARTIC ACID' ? 'C4 H7 N O4'     133.103 
CYS   'L-peptide linking' y CYSTEINE ? 'C3 H7 N O2 S'   121.158 
GLN   'L-peptide linking' y GLUTAMINE ? 'C5 H10 N2 O3'   146.144 
GLU   'L-peptide linking' y 'GLUTAMIC ACID' ? 'C5 H9 N O4'     147.129 
GLY   'peptide linking'   y GLYCINE ? 'C2 H5 N O2'     75.067  
HIS   'L-peptide linking' y HISTIDINE ? 'C6 H10 N3 O2 1' 156.162 
HOH   non-polymer         . WATER ? 'H2 O'           18.015  
ILE   'L-peptide linking' y ISOLEUCINE ? 'C6 H13 N O2'    131.173 
LEU   'L-peptide linking' y LEUCINE ? 'C6 H13 N O2'    131.173 
LYS   'L-peptide linking' y LYSINE ? 'C6 H15 N2 O2 1' 147.195 
MET   'L-peptide linking' y METHIONINE ? 'C5 H11 N O2 S'  149.211 
PHE   'L-peptide linking' y PHENYLALANINE ? 'C9 H11 N O2'    165.189 
PRO   'L-peptide linking' y PROLINE ? 'C5 H9 N O2'     115.130 
SER   'L-peptide linking' y SERINE ? 'C3 H7 N O3'     105.093 
THR   'L-peptide linking' y THREONINE ? 'C4 H9 N O3'     119.119 
TRP   'L-peptide linking' y TRYPTOPHAN ? 'C11 H12 N2 O2'  204.225 
TYR   'L-peptide linking' y TYROSINE ? 'C9 H11 N O3'    181.189 
VAL   'L-peptide linking' y VALINE ? 'C5 H11 N O2'    117.146 
# 
loop_
_pdbx_poly_seq_scheme.asym_id 
_pdbx_poly_seq_scheme.entity_id 
_pdbx_poly_seq_scheme.seq_id 
_pdbx_poly_seq_scheme.mon_id 
_pdbx_poly_seq_scheme.ndb_seq_num 
_pdbx_poly_seq_scheme.pdb_seq_num 
_pdbx_poly_seq_scheme.auth_seq_num 
_pdbx_poly_seq_scheme.pdb_mon_id 
_pdbx_poly_seq_scheme.auth_mon_id 
_pdbx_poly_seq_scheme.pdb_strand_id 
_pdbx_poly_seq_scheme.pdb_ins_code 
_pdbx_poly_seq_scheme.hetero 
A 1 1   MET 1   204 ?   ?   ?   A . n 
A 1 2   GLY 2   205 ?   ?   ?   A . n 
A 1 3   GLY 3   206 ?   ?   ?   A . n 
A 1 4   GLY 4   207 ?   ?   ?   A . n 
A 1 5   PRO 5   208 ?   ?   ?   A . n 
A 1 6   ASN 6   209 ?   ?   ?   A . n 
A 1 7   THR 7   210 ?   ?   ?   A . n 
A 1 8   GLY 8   211 ?   ?   ?   A . n 
A 1 9   ARG 9   212 ?   ?   ?   A . n 
A 1 10  ASP 10  213 ?   ?   ?   A . n 
A 1 11  LYS 11  214 ?   ?   ?   A . n 
A 1 12  ASP 12  215 ?   ?   ?   A . n 
A 1 13  HIS 13  216 ?   ?   ?   A . n 
A 1 14  LEU 14  217 ?   ?   ?   A . n 
A 1 15  LEU 15  218 218 LEU LEU A . n 
A 1 16  LYS 16  219 219 LYS LYS A . n 
A 1 17  TYR 17  220 220 TYR TYR A . n 
A 1 18  ASN 18  221 221 ASN ASN A . n 
A 1 19  VAL 19  222 222 VAL VAL A . n 
A 1 20  GLY 20  223 223 GLY GLY A . n 
A 1 21  ASP 21  224 224 ASP ASP A . n 
A 1 22  LEU 22  225 225 LEU LEU A . n 
A 1 23  VAL 23  226 226 VAL VAL A . n 
A 1 24  TRP 24  227 227 TRP TRP A . n 
A 1 25  SER 25  228 228 SER SER A . n 
A 1 26  LYS 26  229 229 LYS LYS A . n 
A 1 27  VAL 27  230 230 VAL VAL A . n 
A 1 28  SER 28  231 231 SER SER A . n 
A 1 29  GLY 29  232 232 GLY GLY A . n 
A 1 30  TYR 30  233 233 TYR TYR A . n 
A 1 31  PRO 31  234 234 PRO PRO A . n 
A 1 32  TRP 32  235 235 TRP TRP A . n 
A 1 33  TRP 33  236 236 TRP TRP A . n 
A 1 34  PRO 34  237 237 PRO PRO A . n 
A 1 35  CYS 35  238 238 CYS CYS A . n 
A 1 36  MET 36  239 239 MET MET A . n 
A 1 37  VAL 37  240 240 VAL VAL A . n 
A 1 38  SER 38  241 241 SER SER A . n 
A 1 39  ALA 39  242 242 ALA ALA A . n 
A 1 40  ASP 40  243 243 ASP ASP A . n 
A 1 41  PRO 41  244 244 PRO PRO A . n 
A 1 42  LEU 42  245 245 LEU LEU A . n 
A 1 43  LEU 43  246 246 LEU LEU A . n 
A 1 44  HIS 44  247 247 HIS HIS A . n 
A 1 45  SER 45  248 248 SER SER A . n 
A 1 46  TYR 46  249 249 TYR TYR A . n 
A 1 47  THR 47  250 250 THR THR A . n 
A 1 48  LYS 48  251 251 LYS LYS A . n 
A 1 49  LEU 49  252 252 LEU LEU A . n 
A 1 50  LYS 50  253 ?   ?   ?   A . n 
A 1 51  GLY 51  254 ?   ?   ?   A . n 
A 1 52  GLN 52  255 ?   ?   ?   A . n 
A 1 53  ALA 53  256 ?   ?   ?   A . n 
A 1 54  ALA 54  257 ?   ?   ?   A . n 
A 1 55  SER 55  258 ?   ?   ?   A . n 
A 1 56  ALA 56  259 259 ALA ALA A . n 
A 1 57  ARG 57  260 260 ARG ARG A . n 
A 1 58  GLN 58  261 261 GLN GLN A . n 
A 1 59  TYR 59  262 262 TYR TYR A . n 
A 1 60  HIS 60  263 263 HIS HIS A . n 
A 1 61  VAL 61  264 264 VAL VAL A . n 
A 1 62  GLN 62  265 265 GLN GLN A . n 
A 1 63  PHE 63  266 266 PHE PHE A . n 
A 1 64  PHE 64  267 267 PHE PHE A . n 
A 1 65  GLY 65  268 268 GLY GLY A . n 
A 1 66  ASP 66  269 269 ASP ASP A . n 
A 1 67  ALA 67  270 270 ALA ALA A . n 
A 1 68  PRO 68  271 271 PRO PRO A . n 
A 1 69  GLU 69  272 272 GLU GLU A . n 
A 1 70  ARG 70  273 273 ARG ARG A . n 
A 1 71  ALA 71  274 274 ALA ALA A . n 
A 1 72  TRP 72  275 275 TRP TRP A . n 
A 1 73  ILE 73  276 276 ILE ILE A . n 
A 1 74  PHE 74  277 277 PHE PHE A . n 
A 1 75  GLU 75  278 278 GLU GLU A . n 
A 1 76  LYS 76  279 279 LYS LYS A . n 
A 1 77  SER 77  280 280 SER SER A . n 
A 1 78  LEU 78  281 281 LEU LEU A . n 
A 1 79  VAL 79  282 282 VAL VAL A . n 
A 1 80  ALA 80  283 283 ALA ALA A . n 
A 1 81  PHE 81  284 284 PHE PHE A . n 
A 1 82  ALA 82  285 285 ALA ALA A . n 
A 1 83  GLY 83  286 ?   ?   ?   A . n 
A 1 84  GLU 84  287 ?   ?   ?   A . n 
A 1 85  GLY 85  288 ?   ?   ?   A . n 
A 1 86  GLN 86  289 ?   ?   ?   A . n 
A 1 87  PHE 87  290 ?   ?   ?   A . n 
A 1 88  ALA 88  291 ?   ?   ?   A . n 
A 1 89  LYS 89  292 ?   ?   ?   A . n 
A 1 90  LEU 90  293 ?   ?   ?   A . n 
A 1 91  CYS 91  294 ?   ?   ?   A . n 
A 1 92  GLN 92  295 ?   ?   ?   A . n 
A 1 93  GLU 93  296 ?   ?   ?   A . n 
A 1 94  SER 94  297 ?   ?   ?   A . n 
A 1 95  ALA 95  298 ?   ?   ?   A . n 
A 1 96  LYS 96  299 ?   ?   ?   A . n 
A 1 97  GLN 97  300 ?   ?   ?   A . n 
A 1 98  ALA 98  301 ?   ?   ?   A . n 
A 1 99  PRO 99  302 ?   ?   ?   A . n 
A 1 100 THR 100 303 ?   ?   ?   A . n 
A 1 101 ALA 101 304 304 ALA ALA A . n 
A 1 102 ALA 102 305 305 ALA ALA A . n 
A 1 103 GLU 103 306 306 GLU GLU A . n 
A 1 104 LYS 104 307 307 LYS LYS A . n 
A 1 105 ILE 105 308 308 ILE ILE A . n 
A 1 106 LYS 106 309 309 LYS LYS A . n 
A 1 107 LEU 107 310 310 LEU LEU A . n 
A 1 108 LEU 108 311 311 LEU LEU A . n 
A 1 109 ALA 109 312 312 ALA ALA A . n 
A 1 110 PRO 110 313 313 PRO PRO A . n 
A 1 111 ILE 111 314 314 ILE ILE A . n 
A 1 112 SER 112 315 315 SER SER A . n 
A 1 113 GLY 113 316 316 GLY GLY A . n 
A 1 114 LYS 114 317 317 LYS LYS A . n 
A 1 115 LEU 115 318 318 LEU LEU A . n 
A 1 116 ARG 116 319 319 ARG ARG A . n 
A 1 117 ALA 117 320 320 ALA ALA A . n 
A 1 118 GLN 118 321 321 GLN GLN A . n 
A 1 119 TRP 119 322 322 TRP TRP A . n 
A 1 120 GLU 120 323 323 GLU GLU A . n 
A 1 121 MET 121 324 324 MET MET A . n 
A 1 122 GLY 122 325 325 GLY GLY A . n 
A 1 123 ILE 123 326 326 ILE ILE A . n 
A 1 124 VAL 124 327 327 VAL VAL A . n 
A 1 125 GLN 125 328 328 GLN GLN A . n 
A 1 126 ALA 126 329 329 ALA ALA A . n 
A 1 127 GLU 127 330 330 GLU GLU A . n 
A 1 128 GLU 128 331 331 GLU GLU A . n 
A 1 129 ALA 129 332 332 ALA ALA A . n 
A 1 130 ALA 130 333 333 ALA ALA A . n 
A 1 131 SER 131 334 334 SER SER A . n 
A 1 132 MET 132 335 335 MET MET A . n 
A 1 133 SER 133 336 336 SER SER A . n 
A 1 134 VAL 134 337 337 VAL VAL A . n 
A 1 135 GLU 135 338 338 GLU GLU A . n 
A 1 136 GLU 136 339 339 GLU GLU A . n 
A 1 137 ARG 137 340 340 ARG ARG A . n 
A 1 138 LYS 138 341 341 LYS LYS A . n 
A 1 139 ALA 139 342 342 ALA ALA A . n 
A 1 140 LYS 140 343 343 LYS LYS A . n 
A 1 141 PHE 141 344 344 PHE PHE A . n 
A 1 142 THR 142 345 345 THR THR A . n 
A 1 143 PHE 143 346 346 PHE PHE A . n 
A 1 144 LEU 144 347 347 LEU LEU A . n 
A 1 145 TYR 145 348 348 TYR TYR A . n 
A 1 146 VAL 146 349 349 VAL VAL A . n 
A 1 147 GLY 147 350 350 GLY GLY A . n 
A 1 148 ALA 148 351 351 ALA ALA A . n 
A 1 149 GLN 149 352 352 GLN GLN A . n 
A 1 150 LEU 150 353 353 LEU LEU A . n 
A 1 151 HIS 151 354 354 HIS HIS A . n 
A 1 152 LEU 152 355 355 LEU LEU A . n 
A 1 153 ASN 153 356 356 ASN ASN A . n 
A 1 154 PRO 154 357 357 PRO PRO A . n 
A 1 155 GLN 155 358 358 GLN GLN A . n 
A 1 156 VAL 156 359 359 VAL VAL A . n 
A 1 157 ALA 157 360 360 ALA ALA A . n 
A 1 158 LYS 158 361 361 LYS LYS A . n 
A 1 159 GLU 159 362 ?   ?   ?   A . n 
A 1 160 ALA 160 363 ?   ?   ?   A . n 
A 1 161 GLY 161 364 ?   ?   ?   A . n 
A 1 162 ILE 162 365 ?   ?   ?   A . n 
A 1 163 ALA 163 366 ?   ?   ?   A . n 
A 1 164 ALA 164 367 ?   ?   ?   A . n 
A 1 165 GLU 165 368 ?   ?   ?   A . n 
A 1 166 GLY 166 369 ?   ?   ?   A . n 
A 1 167 GLY 167 370 ?   ?   ?   A . n 
A 1 168 GLY 168 371 ?   ?   ?   A . n 
A 1 169 GLU 169 372 ?   ?   ?   A . n 
A 1 170 ASN 170 373 ?   ?   ?   A . n 
A 1 171 LEU 171 374 ?   ?   ?   A . n 
A 1 172 TYR 172 375 ?   ?   ?   A . n 
A 1 173 PHE 173 376 ?   ?   ?   A . n 
A 1 174 GLN 174 377 ?   ?   ?   A . n 
# 
_pdbx_entity_instance_feature.ordinal        1 
_pdbx_entity_instance_feature.comp_id        A1IEF 
_pdbx_entity_instance_feature.asym_id        ? 
_pdbx_entity_instance_feature.seq_num        ? 
_pdbx_entity_instance_feature.auth_comp_id   A1IEF 
_pdbx_entity_instance_feature.auth_asym_id   ? 
_pdbx_entity_instance_feature.auth_seq_num   ? 
_pdbx_entity_instance_feature.feature_type   'SUBJECT OF INVESTIGATION' 
_pdbx_entity_instance_feature.details        ? 
# 
loop_
_pdbx_nonpoly_scheme.asym_id 
_pdbx_nonpoly_scheme.entity_id 
_pdbx_nonpoly_scheme.mon_id 
_pdbx_nonpoly_scheme.ndb_seq_num 
_pdbx_nonpoly_scheme.pdb_seq_num 
_pdbx_nonpoly_scheme.auth_seq_num 
_pdbx_nonpoly_scheme.pdb_mon_id 
_pdbx_nonpoly_scheme.auth_mon_id 
_pdbx_nonpoly_scheme.pdb_strand_id 
_pdbx_nonpoly_scheme.pdb_ins_code 
B 2 A1IEF 1  401 401 A1IEF INH A . 
C 3 HOH   1  501 10  HOH   HOH A . 
C 3 HOH   2  502 29  HOH   HOH A . 
C 3 HOH   3  503 32  HOH   HOH A . 
C 3 HOH   4  504 22  HOH   HOH A . 
C 3 HOH   5  505 33  HOH   HOH A . 
C 3 HOH   6  506 19  HOH   HOH A . 
C 3 HOH   7  507 11  HOH   HOH A . 
C 3 HOH   8  508 15  HOH   HOH A . 
C 3 HOH   9  509 3   HOH   HOH A . 
C 3 HOH   10 510 1   HOH   HOH A . 
C 3 HOH   11 511 38  HOH   HOH A . 
C 3 HOH   12 512 27  HOH   HOH A . 
C 3 HOH   13 513 7   HOH   HOH A . 
C 3 HOH   14 514 25  HOH   HOH A . 
C 3 HOH   15 515 23  HOH   HOH A . 
C 3 HOH   16 516 16  HOH   HOH A . 
C 3 HOH   17 517 2   HOH   HOH A . 
C 3 HOH   18 518 37  HOH   HOH A . 
C 3 HOH   19 519 9   HOH   HOH A . 
C 3 HOH   20 520 4   HOH   HOH A . 
C 3 HOH   21 521 30  HOH   HOH A . 
C 3 HOH   22 522 20  HOH   HOH A . 
C 3 HOH   23 523 12  HOH   HOH A . 
C 3 HOH   24 524 26  HOH   HOH A . 
C 3 HOH   25 525 17  HOH   HOH A . 
C 3 HOH   26 526 6   HOH   HOH A . 
C 3 HOH   27 527 18  HOH   HOH A . 
C 3 HOH   28 528 31  HOH   HOH A . 
C 3 HOH   29 529 14  HOH   HOH A . 
C 3 HOH   30 530 28  HOH   HOH A . 
C 3 HOH   31 531 8   HOH   HOH A . 
C 3 HOH   32 532 13  HOH   HOH A . 
C 3 HOH   33 533 21  HOH   HOH A . 
C 3 HOH   34 534 24  HOH   HOH A . 
C 3 HOH   35 535 5   HOH   HOH A . 
C 3 HOH   36 536 36  HOH   HOH A . 
C 3 HOH   37 537 35  HOH   HOH A . 
C 3 HOH   38 538 34  HOH   HOH A . 
# 
loop_
_pdbx_unobs_or_zero_occ_atoms.id 
_pdbx_unobs_or_zero_occ_atoms.PDB_model_num 
_pdbx_unobs_or_zero_occ_atoms.polymer_flag 
_pdbx_unobs_or_zero_occ_atoms.occupancy_flag 
_pdbx_unobs_or_zero_occ_atoms.auth_asym_id 
_pdbx_unobs_or_zero_occ_atoms.auth_comp_id 
_pdbx_unobs_or_zero_occ_atoms.auth_seq_id 
_pdbx_unobs_or_zero_occ_atoms.PDB_ins_code 
_pdbx_unobs_or_zero_occ_atoms.auth_atom_id 
_pdbx_unobs_or_zero_occ_atoms.label_alt_id 
_pdbx_unobs_or_zero_occ_atoms.label_asym_id 
_pdbx_unobs_or_zero_occ_atoms.label_comp_id 
_pdbx_unobs_or_zero_occ_atoms.label_seq_id 
_pdbx_unobs_or_zero_occ_atoms.label_atom_id 
1  1 Y 1 A LYS 219 ? CG  ? A LYS 16  CG  
2  1 Y 1 A LYS 219 ? CD  ? A LYS 16  CD  
3  1 Y 1 A LYS 219 ? CE  ? A LYS 16  CE  
4  1 Y 1 A LYS 219 ? NZ  ? A LYS 16  NZ  
5  1 Y 1 A GLU 278 ? CG  ? A GLU 75  CG  
6  1 Y 1 A GLU 278 ? CD  ? A GLU 75  CD  
7  1 Y 1 A GLU 278 ? OE1 ? A GLU 75  OE1 
8  1 Y 1 A GLU 278 ? OE2 ? A GLU 75  OE2 
9  1 Y 1 A LYS 307 ? CG  ? A LYS 104 CG  
10 1 Y 1 A LYS 307 ? CD  ? A LYS 104 CD  
11 1 Y 1 A LYS 307 ? CE  ? A LYS 104 CE  
12 1 Y 1 A LYS 307 ? NZ  ? A LYS 104 NZ  
13 1 Y 1 A LYS 317 ? CG  ? A LYS 114 CG  
14 1 Y 1 A LYS 317 ? CD  ? A LYS 114 CD  
15 1 Y 1 A LYS 317 ? CE  ? A LYS 114 CE  
16 1 Y 1 A LYS 317 ? NZ  ? A LYS 114 NZ  
17 1 Y 1 A LYS 361 ? CG  ? A LYS 158 CG  
18 1 Y 1 A LYS 361 ? CD  ? A LYS 158 CD  
19 1 Y 1 A LYS 361 ? CE  ? A LYS 158 CE  
20 1 Y 1 A LYS 361 ? NZ  ? A LYS 158 NZ  
# 
loop_
_software.citation_id 
_software.classification 
_software.compiler_name 
_software.compiler_version 
_software.contact_author 
_software.contact_author_email 
_software.date 
_software.description 
_software.dependencies 
_software.hardware 
_software.language 
_software.location 
_software.mods 
_software.name 
_software.os 
_software.os_version 
_software.type 
_software.version 
_software.pdbx_ordinal 
? refinement       ? ? ? ? ? ? ? ? ? ? ? BUSTER  ? ? ? '2.11.8 (8-JUN-2022)' 1 
? 'data scaling'   ? ? ? ? ? ? ? ? ? ? ? Aimless ? ? ? .                     2 
? 'data reduction' ? ? ? ? ? ? ? ? ? ? ? XDS     ? ? ? .                     3 
? phasing          ? ? ? ? ? ? ? ? ? ? ? PHASER  ? ? ? .                     4 
# 
_cell.angle_alpha                  90.00 
_cell.angle_alpha_esd              ? 
_cell.angle_beta                   90.00 
_cell.angle_beta_esd               ? 
_cell.angle_gamma                  90.00 
_cell.angle_gamma_esd              ? 
_cell.entry_id                     9FOE 
_cell.details                      ? 
_cell.formula_units_Z              ? 
_cell.length_a                     54.272 
_cell.length_a_esd                 ? 
_cell.length_b                     54.272 
_cell.length_b_esd                 ? 
_cell.length_c                     125.742 
_cell.length_c_esd                 ? 
_cell.volume                       ? 
_cell.volume_esd                   ? 
_cell.Z_PDB                        8 
_cell.reciprocal_angle_alpha       ? 
_cell.reciprocal_angle_beta        ? 
_cell.reciprocal_angle_gamma       ? 
_cell.reciprocal_angle_alpha_esd   ? 
_cell.reciprocal_angle_beta_esd    ? 
_cell.reciprocal_angle_gamma_esd   ? 
_cell.reciprocal_length_a          ? 
_cell.reciprocal_length_b          ? 
_cell.reciprocal_length_c          ? 
_cell.reciprocal_length_a_esd      ? 
_cell.reciprocal_length_b_esd      ? 
_cell.reciprocal_length_c_esd      ? 
_cell.pdbx_unique_axis             ? 
_cell.pdbx_esd_method              ? 
# 
_symmetry.entry_id                         9FOE 
_symmetry.cell_setting                     ? 
_symmetry.Int_Tables_number                96 
_symmetry.space_group_name_Hall            ? 
_symmetry.space_group_name_H-M             'P 43 21 2' 
_symmetry.pdbx_full_space_group_name_H-M   ? 
# 
_exptl.absorpt_coefficient_mu     ? 
_exptl.absorpt_correction_T_max   ? 
_exptl.absorpt_correction_T_min   ? 
_exptl.absorpt_correction_type    ? 
_exptl.absorpt_process_details    ? 
_exptl.entry_id                   9FOE 
_exptl.crystals_number            1 
_exptl.details                    ? 
_exptl.method                     'X-RAY DIFFRACTION' 
_exptl.method_details             ? 
# 
_exptl_crystal.colour                       ? 
_exptl_crystal.density_diffrn               ? 
_exptl_crystal.density_Matthews             2.43 
_exptl_crystal.density_method               ? 
_exptl_crystal.density_percent_sol          49.29 
_exptl_crystal.description                  ? 
_exptl_crystal.F_000                        ? 
_exptl_crystal.id                           1 
_exptl_crystal.preparation                  ? 
_exptl_crystal.size_max                     ? 
_exptl_crystal.size_mid                     ? 
_exptl_crystal.size_min                     ? 
_exptl_crystal.size_rad                     ? 
_exptl_crystal.colour_lustre                ? 
_exptl_crystal.colour_modifier              ? 
_exptl_crystal.colour_primary               ? 
_exptl_crystal.density_meas                 ? 
_exptl_crystal.density_meas_esd             ? 
_exptl_crystal.density_meas_gt              ? 
_exptl_crystal.density_meas_lt              ? 
_exptl_crystal.density_meas_temp            ? 
_exptl_crystal.density_meas_temp_esd        ? 
_exptl_crystal.density_meas_temp_gt         ? 
_exptl_crystal.density_meas_temp_lt         ? 
_exptl_crystal.pdbx_crystal_image_url       ? 
_exptl_crystal.pdbx_crystal_image_format    ? 
_exptl_crystal.pdbx_mosaicity               ? 
_exptl_crystal.pdbx_mosaicity_esd           ? 
_exptl_crystal.pdbx_mosaic_method           ? 
_exptl_crystal.pdbx_mosaic_block_size       ? 
_exptl_crystal.pdbx_mosaic_block_size_esd   ? 
# 
_exptl_crystal_grow.apparatus       ? 
_exptl_crystal_grow.atmosphere      ? 
_exptl_crystal_grow.crystal_id      1 
_exptl_crystal_grow.details         ? 
_exptl_crystal_grow.method          'VAPOR DIFFUSION, SITTING DROP' 
_exptl_crystal_grow.method_ref      ? 
_exptl_crystal_grow.pH              ? 
_exptl_crystal_grow.pressure        ? 
_exptl_crystal_grow.pressure_esd    ? 
_exptl_crystal_grow.seeding         ? 
_exptl_crystal_grow.seeding_ref     ? 
_exptl_crystal_grow.temp_details    ? 
_exptl_crystal_grow.temp_esd        ? 
_exptl_crystal_grow.time            ? 
_exptl_crystal_grow.pdbx_details    '3.5 M sodium formate' 
_exptl_crystal_grow.pdbx_pH_range   ? 
_exptl_crystal_grow.temp            293 
# 
_diffrn.ambient_environment              ? 
_diffrn.ambient_temp                     100 
_diffrn.ambient_temp_details             ? 
_diffrn.ambient_temp_esd                 ? 
_diffrn.crystal_id                       1 
_diffrn.crystal_support                  ? 
_diffrn.crystal_treatment                ? 
_diffrn.details                          ? 
_diffrn.id                               1 
_diffrn.ambient_pressure                 ? 
_diffrn.ambient_pressure_esd             ? 
_diffrn.ambient_pressure_gt              ? 
_diffrn.ambient_pressure_lt              ? 
_diffrn.ambient_temp_gt                  ? 
_diffrn.ambient_temp_lt                  ? 
_diffrn.pdbx_serial_crystal_experiment   N 
# 
_diffrn_detector.details                      ? 
_diffrn_detector.detector                     PIXEL 
_diffrn_detector.diffrn_id                    1 
_diffrn_detector.type                         'DECTRIS PILATUS 6M' 
_diffrn_detector.area_resol_mean              ? 
_diffrn_detector.dtime                        ? 
_diffrn_detector.pdbx_frames_total            ? 
_diffrn_detector.pdbx_collection_time_total   ? 
_diffrn_detector.pdbx_collection_date         2021-09-17 
_diffrn_detector.pdbx_frequency               ? 
_diffrn_detector.id                           ? 
_diffrn_detector.number_of_axes               ? 
# 
_diffrn_radiation.collimation                      ? 
_diffrn_radiation.diffrn_id                        1 
_diffrn_radiation.filter_edge                      ? 
_diffrn_radiation.inhomogeneity                    ? 
_diffrn_radiation.monochromator                    ? 
_diffrn_radiation.polarisn_norm                    ? 
_diffrn_radiation.polarisn_ratio                   ? 
_diffrn_radiation.probe                            ? 
_diffrn_radiation.type                             ? 
_diffrn_radiation.xray_symbol                      ? 
_diffrn_radiation.wavelength_id                    1 
_diffrn_radiation.pdbx_monochromatic_or_laue_m_l   M 
_diffrn_radiation.pdbx_wavelength_list             ? 
_diffrn_radiation.pdbx_wavelength                  ? 
_diffrn_radiation.pdbx_diffrn_protocol             'SINGLE WAVELENGTH' 
_diffrn_radiation.pdbx_analyzer                    ? 
_diffrn_radiation.pdbx_scattering_type             x-ray 
# 
_diffrn_radiation_wavelength.id           1 
_diffrn_radiation_wavelength.wavelength   1.00000 
_diffrn_radiation_wavelength.wt           1.0 
# 
_diffrn_source.current                     ? 
_diffrn_source.details                     ? 
_diffrn_source.diffrn_id                   1 
_diffrn_source.power                       ? 
_diffrn_source.size                        ? 
_diffrn_source.source                      SYNCHROTRON 
_diffrn_source.target                      ? 
_diffrn_source.type                        'SLS BEAMLINE X06SA' 
_diffrn_source.voltage                     ? 
_diffrn_source.take-off_angle              ? 
_diffrn_source.pdbx_wavelength_list        1.00000 
_diffrn_source.pdbx_wavelength             ? 
_diffrn_source.pdbx_synchrotron_beamline   X06SA 
_diffrn_source.pdbx_synchrotron_site       SLS 
# 
_reflns.B_iso_Wilson_estimate                          ? 
_reflns.entry_id                                       9FOE 
_reflns.data_reduction_details                         ? 
_reflns.data_reduction_method                          ? 
_reflns.d_resolution_high                              1.963 
_reflns.d_resolution_low                               49.83 
_reflns.details                                        ? 
_reflns.limit_h_max                                    ? 
_reflns.limit_h_min                                    ? 
_reflns.limit_k_max                                    ? 
_reflns.limit_k_min                                    ? 
_reflns.limit_l_max                                    ? 
_reflns.limit_l_min                                    ? 
_reflns.number_all                                     ? 
_reflns.number_obs                                     11750 
_reflns.observed_criterion                             ? 
_reflns.observed_criterion_F_max                       ? 
_reflns.observed_criterion_F_min                       ? 
_reflns.observed_criterion_I_max                       ? 
_reflns.observed_criterion_I_min                       ? 
_reflns.observed_criterion_sigma_F                     ? 
_reflns.observed_criterion_sigma_I                     ? 
_reflns.percent_possible_obs                           83.2 
_reflns.R_free_details                                 ? 
_reflns.Rmerge_F_all                                   ? 
_reflns.Rmerge_F_obs                                   ? 
_reflns.Friedel_coverage                               ? 
_reflns.number_gt                                      ? 
_reflns.threshold_expression                           ? 
_reflns.pdbx_redundancy                                11.6 
_reflns.pdbx_netI_over_av_sigmaI                       ? 
_reflns.pdbx_netI_over_sigmaI                          13.4 
_reflns.pdbx_res_netI_over_av_sigmaI_2                 ? 
_reflns.pdbx_res_netI_over_sigmaI_2                    ? 
_reflns.pdbx_chi_squared                               ? 
_reflns.pdbx_scaling_rejects                           ? 
_reflns.pdbx_d_res_high_opt                            ? 
_reflns.pdbx_d_res_low_opt                             ? 
_reflns.pdbx_d_res_opt_method                          ? 
_reflns.phase_calculation_details                      ? 
_reflns.pdbx_Rrim_I_all                                0.093 
_reflns.pdbx_Rpim_I_all                                0.027 
_reflns.pdbx_d_opt                                     ? 
_reflns.pdbx_number_measured_all                       ? 
_reflns.pdbx_diffrn_id                                 1 
_reflns.pdbx_ordinal                                   1 
_reflns.pdbx_CC_half                                   ? 
_reflns.pdbx_CC_star                                   ? 
_reflns.pdbx_R_split                                   ? 
_reflns.pdbx_Rmerge_I_obs                              0.089 
_reflns.pdbx_Rmerge_I_all                              ? 
_reflns.pdbx_Rsym_value                                ? 
_reflns.pdbx_CC_split_method                           ? 
_reflns.pdbx_aniso_diffraction_limit_axis_1_ortho[1]   ? 
_reflns.pdbx_aniso_diffraction_limit_axis_1_ortho[2]   ? 
_reflns.pdbx_aniso_diffraction_limit_axis_1_ortho[3]   ? 
_reflns.pdbx_aniso_diffraction_limit_axis_2_ortho[1]   ? 
_reflns.pdbx_aniso_diffraction_limit_axis_2_ortho[2]   ? 
_reflns.pdbx_aniso_diffraction_limit_axis_2_ortho[3]   ? 
_reflns.pdbx_aniso_diffraction_limit_axis_3_ortho[1]   ? 
_reflns.pdbx_aniso_diffraction_limit_axis_3_ortho[2]   ? 
_reflns.pdbx_aniso_diffraction_limit_axis_3_ortho[3]   ? 
_reflns.pdbx_aniso_diffraction_limit_1                 ? 
_reflns.pdbx_aniso_diffraction_limit_2                 ? 
_reflns.pdbx_aniso_diffraction_limit_3                 ? 
_reflns.pdbx_aniso_B_tensor_eigenvector_1_ortho[1]     ? 
_reflns.pdbx_aniso_B_tensor_eigenvector_1_ortho[2]     ? 
_reflns.pdbx_aniso_B_tensor_eigenvector_1_ortho[3]     ? 
_reflns.pdbx_aniso_B_tensor_eigenvector_2_ortho[1]     ? 
_reflns.pdbx_aniso_B_tensor_eigenvector_2_ortho[2]     ? 
_reflns.pdbx_aniso_B_tensor_eigenvector_2_ortho[3]     ? 
_reflns.pdbx_aniso_B_tensor_eigenvector_3_ortho[1]     ? 
_reflns.pdbx_aniso_B_tensor_eigenvector_3_ortho[2]     ? 
_reflns.pdbx_aniso_B_tensor_eigenvector_3_ortho[3]     ? 
_reflns.pdbx_aniso_B_tensor_eigenvalue_1               ? 
_reflns.pdbx_aniso_B_tensor_eigenvalue_2               ? 
_reflns.pdbx_aniso_B_tensor_eigenvalue_3               ? 
_reflns.pdbx_orthogonalization_convention              ? 
_reflns.pdbx_percent_possible_ellipsoidal              ? 
_reflns.pdbx_percent_possible_spherical                ? 
_reflns.pdbx_percent_possible_ellipsoidal_anomalous    ? 
_reflns.pdbx_percent_possible_spherical_anomalous      ? 
_reflns.pdbx_redundancy_anomalous                      ? 
_reflns.pdbx_CC_half_anomalous                         ? 
_reflns.pdbx_absDiff_over_sigma_anomalous              ? 
_reflns.pdbx_percent_possible_anomalous                ? 
_reflns.pdbx_observed_signal_threshold                 ? 
_reflns.pdbx_signal_type                               ? 
_reflns.pdbx_signal_details                            ? 
_reflns.pdbx_signal_software_id                        ? 
# 
_reflns_shell.d_res_high                                    1.963 
_reflns_shell.d_res_low                                     2.104 
_reflns_shell.meanI_over_sigI_all                           ? 
_reflns_shell.meanI_over_sigI_obs                           ? 
_reflns_shell.number_measured_all                           7138 
_reflns_shell.number_measured_obs                           ? 
_reflns_shell.number_possible                               ? 
_reflns_shell.number_unique_all                             ? 
_reflns_shell.number_unique_obs                             582 
_reflns_shell.percent_possible_obs                          22.6 
_reflns_shell.Rmerge_F_all                                  ? 
_reflns_shell.Rmerge_F_obs                                  ? 
_reflns_shell.meanI_over_sigI_gt                            ? 
_reflns_shell.meanI_over_uI_all                             ? 
_reflns_shell.meanI_over_uI_gt                              ? 
_reflns_shell.number_measured_gt                            ? 
_reflns_shell.number_unique_gt                              ? 
_reflns_shell.percent_possible_gt                           ? 
_reflns_shell.Rmerge_F_gt                                   ? 
_reflns_shell.Rmerge_I_gt                                   ? 
_reflns_shell.pdbx_redundancy                               12.3 
_reflns_shell.pdbx_chi_squared                              ? 
_reflns_shell.pdbx_netI_over_sigmaI_all                     ? 
_reflns_shell.pdbx_netI_over_sigmaI_obs                     1.5 
_reflns_shell.pdbx_Rrim_I_all                               2.088 
_reflns_shell.pdbx_Rpim_I_all                               0.594 
_reflns_shell.pdbx_rejects                                  ? 
_reflns_shell.pdbx_ordinal                                  1 
_reflns_shell.pdbx_diffrn_id                                1 
_reflns_shell.pdbx_CC_half                                  ? 
_reflns_shell.pdbx_CC_star                                  ? 
_reflns_shell.pdbx_R_split                                  ? 
_reflns_shell.percent_possible_all                          ? 
_reflns_shell.Rmerge_I_all                                  ? 
_reflns_shell.Rmerge_I_obs                                  2.000 
_reflns_shell.pdbx_Rsym_value                               ? 
_reflns_shell.pdbx_percent_possible_ellipsoidal             ? 
_reflns_shell.pdbx_percent_possible_spherical               ? 
_reflns_shell.pdbx_percent_possible_ellipsoidal_anomalous   ? 
_reflns_shell.pdbx_percent_possible_spherical_anomalous     ? 
_reflns_shell.pdbx_redundancy_anomalous                     ? 
_reflns_shell.pdbx_CC_half_anomalous                        ? 
_reflns_shell.pdbx_absDiff_over_sigma_anomalous             ? 
_reflns_shell.pdbx_percent_possible_anomalous               ? 
# 
_refine.aniso_B[1][1]                            -0.55920 
_refine.aniso_B[1][2]                            0.00000 
_refine.aniso_B[1][3]                            0.00000 
_refine.aniso_B[2][2]                            -0.55920 
_refine.aniso_B[2][3]                            0.00000 
_refine.aniso_B[3][3]                            1.11840 
_refine.B_iso_max                                ? 
_refine.B_iso_mean                               49.03 
_refine.B_iso_min                                ? 
_refine.correlation_coeff_Fo_to_Fc               0.951 
_refine.correlation_coeff_Fo_to_Fc_free          0.950 
_refine.details                                  ? 
_refine.diff_density_max                         ? 
_refine.diff_density_max_esd                     ? 
_refine.diff_density_min                         ? 
_refine.diff_density_min_esd                     ? 
_refine.diff_density_rms                         ? 
_refine.diff_density_rms_esd                     ? 
_refine.entry_id                                 9FOE 
_refine.pdbx_refine_id                           'X-RAY DIFFRACTION' 
_refine.ls_abs_structure_details                 ? 
_refine.ls_abs_structure_Flack                   ? 
_refine.ls_abs_structure_Flack_esd               ? 
_refine.ls_abs_structure_Rogers                  ? 
_refine.ls_abs_structure_Rogers_esd              ? 
_refine.ls_d_res_high                            1.963 
_refine.ls_d_res_low                             49.83 
_refine.ls_extinction_coef                       ? 
_refine.ls_extinction_coef_esd                   ? 
_refine.ls_extinction_expression                 ? 
_refine.ls_extinction_method                     ? 
_refine.ls_goodness_of_fit_all                   ? 
_refine.ls_goodness_of_fit_all_esd               ? 
_refine.ls_goodness_of_fit_obs                   ? 
_refine.ls_goodness_of_fit_obs_esd               ? 
_refine.ls_hydrogen_treatment                    ? 
_refine.ls_matrix_type                           ? 
_refine.ls_number_constraints                    ? 
_refine.ls_number_parameters                     ? 
_refine.ls_number_reflns_all                     ? 
_refine.ls_number_reflns_obs                     11750 
_refine.ls_number_reflns_R_free                  608 
_refine.ls_number_reflns_R_work                  ? 
_refine.ls_number_restraints                     ? 
_refine.ls_percent_reflns_obs                    83.2 
_refine.ls_percent_reflns_R_free                 5.170 
_refine.ls_R_factor_all                          ? 
_refine.ls_R_factor_obs                          0.2277 
_refine.ls_R_factor_R_free                       0.2355 
_refine.ls_R_factor_R_free_error                 ? 
_refine.ls_R_factor_R_free_error_details         ? 
_refine.ls_R_factor_R_work                       0.2273 
_refine.ls_R_Fsqd_factor_obs                     ? 
_refine.ls_R_I_factor_obs                        ? 
_refine.ls_redundancy_reflns_all                 ? 
_refine.ls_redundancy_reflns_obs                 ? 
_refine.ls_restrained_S_all                      ? 
_refine.ls_restrained_S_obs                      ? 
_refine.ls_shift_over_esd_max                    ? 
_refine.ls_shift_over_esd_mean                   ? 
_refine.ls_structure_factor_coef                 ? 
_refine.ls_weighting_details                     ? 
_refine.ls_weighting_scheme                      ? 
_refine.ls_wR_factor_all                         ? 
_refine.ls_wR_factor_obs                         ? 
_refine.ls_wR_factor_R_free                      ? 
_refine.ls_wR_factor_R_work                      ? 
_refine.occupancy_max                            ? 
_refine.occupancy_min                            ? 
_refine.solvent_model_details                    ? 
_refine.solvent_model_param_bsol                 ? 
_refine.solvent_model_param_ksol                 ? 
_refine.pdbx_R_complete                          ? 
_refine.ls_R_factor_gt                           ? 
_refine.ls_goodness_of_fit_gt                    ? 
_refine.ls_goodness_of_fit_ref                   ? 
_refine.ls_shift_over_su_max                     ? 
_refine.ls_shift_over_su_max_lt                  ? 
_refine.ls_shift_over_su_mean                    ? 
_refine.ls_shift_over_su_mean_lt                 ? 
_refine.pdbx_ls_sigma_I                          ? 
_refine.pdbx_ls_sigma_F                          0.000 
_refine.pdbx_ls_sigma_Fsqd                       ? 
_refine.pdbx_data_cutoff_high_absF               ? 
_refine.pdbx_data_cutoff_high_rms_absF           ? 
_refine.pdbx_data_cutoff_low_absF                ? 
_refine.pdbx_isotropic_thermal_model             ? 
_refine.pdbx_ls_cross_valid_method               THROUGHOUT 
_refine.pdbx_method_to_determine_struct          'MOLECULAR REPLACEMENT' 
_refine.pdbx_starting_model                      ? 
_refine.pdbx_stereochemistry_target_values       ? 
_refine.pdbx_R_Free_selection_details            RANDOM 
_refine.pdbx_stereochem_target_val_spec_case     ? 
_refine.pdbx_overall_ESU_R                       ? 
_refine.pdbx_overall_ESU_R_Free                  ? 
_refine.pdbx_solvent_vdw_probe_radii             ? 
_refine.pdbx_solvent_ion_probe_radii             ? 
_refine.pdbx_solvent_shrinkage_radii             ? 
_refine.pdbx_real_space_R                        ? 
_refine.pdbx_density_correlation                 ? 
_refine.pdbx_pd_number_of_powder_patterns        ? 
_refine.pdbx_pd_number_of_points                 ? 
_refine.pdbx_pd_meas_number_of_points            ? 
_refine.pdbx_pd_proc_ls_prof_R_factor            ? 
_refine.pdbx_pd_proc_ls_prof_wR_factor           ? 
_refine.pdbx_pd_Marquardt_correlation_coeff      ? 
_refine.pdbx_pd_Fsqrd_R_factor                   ? 
_refine.pdbx_pd_ls_matrix_band_width             ? 
_refine.pdbx_overall_phase_error                 ? 
_refine.pdbx_overall_SU_R_free_Cruickshank_DPI   0.144 
_refine.pdbx_overall_SU_R_free_Blow_DPI          0.146 
_refine.pdbx_overall_SU_R_Blow_DPI               0.177 
_refine.pdbx_TLS_residual_ADP_flag               ? 
_refine.pdbx_diffrn_id                           1 
_refine.overall_SU_B                             ? 
_refine.overall_SU_ML                            ? 
_refine.overall_SU_R_Cruickshank_DPI             0.171 
_refine.overall_SU_R_free                        ? 
_refine.overall_FOM_free_R_set                   ? 
_refine.overall_FOM_work_R_set                   ? 
_refine.pdbx_average_fsc_overall                 ? 
_refine.pdbx_average_fsc_work                    ? 
_refine.pdbx_average_fsc_free                    ? 
# 
_refine_analyze.entry_id                        9FOE 
_refine_analyze.pdbx_refine_id                  'X-RAY DIFFRACTION' 
_refine_analyze.Luzzati_coordinate_error_free   ? 
_refine_analyze.Luzzati_coordinate_error_obs    0.34 
_refine_analyze.Luzzati_d_res_low_free          ? 
_refine_analyze.Luzzati_d_res_low_obs           ? 
_refine_analyze.Luzzati_sigma_a_free            ? 
_refine_analyze.Luzzati_sigma_a_free_details    ? 
_refine_analyze.Luzzati_sigma_a_obs             ? 
_refine_analyze.Luzzati_sigma_a_obs_details     ? 
_refine_analyze.number_disordered_residues      ? 
_refine_analyze.occupancy_sum_hydrogen          ? 
_refine_analyze.occupancy_sum_non_hydrogen      ? 
_refine_analyze.RG_d_res_high                   ? 
_refine_analyze.RG_d_res_low                    ? 
_refine_analyze.RG_free                         ? 
_refine_analyze.RG_work                         ? 
_refine_analyze.RG_free_work_ratio              ? 
_refine_analyze.pdbx_Luzzati_d_res_high_obs     ? 
# 
_refine_hist.pdbx_refine_id                   'X-RAY DIFFRACTION' 
_refine_hist.cycle_id                         1 
_refine_hist.details                          ? 
_refine_hist.d_res_high                       1.963 
_refine_hist.d_res_low                        49.83 
_refine_hist.number_atoms_solvent             38 
_refine_hist.number_atoms_total               1007 
_refine_hist.number_reflns_all                ? 
_refine_hist.number_reflns_obs                ? 
_refine_hist.number_reflns_R_free             ? 
_refine_hist.number_reflns_R_work             ? 
_refine_hist.R_factor_all                     ? 
_refine_hist.R_factor_obs                     ? 
_refine_hist.R_factor_R_free                  ? 
_refine_hist.R_factor_R_work                  ? 
_refine_hist.pdbx_number_residues_total       ? 
_refine_hist.pdbx_B_iso_mean_ligand           ? 
_refine_hist.pdbx_B_iso_mean_solvent          ? 
_refine_hist.pdbx_number_atoms_protein        942 
_refine_hist.pdbx_number_atoms_nucleic_acid   0 
_refine_hist.pdbx_number_atoms_ligand         27 
_refine_hist.pdbx_number_atoms_lipid          ? 
_refine_hist.pdbx_number_atoms_carb           ? 
_refine_hist.pdbx_pseudo_atom_details         ? 
# 
loop_
_refine_ls_restr.pdbx_refine_id 
_refine_ls_restr.criterion 
_refine_ls_restr.dev_ideal 
_refine_ls_restr.dev_ideal_target 
_refine_ls_restr.number 
_refine_ls_restr.rejects 
_refine_ls_restr.type 
_refine_ls_restr.weight 
_refine_ls_restr.pdbx_restraint_function 
'X-RAY DIFFRACTION' ? 0.008 ? 1002 ? t_bond_d                  2.00  HARMONIC     
'X-RAY DIFFRACTION' ? 0.95  ? 1363 ? t_angle_deg               2.00  HARMONIC     
'X-RAY DIFFRACTION' ? ?     ? 326  ? t_dihedral_angle_d        2.00  SINUSOIDAL   
'X-RAY DIFFRACTION' ? ?     ? ?    ? t_incorr_chiral_ct        ?     ?            
'X-RAY DIFFRACTION' ? ?     ? ?    ? t_pseud_angle             ?     ?            
'X-RAY DIFFRACTION' ? ?     ? ?    ? t_trig_c_planes           ?     ?            
'X-RAY DIFFRACTION' ? ?     ? 163  ? t_gen_planes              5.00  HARMONIC     
'X-RAY DIFFRACTION' ? ?     ? 1002 ? t_it                      10.00 HARMONIC     
'X-RAY DIFFRACTION' ? ?     ? ?    ? t_nbd                     ?     ?            
'X-RAY DIFFRACTION' ? 3.90  ? ?    ? t_omega_torsion           ?     ?            
'X-RAY DIFFRACTION' ? 16.32 ? ?    ? t_other_torsion           ?     ?            
'X-RAY DIFFRACTION' ? ?     ? ?    ? t_improper_torsion        ?     ?            
'X-RAY DIFFRACTION' ? ?     ? 122  ? t_chiral_improper_torsion 5.00  SEMIHARMONIC 
'X-RAY DIFFRACTION' ? ?     ? ?    ? t_sum_occupancies         ?     ?            
'X-RAY DIFFRACTION' ? ?     ? ?    ? t_utility_distance        ?     ?            
'X-RAY DIFFRACTION' ? ?     ? ?    ? t_utility_angle           ?     ?            
'X-RAY DIFFRACTION' ? ?     ? ?    ? t_utility_torsion         ?     ?            
'X-RAY DIFFRACTION' ? ?     ? 824  ? t_ideal_dist_contact      4.00  SEMIHARMONIC 
# 
_refine_ls_shell.pdbx_refine_id                   'X-RAY DIFFRACTION' 
_refine_ls_shell.d_res_high                       1.963 
_refine_ls_shell.d_res_low                        2.08 
_refine_ls_shell.number_reflns_all                ? 
_refine_ls_shell.number_reflns_obs                ? 
_refine_ls_shell.number_reflns_R_free             ? 
_refine_ls_shell.number_reflns_R_work             372 
_refine_ls_shell.percent_reflns_obs               17.82 
_refine_ls_shell.percent_reflns_R_free            5.10 
_refine_ls_shell.R_factor_all                     ? 
_refine_ls_shell.R_factor_obs                     ? 
_refine_ls_shell.R_factor_R_free_error            ? 
_refine_ls_shell.R_factor_R_work                  0.3121 
_refine_ls_shell.redundancy_reflns_all            ? 
_refine_ls_shell.redundancy_reflns_obs            ? 
_refine_ls_shell.wR_factor_all                    ? 
_refine_ls_shell.wR_factor_obs                    ? 
_refine_ls_shell.wR_factor_R_free                 ? 
_refine_ls_shell.wR_factor_R_work                 ? 
_refine_ls_shell.pdbx_R_complete                  ? 
_refine_ls_shell.pdbx_total_number_of_bins_used   ? 
_refine_ls_shell.pdbx_phase_error                 ? 
_refine_ls_shell.pdbx_fsc_work                    ? 
_refine_ls_shell.pdbx_fsc_free                    ? 
_refine_ls_shell.R_factor_R_free                  0.2972 
# 
_struct.entry_id                     9FOE 
_struct.title                        'Crystal structure of the PWWP1 domain of NSD2 bound by compound 7.' 
_struct.pdbx_model_details           ? 
_struct.pdbx_formula_weight          ? 
_struct.pdbx_formula_weight_method   ? 
_struct.pdbx_model_type_details      ? 
_struct.pdbx_CASP_flag               N 
# 
_struct_keywords.entry_id        9FOE 
_struct_keywords.text            'drug discovery, NSD2, DEL, cancer research, TRANSFERASE' 
_struct_keywords.pdbx_keywords   TRANSFERASE 
# 
loop_
_struct_asym.id 
_struct_asym.pdbx_blank_PDB_chainid_flag 
_struct_asym.pdbx_modified 
_struct_asym.entity_id 
_struct_asym.details 
A N N 1 ? 
B N N 2 ? 
C N N 3 ? 
# 
_struct_ref.id                         1 
_struct_ref.db_name                    UNP 
_struct_ref.db_code                    NSD2_HUMAN 
_struct_ref.pdbx_db_accession          O96028 
_struct_ref.pdbx_db_isoform            ? 
_struct_ref.entity_id                  1 
_struct_ref.pdbx_seq_one_letter_code   
;PNTGRDKDHLLKYNVGDLVWSKVSGYPWWPCMVSADPLLHSYTKLKGQKKSARQYHVQFFGDAPERAWIFEKSLVAFEGE
GQFEKLCQESAKQAPTKAEKIKLLKPISGKLRAQWEMGIVQAEEAASMSVEERKAKFTFLYVGDQLHLNPQVAKEAGIAA
E
;
_struct_ref.pdbx_align_begin           208 
# 
_struct_ref_seq.align_id                      1 
_struct_ref_seq.ref_id                        1 
_struct_ref_seq.pdbx_PDB_id_code              9FOE 
_struct_ref_seq.pdbx_strand_id                A 
_struct_ref_seq.seq_align_beg                 5 
_struct_ref_seq.pdbx_seq_align_beg_ins_code   ? 
_struct_ref_seq.seq_align_end                 165 
_struct_ref_seq.pdbx_seq_align_end_ins_code   ? 
_struct_ref_seq.pdbx_db_accession             O96028 
_struct_ref_seq.db_align_beg                  208 
_struct_ref_seq.pdbx_db_align_beg_ins_code    ? 
_struct_ref_seq.db_align_end                  368 
_struct_ref_seq.pdbx_db_align_end_ins_code    ? 
_struct_ref_seq.pdbx_auth_seq_align_beg       208 
_struct_ref_seq.pdbx_auth_seq_align_end       368 
# 
loop_
_struct_ref_seq_dif.align_id 
_struct_ref_seq_dif.pdbx_pdb_id_code 
_struct_ref_seq_dif.mon_id 
_struct_ref_seq_dif.pdbx_pdb_strand_id 
_struct_ref_seq_dif.seq_num 
_struct_ref_seq_dif.pdbx_pdb_ins_code 
_struct_ref_seq_dif.pdbx_seq_db_name 
_struct_ref_seq_dif.pdbx_seq_db_accession_code 
_struct_ref_seq_dif.db_mon_id 
_struct_ref_seq_dif.pdbx_seq_db_seq_num 
_struct_ref_seq_dif.details 
_struct_ref_seq_dif.pdbx_auth_seq_num 
_struct_ref_seq_dif.pdbx_ordinal 
1 9FOE MET A 1   ? UNP O96028 ?   ?   'initiating methionine' 204 1  
1 9FOE GLY A 2   ? UNP O96028 ?   ?   'expression tag'        205 2  
1 9FOE GLY A 3   ? UNP O96028 ?   ?   'expression tag'        206 3  
1 9FOE GLY A 4   ? UNP O96028 ?   ?   'expression tag'        207 4  
1 9FOE ALA A 53  ? UNP O96028 LYS 256 'engineered mutation'   256 5  
1 9FOE ALA A 54  ? UNP O96028 LYS 257 'engineered mutation'   257 6  
1 9FOE ALA A 82  ? UNP O96028 GLU 285 'engineered mutation'   285 7  
1 9FOE ALA A 88  ? UNP O96028 GLU 291 'engineered mutation'   291 8  
1 9FOE ALA A 101 ? UNP O96028 LYS 304 'engineered mutation'   304 9  
1 9FOE ALA A 109 ? UNP O96028 LYS 312 'engineered mutation'   312 10 
1 9FOE ALA A 148 ? UNP O96028 ASP 351 'engineered mutation'   351 11 
1 9FOE GLY A 166 ? UNP O96028 ?   ?   'expression tag'        369 12 
1 9FOE GLY A 167 ? UNP O96028 ?   ?   'expression tag'        370 13 
1 9FOE GLY A 168 ? UNP O96028 ?   ?   'expression tag'        371 14 
1 9FOE GLU A 169 ? UNP O96028 ?   ?   'expression tag'        372 15 
1 9FOE ASN A 170 ? UNP O96028 ?   ?   'expression tag'        373 16 
1 9FOE LEU A 171 ? UNP O96028 ?   ?   'expression tag'        374 17 
1 9FOE TYR A 172 ? UNP O96028 ?   ?   'expression tag'        375 18 
1 9FOE PHE A 173 ? UNP O96028 ?   ?   'expression tag'        376 19 
1 9FOE GLN A 174 ? UNP O96028 ?   ?   'expression tag'        377 20 
# 
_pdbx_struct_assembly.id                   1 
_pdbx_struct_assembly.details              author_and_software_defined_assembly 
_pdbx_struct_assembly.method_details       PISA 
_pdbx_struct_assembly.oligomeric_details   monomeric 
_pdbx_struct_assembly.oligomeric_count     1 
# 
loop_
_pdbx_struct_assembly_prop.biol_id 
_pdbx_struct_assembly_prop.type 
_pdbx_struct_assembly_prop.value 
_pdbx_struct_assembly_prop.details 
1 'ABSA (A^2)' 0    ? 
1 MORE         0    ? 
1 'SSA (A^2)'  6790 ? 
# 
_pdbx_struct_assembly_gen.assembly_id       1 
_pdbx_struct_assembly_gen.oper_expression   1 
_pdbx_struct_assembly_gen.asym_id_list      A,B,C 
# 
_pdbx_struct_assembly_auth_evidence.id                     1 
_pdbx_struct_assembly_auth_evidence.assembly_id            1 
_pdbx_struct_assembly_auth_evidence.experimental_support   none 
_pdbx_struct_assembly_auth_evidence.details                ? 
# 
_pdbx_struct_oper_list.id                   1 
_pdbx_struct_oper_list.type                 'identity operation' 
_pdbx_struct_oper_list.name                 1_555 
_pdbx_struct_oper_list.symmetry_operation   x,y,z 
_pdbx_struct_oper_list.matrix[1][1]         1.0000000000 
_pdbx_struct_oper_list.matrix[1][2]         0.0000000000 
_pdbx_struct_oper_list.matrix[1][3]         0.0000000000 
_pdbx_struct_oper_list.vector[1]            0.0000000000 
_pdbx_struct_oper_list.matrix[2][1]         0.0000000000 
_pdbx_struct_oper_list.matrix[2][2]         1.0000000000 
_pdbx_struct_oper_list.matrix[2][3]         0.0000000000 
_pdbx_struct_oper_list.vector[2]            0.0000000000 
_pdbx_struct_oper_list.matrix[3][1]         0.0000000000 
_pdbx_struct_oper_list.matrix[3][2]         0.0000000000 
_pdbx_struct_oper_list.matrix[3][3]         1.0000000000 
_pdbx_struct_oper_list.vector[3]            0.0000000000 
# 
loop_
_struct_conf.conf_type_id 
_struct_conf.id 
_struct_conf.pdbx_PDB_helix_id 
_struct_conf.beg_label_comp_id 
_struct_conf.beg_label_asym_id 
_struct_conf.beg_label_seq_id 
_struct_conf.pdbx_beg_PDB_ins_code 
_struct_conf.end_label_comp_id 
_struct_conf.end_label_asym_id 
_struct_conf.end_label_seq_id 
_struct_conf.pdbx_end_PDB_ins_code 
_struct_conf.beg_auth_comp_id 
_struct_conf.beg_auth_asym_id 
_struct_conf.beg_auth_seq_id 
_struct_conf.end_auth_comp_id 
_struct_conf.end_auth_asym_id 
_struct_conf.end_auth_seq_id 
_struct_conf.pdbx_PDB_helix_class 
_struct_conf.details 
_struct_conf.pdbx_PDB_helix_length 
HELX_P HELX_P1 AA1 ALA A 101 ? ILE A 105 ? ALA A 304 ILE A 308 5 ? 5  
HELX_P HELX_P2 AA2 SER A 112 ? SER A 131 ? SER A 315 SER A 334 1 ? 20 
HELX_P HELX_P3 AA3 SER A 133 ? THR A 142 ? SER A 336 THR A 345 1 ? 10 
HELX_P HELX_P4 AA4 ASN A 153 ? LYS A 158 ? ASN A 356 LYS A 361 1 ? 6  
# 
_struct_conf_type.id          HELX_P 
_struct_conf_type.criteria    ? 
_struct_conf_type.reference   ? 
# 
loop_
_struct_sheet.id 
_struct_sheet.type 
_struct_sheet.number_strands 
_struct_sheet.details 
AA1 ? 3 ? 
AA2 ? 5 ? 
AA3 ? 2 ? 
# 
loop_
_struct_sheet_order.sheet_id 
_struct_sheet_order.range_id_1 
_struct_sheet_order.range_id_2 
_struct_sheet_order.offset 
_struct_sheet_order.sense 
AA1 1 2 ? anti-parallel 
AA1 2 3 ? anti-parallel 
AA2 1 2 ? anti-parallel 
AA2 2 3 ? anti-parallel 
AA2 3 4 ? anti-parallel 
AA2 4 5 ? anti-parallel 
AA3 1 2 ? anti-parallel 
# 
loop_
_struct_sheet_range.sheet_id 
_struct_sheet_range.id 
_struct_sheet_range.beg_label_comp_id 
_struct_sheet_range.beg_label_asym_id 
_struct_sheet_range.beg_label_seq_id 
_struct_sheet_range.pdbx_beg_PDB_ins_code 
_struct_sheet_range.end_label_comp_id 
_struct_sheet_range.end_label_asym_id 
_struct_sheet_range.end_label_seq_id 
_struct_sheet_range.pdbx_end_PDB_ins_code 
_struct_sheet_range.beg_auth_comp_id 
_struct_sheet_range.beg_auth_asym_id 
_struct_sheet_range.beg_auth_seq_id 
_struct_sheet_range.end_auth_comp_id 
_struct_sheet_range.end_auth_asym_id 
_struct_sheet_range.end_auth_seq_id 
AA1 1 THR A 47  ? LYS A 48  ? THR A 250 LYS A 251 
AA1 2 GLN A 58  ? PHE A 63  ? GLN A 261 PHE A 266 
AA1 3 GLU A 69  ? PHE A 74  ? GLU A 272 PHE A 277 
AA2 1 THR A 47  ? LYS A 48  ? THR A 250 LYS A 251 
AA2 2 GLN A 58  ? PHE A 63  ? GLN A 261 PHE A 266 
AA2 3 TRP A 33  ? VAL A 37  ? TRP A 236 VAL A 240 
AA2 4 LEU A 22  ? SER A 25  ? LEU A 225 SER A 228 
AA2 5 LEU A 78  ? ALA A 80  ? LEU A 281 ALA A 283 
AA3 1 LEU A 144 ? VAL A 146 ? LEU A 347 VAL A 349 
AA3 2 GLN A 149 ? HIS A 151 ? GLN A 352 HIS A 354 
# 
loop_
_pdbx_struct_sheet_hbond.sheet_id 
_pdbx_struct_sheet_hbond.range_id_1 
_pdbx_struct_sheet_hbond.range_id_2 
_pdbx_struct_sheet_hbond.range_1_label_atom_id 
_pdbx_struct_sheet_hbond.range_1_label_comp_id 
_pdbx_struct_sheet_hbond.range_1_label_asym_id 
_pdbx_struct_sheet_hbond.range_1_label_seq_id 
_pdbx_struct_sheet_hbond.range_1_PDB_ins_code 
_pdbx_struct_sheet_hbond.range_1_auth_atom_id 
_pdbx_struct_sheet_hbond.range_1_auth_comp_id 
_pdbx_struct_sheet_hbond.range_1_auth_asym_id 
_pdbx_struct_sheet_hbond.range_1_auth_seq_id 
_pdbx_struct_sheet_hbond.range_2_label_atom_id 
_pdbx_struct_sheet_hbond.range_2_label_comp_id 
_pdbx_struct_sheet_hbond.range_2_label_asym_id 
_pdbx_struct_sheet_hbond.range_2_label_seq_id 
_pdbx_struct_sheet_hbond.range_2_PDB_ins_code 
_pdbx_struct_sheet_hbond.range_2_auth_atom_id 
_pdbx_struct_sheet_hbond.range_2_auth_comp_id 
_pdbx_struct_sheet_hbond.range_2_auth_asym_id 
_pdbx_struct_sheet_hbond.range_2_auth_seq_id 
AA1 1 2 N LYS A 48  ? N LYS A 251 O GLN A 58  ? O GLN A 261 
AA1 2 3 N TYR A 59  ? N TYR A 262 O ILE A 73  ? O ILE A 276 
AA2 1 2 N LYS A 48  ? N LYS A 251 O GLN A 58  ? O GLN A 261 
AA2 2 3 O GLN A 62  ? O GLN A 265 N MET A 36  ? N MET A 239 
AA2 3 4 O CYS A 35  ? O CYS A 238 N VAL A 23  ? N VAL A 226 
AA2 4 5 N TRP A 24  ? N TRP A 227 O VAL A 79  ? O VAL A 282 
AA3 1 2 N VAL A 146 ? N VAL A 349 O GLN A 149 ? O GLN A 352 
# 
_pdbx_entry_details.entry_id                   9FOE 
_pdbx_entry_details.has_ligand_of_interest     Y 
_pdbx_entry_details.compound_details           ? 
_pdbx_entry_details.source_details             ? 
_pdbx_entry_details.nonpolymer_details         ? 
_pdbx_entry_details.sequence_details           ? 
_pdbx_entry_details.has_protein_modification   N 
# 
loop_
_pdbx_unobs_or_zero_occ_residues.id 
_pdbx_unobs_or_zero_occ_residues.PDB_model_num 
_pdbx_unobs_or_zero_occ_residues.polymer_flag 
_pdbx_unobs_or_zero_occ_residues.occupancy_flag 
_pdbx_unobs_or_zero_occ_residues.auth_asym_id 
_pdbx_unobs_or_zero_occ_residues.auth_comp_id 
_pdbx_unobs_or_zero_occ_residues.auth_seq_id 
_pdbx_unobs_or_zero_occ_residues.PDB_ins_code 
_pdbx_unobs_or_zero_occ_residues.label_asym_id 
_pdbx_unobs_or_zero_occ_residues.label_comp_id 
_pdbx_unobs_or_zero_occ_residues.label_seq_id 
1  1 Y 1 A MET 204 ? A MET 1   
2  1 Y 1 A GLY 205 ? A GLY 2   
3  1 Y 1 A GLY 206 ? A GLY 3   
4  1 Y 1 A GLY 207 ? A GLY 4   
5  1 Y 1 A PRO 208 ? A PRO 5   
6  1 Y 1 A ASN 209 ? A ASN 6   
7  1 Y 1 A THR 210 ? A THR 7   
8  1 Y 1 A GLY 211 ? A GLY 8   
9  1 Y 1 A ARG 212 ? A ARG 9   
10 1 Y 1 A ASP 213 ? A ASP 10  
11 1 Y 1 A LYS 214 ? A LYS 11  
12 1 Y 1 A ASP 215 ? A ASP 12  
13 1 Y 1 A HIS 216 ? A HIS 13  
14 1 Y 1 A LEU 217 ? A LEU 14  
15 1 Y 1 A LYS 253 ? A LYS 50  
16 1 Y 1 A GLY 254 ? A GLY 51  
17 1 Y 1 A GLN 255 ? A GLN 52  
18 1 Y 1 A ALA 256 ? A ALA 53  
19 1 Y 1 A ALA 257 ? A ALA 54  
20 1 Y 1 A SER 258 ? A SER 55  
21 1 Y 1 A GLY 286 ? A GLY 83  
22 1 Y 1 A GLU 287 ? A GLU 84  
23 1 Y 1 A GLY 288 ? A GLY 85  
24 1 Y 1 A GLN 289 ? A GLN 86  
25 1 Y 1 A PHE 290 ? A PHE 87  
26 1 Y 1 A ALA 291 ? A ALA 88  
27 1 Y 1 A LYS 292 ? A LYS 89  
28 1 Y 1 A LEU 293 ? A LEU 90  
29 1 Y 1 A CYS 294 ? A CYS 91  
30 1 Y 1 A GLN 295 ? A GLN 92  
31 1 Y 1 A GLU 296 ? A GLU 93  
32 1 Y 1 A SER 297 ? A SER 94  
33 1 Y 1 A ALA 298 ? A ALA 95  
34 1 Y 1 A LYS 299 ? A LYS 96  
35 1 Y 1 A GLN 300 ? A GLN 97  
36 1 Y 1 A ALA 301 ? A ALA 98  
37 1 Y 1 A PRO 302 ? A PRO 99  
38 1 Y 1 A THR 303 ? A THR 100 
39 1 Y 1 A GLU 362 ? A GLU 159 
40 1 Y 1 A ALA 363 ? A ALA 160 
41 1 Y 1 A GLY 364 ? A GLY 161 
42 1 Y 1 A ILE 365 ? A ILE 162 
43 1 Y 1 A ALA 366 ? A ALA 163 
44 1 Y 1 A ALA 367 ? A ALA 164 
45 1 Y 1 A GLU 368 ? A GLU 165 
46 1 Y 1 A GLY 369 ? A GLY 166 
47 1 Y 1 A GLY 370 ? A GLY 167 
48 1 Y 1 A GLY 371 ? A GLY 168 
49 1 Y 1 A GLU 372 ? A GLU 169 
50 1 Y 1 A ASN 373 ? A ASN 170 
51 1 Y 1 A LEU 374 ? A LEU 171 
52 1 Y 1 A TYR 375 ? A TYR 172 
53 1 Y 1 A PHE 376 ? A PHE 173 
54 1 Y 1 A GLN 377 ? A GLN 174 
# 
loop_
_chem_comp_atom.comp_id 
_chem_comp_atom.atom_id 
_chem_comp_atom.type_symbol 
_chem_comp_atom.pdbx_aromatic_flag 
_chem_comp_atom.pdbx_stereo_config 
_chem_comp_atom.pdbx_ordinal 
A1IEF C1   C N N 1   
A1IEF C2   C N N 2   
A1IEF C3   C Y N 3   
A1IEF N6   N N N 4   
A1IEF C7   C Y N 5   
A1IEF C8   C Y N 6   
A1IEF C9   C Y N 7   
A1IEF C10  C Y N 8   
A1IEF C11  C N N 9   
A1IEF C12  C Y N 10  
A1IEF C13  C N N 11  
A1IEF C14  C N N 12  
A1IEF C15  C N N 13  
A1IEF C16  C N S 14  
A1IEF O    O N N 15  
A1IEF C18  C N N 16  
A1IEF N5   N N N 17  
A1IEF C17  C N N 18  
A1IEF N4   N N N 19  
A1IEF N2   N Y N 20  
A1IEF N3   N Y N 21  
A1IEF N    N N N 22  
A1IEF C    C N N 23  
A1IEF C6   C Y N 24  
A1IEF N1   N Y N 25  
A1IEF C5   C Y N 26  
A1IEF C4   C Y N 27  
A1IEF H1   H N N 28  
A1IEF H2   H N N 29  
A1IEF H3   H N N 30  
A1IEF H4   H N N 31  
A1IEF H5   H N N 32  
A1IEF H6   H N N 33  
A1IEF H7   H N N 34  
A1IEF H8   H N N 35  
A1IEF H9   H N N 36  
A1IEF H10  H N N 37  
A1IEF H11  H N N 38  
A1IEF H12  H N N 39  
A1IEF H13  H N N 40  
A1IEF H14  H N N 41  
A1IEF H15  H N N 42  
A1IEF H16  H N N 43  
A1IEF H17  H N N 44  
A1IEF H18  H N N 45  
A1IEF H19  H N N 46  
A1IEF H20  H N N 47  
A1IEF H21  H N N 48  
A1IEF H22  H N N 49  
A1IEF H23  H N N 50  
A1IEF H24  H N N 51  
A1IEF H25  H N N 52  
A1IEF H26  H N N 53  
A1IEF H27  H N N 54  
ALA   N    N N N 55  
ALA   CA   C N S 56  
ALA   C    C N N 57  
ALA   O    O N N 58  
ALA   CB   C N N 59  
ALA   OXT  O N N 60  
ALA   H    H N N 61  
ALA   H2   H N N 62  
ALA   HA   H N N 63  
ALA   HB1  H N N 64  
ALA   HB2  H N N 65  
ALA   HB3  H N N 66  
ALA   HXT  H N N 67  
ARG   N    N N N 68  
ARG   CA   C N S 69  
ARG   C    C N N 70  
ARG   O    O N N 71  
ARG   CB   C N N 72  
ARG   CG   C N N 73  
ARG   CD   C N N 74  
ARG   NE   N N N 75  
ARG   CZ   C N N 76  
ARG   NH1  N N N 77  
ARG   NH2  N N N 78  
ARG   OXT  O N N 79  
ARG   H    H N N 80  
ARG   H2   H N N 81  
ARG   HA   H N N 82  
ARG   HB2  H N N 83  
ARG   HB3  H N N 84  
ARG   HG2  H N N 85  
ARG   HG3  H N N 86  
ARG   HD2  H N N 87  
ARG   HD3  H N N 88  
ARG   HE   H N N 89  
ARG   HH11 H N N 90  
ARG   HH12 H N N 91  
ARG   HH21 H N N 92  
ARG   HH22 H N N 93  
ARG   HXT  H N N 94  
ASN   N    N N N 95  
ASN   CA   C N S 96  
ASN   C    C N N 97  
ASN   O    O N N 98  
ASN   CB   C N N 99  
ASN   CG   C N N 100 
ASN   OD1  O N N 101 
ASN   ND2  N N N 102 
ASN   OXT  O N N 103 
ASN   H    H N N 104 
ASN   H2   H N N 105 
ASN   HA   H N N 106 
ASN   HB2  H N N 107 
ASN   HB3  H N N 108 
ASN   HD21 H N N 109 
ASN   HD22 H N N 110 
ASN   HXT  H N N 111 
ASP   N    N N N 112 
ASP   CA   C N S 113 
ASP   C    C N N 114 
ASP   O    O N N 115 
ASP   CB   C N N 116 
ASP   CG   C N N 117 
ASP   OD1  O N N 118 
ASP   OD2  O N N 119 
ASP   OXT  O N N 120 
ASP   H    H N N 121 
ASP   H2   H N N 122 
ASP   HA   H N N 123 
ASP   HB2  H N N 124 
ASP   HB3  H N N 125 
ASP   HD2  H N N 126 
ASP   HXT  H N N 127 
CYS   N    N N N 128 
CYS   CA   C N R 129 
CYS   C    C N N 130 
CYS   O    O N N 131 
CYS   CB   C N N 132 
CYS   SG   S N N 133 
CYS   OXT  O N N 134 
CYS   H    H N N 135 
CYS   H2   H N N 136 
CYS   HA   H N N 137 
CYS   HB2  H N N 138 
CYS   HB3  H N N 139 
CYS   HG   H N N 140 
CYS   HXT  H N N 141 
GLN   N    N N N 142 
GLN   CA   C N S 143 
GLN   C    C N N 144 
GLN   O    O N N 145 
GLN   CB   C N N 146 
GLN   CG   C N N 147 
GLN   CD   C N N 148 
GLN   OE1  O N N 149 
GLN   NE2  N N N 150 
GLN   OXT  O N N 151 
GLN   H    H N N 152 
GLN   H2   H N N 153 
GLN   HA   H N N 154 
GLN   HB2  H N N 155 
GLN   HB3  H N N 156 
GLN   HG2  H N N 157 
GLN   HG3  H N N 158 
GLN   HE21 H N N 159 
GLN   HE22 H N N 160 
GLN   HXT  H N N 161 
GLU   N    N N N 162 
GLU   CA   C N S 163 
GLU   C    C N N 164 
GLU   O    O N N 165 
GLU   CB   C N N 166 
GLU   CG   C N N 167 
GLU   CD   C N N 168 
GLU   OE1  O N N 169 
GLU   OE2  O N N 170 
GLU   OXT  O N N 171 
GLU   H    H N N 172 
GLU   H2   H N N 173 
GLU   HA   H N N 174 
GLU   HB2  H N N 175 
GLU   HB3  H N N 176 
GLU   HG2  H N N 177 
GLU   HG3  H N N 178 
GLU   HE2  H N N 179 
GLU   HXT  H N N 180 
GLY   N    N N N 181 
GLY   CA   C N N 182 
GLY   C    C N N 183 
GLY   O    O N N 184 
GLY   OXT  O N N 185 
GLY   H    H N N 186 
GLY   H2   H N N 187 
GLY   HA2  H N N 188 
GLY   HA3  H N N 189 
GLY   HXT  H N N 190 
HIS   N    N N N 191 
HIS   CA   C N S 192 
HIS   C    C N N 193 
HIS   O    O N N 194 
HIS   CB   C N N 195 
HIS   CG   C Y N 196 
HIS   ND1  N Y N 197 
HIS   CD2  C Y N 198 
HIS   CE1  C Y N 199 
HIS   NE2  N Y N 200 
HIS   OXT  O N N 201 
HIS   H    H N N 202 
HIS   H2   H N N 203 
HIS   HA   H N N 204 
HIS   HB2  H N N 205 
HIS   HB3  H N N 206 
HIS   HD1  H N N 207 
HIS   HD2  H N N 208 
HIS   HE1  H N N 209 
HIS   HE2  H N N 210 
HIS   HXT  H N N 211 
HOH   O    O N N 212 
HOH   H1   H N N 213 
HOH   H2   H N N 214 
ILE   N    N N N 215 
ILE   CA   C N S 216 
ILE   C    C N N 217 
ILE   O    O N N 218 
ILE   CB   C N S 219 
ILE   CG1  C N N 220 
ILE   CG2  C N N 221 
ILE   CD1  C N N 222 
ILE   OXT  O N N 223 
ILE   H    H N N 224 
ILE   H2   H N N 225 
ILE   HA   H N N 226 
ILE   HB   H N N 227 
ILE   HG12 H N N 228 
ILE   HG13 H N N 229 
ILE   HG21 H N N 230 
ILE   HG22 H N N 231 
ILE   HG23 H N N 232 
ILE   HD11 H N N 233 
ILE   HD12 H N N 234 
ILE   HD13 H N N 235 
ILE   HXT  H N N 236 
LEU   N    N N N 237 
LEU   CA   C N S 238 
LEU   C    C N N 239 
LEU   O    O N N 240 
LEU   CB   C N N 241 
LEU   CG   C N N 242 
LEU   CD1  C N N 243 
LEU   CD2  C N N 244 
LEU   OXT  O N N 245 
LEU   H    H N N 246 
LEU   H2   H N N 247 
LEU   HA   H N N 248 
LEU   HB2  H N N 249 
LEU   HB3  H N N 250 
LEU   HG   H N N 251 
LEU   HD11 H N N 252 
LEU   HD12 H N N 253 
LEU   HD13 H N N 254 
LEU   HD21 H N N 255 
LEU   HD22 H N N 256 
LEU   HD23 H N N 257 
LEU   HXT  H N N 258 
LYS   N    N N N 259 
LYS   CA   C N S 260 
LYS   C    C N N 261 
LYS   O    O N N 262 
LYS   CB   C N N 263 
LYS   CG   C N N 264 
LYS   CD   C N N 265 
LYS   CE   C N N 266 
LYS   NZ   N N N 267 
LYS   OXT  O N N 268 
LYS   H    H N N 269 
LYS   H2   H N N 270 
LYS   HA   H N N 271 
LYS   HB2  H N N 272 
LYS   HB3  H N N 273 
LYS   HG2  H N N 274 
LYS   HG3  H N N 275 
LYS   HD2  H N N 276 
LYS   HD3  H N N 277 
LYS   HE2  H N N 278 
LYS   HE3  H N N 279 
LYS   HZ1  H N N 280 
LYS   HZ2  H N N 281 
LYS   HZ3  H N N 282 
LYS   HXT  H N N 283 
MET   N    N N N 284 
MET   CA   C N S 285 
MET   C    C N N 286 
MET   O    O N N 287 
MET   CB   C N N 288 
MET   CG   C N N 289 
MET   SD   S N N 290 
MET   CE   C N N 291 
MET   OXT  O N N 292 
MET   H    H N N 293 
MET   H2   H N N 294 
MET   HA   H N N 295 
MET   HB2  H N N 296 
MET   HB3  H N N 297 
MET   HG2  H N N 298 
MET   HG3  H N N 299 
MET   HE1  H N N 300 
MET   HE2  H N N 301 
MET   HE3  H N N 302 
MET   HXT  H N N 303 
PHE   N    N N N 304 
PHE   CA   C N S 305 
PHE   C    C N N 306 
PHE   O    O N N 307 
PHE   CB   C N N 308 
PHE   CG   C Y N 309 
PHE   CD1  C Y N 310 
PHE   CD2  C Y N 311 
PHE   CE1  C Y N 312 
PHE   CE2  C Y N 313 
PHE   CZ   C Y N 314 
PHE   OXT  O N N 315 
PHE   H    H N N 316 
PHE   H2   H N N 317 
PHE   HA   H N N 318 
PHE   HB2  H N N 319 
PHE   HB3  H N N 320 
PHE   HD1  H N N 321 
PHE   HD2  H N N 322 
PHE   HE1  H N N 323 
PHE   HE2  H N N 324 
PHE   HZ   H N N 325 
PHE   HXT  H N N 326 
PRO   N    N N N 327 
PRO   CA   C N S 328 
PRO   C    C N N 329 
PRO   O    O N N 330 
PRO   CB   C N N 331 
PRO   CG   C N N 332 
PRO   CD   C N N 333 
PRO   OXT  O N N 334 
PRO   H    H N N 335 
PRO   HA   H N N 336 
PRO   HB2  H N N 337 
PRO   HB3  H N N 338 
PRO   HG2  H N N 339 
PRO   HG3  H N N 340 
PRO   HD2  H N N 341 
PRO   HD3  H N N 342 
PRO   HXT  H N N 343 
SER   N    N N N 344 
SER   CA   C N S 345 
SER   C    C N N 346 
SER   O    O N N 347 
SER   CB   C N N 348 
SER   OG   O N N 349 
SER   OXT  O N N 350 
SER   H    H N N 351 
SER   H2   H N N 352 
SER   HA   H N N 353 
SER   HB2  H N N 354 
SER   HB3  H N N 355 
SER   HG   H N N 356 
SER   HXT  H N N 357 
THR   N    N N N 358 
THR   CA   C N S 359 
THR   C    C N N 360 
THR   O    O N N 361 
THR   CB   C N R 362 
THR   OG1  O N N 363 
THR   CG2  C N N 364 
THR   OXT  O N N 365 
THR   H    H N N 366 
THR   H2   H N N 367 
THR   HA   H N N 368 
THR   HB   H N N 369 
THR   HG1  H N N 370 
THR   HG21 H N N 371 
THR   HG22 H N N 372 
THR   HG23 H N N 373 
THR   HXT  H N N 374 
TRP   N    N N N 375 
TRP   CA   C N S 376 
TRP   C    C N N 377 
TRP   O    O N N 378 
TRP   CB   C N N 379 
TRP   CG   C Y N 380 
TRP   CD1  C Y N 381 
TRP   CD2  C Y N 382 
TRP   NE1  N Y N 383 
TRP   CE2  C Y N 384 
TRP   CE3  C Y N 385 
TRP   CZ2  C Y N 386 
TRP   CZ3  C Y N 387 
TRP   CH2  C Y N 388 
TRP   OXT  O N N 389 
TRP   H    H N N 390 
TRP   H2   H N N 391 
TRP   HA   H N N 392 
TRP   HB2  H N N 393 
TRP   HB3  H N N 394 
TRP   HD1  H N N 395 
TRP   HE1  H N N 396 
TRP   HE3  H N N 397 
TRP   HZ2  H N N 398 
TRP   HZ3  H N N 399 
TRP   HH2  H N N 400 
TRP   HXT  H N N 401 
TYR   N    N N N 402 
TYR   CA   C N S 403 
TYR   C    C N N 404 
TYR   O    O N N 405 
TYR   CB   C N N 406 
TYR   CG   C Y N 407 
TYR   CD1  C Y N 408 
TYR   CD2  C Y N 409 
TYR   CE1  C Y N 410 
TYR   CE2  C Y N 411 
TYR   CZ   C Y N 412 
TYR   OH   O N N 413 
TYR   OXT  O N N 414 
TYR   H    H N N 415 
TYR   H2   H N N 416 
TYR   HA   H N N 417 
TYR   HB2  H N N 418 
TYR   HB3  H N N 419 
TYR   HD1  H N N 420 
TYR   HD2  H N N 421 
TYR   HE1  H N N 422 
TYR   HE2  H N N 423 
TYR   HH   H N N 424 
TYR   HXT  H N N 425 
VAL   N    N N N 426 
VAL   CA   C N S 427 
VAL   C    C N N 428 
VAL   O    O N N 429 
VAL   CB   C N N 430 
VAL   CG1  C N N 431 
VAL   CG2  C N N 432 
VAL   OXT  O N N 433 
VAL   H    H N N 434 
VAL   H2   H N N 435 
VAL   HA   H N N 436 
VAL   HB   H N N 437 
VAL   HG11 H N N 438 
VAL   HG12 H N N 439 
VAL   HG13 H N N 440 
VAL   HG21 H N N 441 
VAL   HG22 H N N 442 
VAL   HG23 H N N 443 
VAL   HXT  H N N 444 
# 
loop_
_chem_comp_bond.comp_id 
_chem_comp_bond.atom_id_1 
_chem_comp_bond.atom_id_2 
_chem_comp_bond.value_order 
_chem_comp_bond.pdbx_aromatic_flag 
_chem_comp_bond.pdbx_stereo_config 
_chem_comp_bond.pdbx_ordinal 
A1IEF C15 C14  sing N N 1   
A1IEF C15 C16  sing N N 2   
A1IEF C14 C13  sing N N 3   
A1IEF O   C18  doub N N 4   
A1IEF C16 C17  sing N N 5   
A1IEF C16 N4   sing N N 6   
A1IEF C13 N4   sing N N 7   
A1IEF C17 N5   sing N N 8   
A1IEF C18 N5   sing N N 9   
A1IEF C18 N6   sing N N 10  
A1IEF N4  C12  sing N N 11  
A1IEF C2  C3   sing N N 12  
A1IEF C2  N    sing N N 13  
A1IEF C4  C3   doub Y N 14  
A1IEF C4  C5   sing Y N 15  
A1IEF N3  C12  doub Y N 16  
A1IEF N3  C8   sing Y N 17  
A1IEF C12 N2   sing Y N 18  
A1IEF C   C1   sing N N 19  
A1IEF C3  C7   sing Y N 20  
A1IEF C5  N1   doub Y N 21  
A1IEF N   C8   sing N N 22  
A1IEF N   C1   sing N N 23  
A1IEF C8  C9   doub Y N 24  
A1IEF N2  C10  doub Y N 25  
A1IEF C10 C9   sing Y N 26  
A1IEF C10 C11  sing N N 27  
A1IEF N1  C6   sing Y N 28  
A1IEF C7  C6   doub Y N 29  
A1IEF C1  H1   sing N N 30  
A1IEF C1  H2   sing N N 31  
A1IEF C2  H3   sing N N 32  
A1IEF C2  H4   sing N N 33  
A1IEF N6  H5   sing N N 34  
A1IEF N6  H6   sing N N 35  
A1IEF C7  H7   sing N N 36  
A1IEF C9  H8   sing N N 37  
A1IEF C11 H9   sing N N 38  
A1IEF C11 H10  sing N N 39  
A1IEF C11 H11  sing N N 40  
A1IEF C13 H12  sing N N 41  
A1IEF C13 H13  sing N N 42  
A1IEF C14 H14  sing N N 43  
A1IEF C14 H15  sing N N 44  
A1IEF C15 H16  sing N N 45  
A1IEF C15 H17  sing N N 46  
A1IEF C16 H18  sing N N 47  
A1IEF N5  H19  sing N N 48  
A1IEF C17 H20  sing N N 49  
A1IEF C17 H21  sing N N 50  
A1IEF C   H22  sing N N 51  
A1IEF C   H23  sing N N 52  
A1IEF C   H24  sing N N 53  
A1IEF C6  H25  sing N N 54  
A1IEF C5  H26  sing N N 55  
A1IEF C4  H27  sing N N 56  
ALA   N   CA   sing N N 57  
ALA   N   H    sing N N 58  
ALA   N   H2   sing N N 59  
ALA   CA  C    sing N N 60  
ALA   CA  CB   sing N N 61  
ALA   CA  HA   sing N N 62  
ALA   C   O    doub N N 63  
ALA   C   OXT  sing N N 64  
ALA   CB  HB1  sing N N 65  
ALA   CB  HB2  sing N N 66  
ALA   CB  HB3  sing N N 67  
ALA   OXT HXT  sing N N 68  
ARG   N   CA   sing N N 69  
ARG   N   H    sing N N 70  
ARG   N   H2   sing N N 71  
ARG   CA  C    sing N N 72  
ARG   CA  CB   sing N N 73  
ARG   CA  HA   sing N N 74  
ARG   C   O    doub N N 75  
ARG   C   OXT  sing N N 76  
ARG   CB  CG   sing N N 77  
ARG   CB  HB2  sing N N 78  
ARG   CB  HB3  sing N N 79  
ARG   CG  CD   sing N N 80  
ARG   CG  HG2  sing N N 81  
ARG   CG  HG3  sing N N 82  
ARG   CD  NE   sing N N 83  
ARG   CD  HD2  sing N N 84  
ARG   CD  HD3  sing N N 85  
ARG   NE  CZ   sing N N 86  
ARG   NE  HE   sing N N 87  
ARG   CZ  NH1  sing N N 88  
ARG   CZ  NH2  doub N N 89  
ARG   NH1 HH11 sing N N 90  
ARG   NH1 HH12 sing N N 91  
ARG   NH2 HH21 sing N N 92  
ARG   NH2 HH22 sing N N 93  
ARG   OXT HXT  sing N N 94  
ASN   N   CA   sing N N 95  
ASN   N   H    sing N N 96  
ASN   N   H2   sing N N 97  
ASN   CA  C    sing N N 98  
ASN   CA  CB   sing N N 99  
ASN   CA  HA   sing N N 100 
ASN   C   O    doub N N 101 
ASN   C   OXT  sing N N 102 
ASN   CB  CG   sing N N 103 
ASN   CB  HB2  sing N N 104 
ASN   CB  HB3  sing N N 105 
ASN   CG  OD1  doub N N 106 
ASN   CG  ND2  sing N N 107 
ASN   ND2 HD21 sing N N 108 
ASN   ND2 HD22 sing N N 109 
ASN   OXT HXT  sing N N 110 
ASP   N   CA   sing N N 111 
ASP   N   H    sing N N 112 
ASP   N   H2   sing N N 113 
ASP   CA  C    sing N N 114 
ASP   CA  CB   sing N N 115 
ASP   CA  HA   sing N N 116 
ASP   C   O    doub N N 117 
ASP   C   OXT  sing N N 118 
ASP   CB  CG   sing N N 119 
ASP   CB  HB2  sing N N 120 
ASP   CB  HB3  sing N N 121 
ASP   CG  OD1  doub N N 122 
ASP   CG  OD2  sing N N 123 
ASP   OD2 HD2  sing N N 124 
ASP   OXT HXT  sing N N 125 
CYS   N   CA   sing N N 126 
CYS   N   H    sing N N 127 
CYS   N   H2   sing N N 128 
CYS   CA  C    sing N N 129 
CYS   CA  CB   sing N N 130 
CYS   CA  HA   sing N N 131 
CYS   C   O    doub N N 132 
CYS   C   OXT  sing N N 133 
CYS   CB  SG   sing N N 134 
CYS   CB  HB2  sing N N 135 
CYS   CB  HB3  sing N N 136 
CYS   SG  HG   sing N N 137 
CYS   OXT HXT  sing N N 138 
GLN   N   CA   sing N N 139 
GLN   N   H    sing N N 140 
GLN   N   H2   sing N N 141 
GLN   CA  C    sing N N 142 
GLN   CA  CB   sing N N 143 
GLN   CA  HA   sing N N 144 
GLN   C   O    doub N N 145 
GLN   C   OXT  sing N N 146 
GLN   CB  CG   sing N N 147 
GLN   CB  HB2  sing N N 148 
GLN   CB  HB3  sing N N 149 
GLN   CG  CD   sing N N 150 
GLN   CG  HG2  sing N N 151 
GLN   CG  HG3  sing N N 152 
GLN   CD  OE1  doub N N 153 
GLN   CD  NE2  sing N N 154 
GLN   NE2 HE21 sing N N 155 
GLN   NE2 HE22 sing N N 156 
GLN   OXT HXT  sing N N 157 
GLU   N   CA   sing N N 158 
GLU   N   H    sing N N 159 
GLU   N   H2   sing N N 160 
GLU   CA  C    sing N N 161 
GLU   CA  CB   sing N N 162 
GLU   CA  HA   sing N N 163 
GLU   C   O    doub N N 164 
GLU   C   OXT  sing N N 165 
GLU   CB  CG   sing N N 166 
GLU   CB  HB2  sing N N 167 
GLU   CB  HB3  sing N N 168 
GLU   CG  CD   sing N N 169 
GLU   CG  HG2  sing N N 170 
GLU   CG  HG3  sing N N 171 
GLU   CD  OE1  doub N N 172 
GLU   CD  OE2  sing N N 173 
GLU   OE2 HE2  sing N N 174 
GLU   OXT HXT  sing N N 175 
GLY   N   CA   sing N N 176 
GLY   N   H    sing N N 177 
GLY   N   H2   sing N N 178 
GLY   CA  C    sing N N 179 
GLY   CA  HA2  sing N N 180 
GLY   CA  HA3  sing N N 181 
GLY   C   O    doub N N 182 
GLY   C   OXT  sing N N 183 
GLY   OXT HXT  sing N N 184 
HIS   N   CA   sing N N 185 
HIS   N   H    sing N N 186 
HIS   N   H2   sing N N 187 
HIS   CA  C    sing N N 188 
HIS   CA  CB   sing N N 189 
HIS   CA  HA   sing N N 190 
HIS   C   O    doub N N 191 
HIS   C   OXT  sing N N 192 
HIS   CB  CG   sing N N 193 
HIS   CB  HB2  sing N N 194 
HIS   CB  HB3  sing N N 195 
HIS   CG  ND1  sing Y N 196 
HIS   CG  CD2  doub Y N 197 
HIS   ND1 CE1  doub Y N 198 
HIS   ND1 HD1  sing N N 199 
HIS   CD2 NE2  sing Y N 200 
HIS   CD2 HD2  sing N N 201 
HIS   CE1 NE2  sing Y N 202 
HIS   CE1 HE1  sing N N 203 
HIS   NE2 HE2  sing N N 204 
HIS   OXT HXT  sing N N 205 
HOH   O   H1   sing N N 206 
HOH   O   H2   sing N N 207 
ILE   N   CA   sing N N 208 
ILE   N   H    sing N N 209 
ILE   N   H2   sing N N 210 
ILE   CA  C    sing N N 211 
ILE   CA  CB   sing N N 212 
ILE   CA  HA   sing N N 213 
ILE   C   O    doub N N 214 
ILE   C   OXT  sing N N 215 
ILE   CB  CG1  sing N N 216 
ILE   CB  CG2  sing N N 217 
ILE   CB  HB   sing N N 218 
ILE   CG1 CD1  sing N N 219 
ILE   CG1 HG12 sing N N 220 
ILE   CG1 HG13 sing N N 221 
ILE   CG2 HG21 sing N N 222 
ILE   CG2 HG22 sing N N 223 
ILE   CG2 HG23 sing N N 224 
ILE   CD1 HD11 sing N N 225 
ILE   CD1 HD12 sing N N 226 
ILE   CD1 HD13 sing N N 227 
ILE   OXT HXT  sing N N 228 
LEU   N   CA   sing N N 229 
LEU   N   H    sing N N 230 
LEU   N   H2   sing N N 231 
LEU   CA  C    sing N N 232 
LEU   CA  CB   sing N N 233 
LEU   CA  HA   sing N N 234 
LEU   C   O    doub N N 235 
LEU   C   OXT  sing N N 236 
LEU   CB  CG   sing N N 237 
LEU   CB  HB2  sing N N 238 
LEU   CB  HB3  sing N N 239 
LEU   CG  CD1  sing N N 240 
LEU   CG  CD2  sing N N 241 
LEU   CG  HG   sing N N 242 
LEU   CD1 HD11 sing N N 243 
LEU   CD1 HD12 sing N N 244 
LEU   CD1 HD13 sing N N 245 
LEU   CD2 HD21 sing N N 246 
LEU   CD2 HD22 sing N N 247 
LEU   CD2 HD23 sing N N 248 
LEU   OXT HXT  sing N N 249 
LYS   N   CA   sing N N 250 
LYS   N   H    sing N N 251 
LYS   N   H2   sing N N 252 
LYS   CA  C    sing N N 253 
LYS   CA  CB   sing N N 254 
LYS   CA  HA   sing N N 255 
LYS   C   O    doub N N 256 
LYS   C   OXT  sing N N 257 
LYS   CB  CG   sing N N 258 
LYS   CB  HB2  sing N N 259 
LYS   CB  HB3  sing N N 260 
LYS   CG  CD   sing N N 261 
LYS   CG  HG2  sing N N 262 
LYS   CG  HG3  sing N N 263 
LYS   CD  CE   sing N N 264 
LYS   CD  HD2  sing N N 265 
LYS   CD  HD3  sing N N 266 
LYS   CE  NZ   sing N N 267 
LYS   CE  HE2  sing N N 268 
LYS   CE  HE3  sing N N 269 
LYS   NZ  HZ1  sing N N 270 
LYS   NZ  HZ2  sing N N 271 
LYS   NZ  HZ3  sing N N 272 
LYS   OXT HXT  sing N N 273 
MET   N   CA   sing N N 274 
MET   N   H    sing N N 275 
MET   N   H2   sing N N 276 
MET   CA  C    sing N N 277 
MET   CA  CB   sing N N 278 
MET   CA  HA   sing N N 279 
MET   C   O    doub N N 280 
MET   C   OXT  sing N N 281 
MET   CB  CG   sing N N 282 
MET   CB  HB2  sing N N 283 
MET   CB  HB3  sing N N 284 
MET   CG  SD   sing N N 285 
MET   CG  HG2  sing N N 286 
MET   CG  HG3  sing N N 287 
MET   SD  CE   sing N N 288 
MET   CE  HE1  sing N N 289 
MET   CE  HE2  sing N N 290 
MET   CE  HE3  sing N N 291 
MET   OXT HXT  sing N N 292 
PHE   N   CA   sing N N 293 
PHE   N   H    sing N N 294 
PHE   N   H2   sing N N 295 
PHE   CA  C    sing N N 296 
PHE   CA  CB   sing N N 297 
PHE   CA  HA   sing N N 298 
PHE   C   O    doub N N 299 
PHE   C   OXT  sing N N 300 
PHE   CB  CG   sing N N 301 
PHE   CB  HB2  sing N N 302 
PHE   CB  HB3  sing N N 303 
PHE   CG  CD1  doub Y N 304 
PHE   CG  CD2  sing Y N 305 
PHE   CD1 CE1  sing Y N 306 
PHE   CD1 HD1  sing N N 307 
PHE   CD2 CE2  doub Y N 308 
PHE   CD2 HD2  sing N N 309 
PHE   CE1 CZ   doub Y N 310 
PHE   CE1 HE1  sing N N 311 
PHE   CE2 CZ   sing Y N 312 
PHE   CE2 HE2  sing N N 313 
PHE   CZ  HZ   sing N N 314 
PHE   OXT HXT  sing N N 315 
PRO   N   CA   sing N N 316 
PRO   N   CD   sing N N 317 
PRO   N   H    sing N N 318 
PRO   CA  C    sing N N 319 
PRO   CA  CB   sing N N 320 
PRO   CA  HA   sing N N 321 
PRO   C   O    doub N N 322 
PRO   C   OXT  sing N N 323 
PRO   CB  CG   sing N N 324 
PRO   CB  HB2  sing N N 325 
PRO   CB  HB3  sing N N 326 
PRO   CG  CD   sing N N 327 
PRO   CG  HG2  sing N N 328 
PRO   CG  HG3  sing N N 329 
PRO   CD  HD2  sing N N 330 
PRO   CD  HD3  sing N N 331 
PRO   OXT HXT  sing N N 332 
SER   N   CA   sing N N 333 
SER   N   H    sing N N 334 
SER   N   H2   sing N N 335 
SER   CA  C    sing N N 336 
SER   CA  CB   sing N N 337 
SER   CA  HA   sing N N 338 
SER   C   O    doub N N 339 
SER   C   OXT  sing N N 340 
SER   CB  OG   sing N N 341 
SER   CB  HB2  sing N N 342 
SER   CB  HB3  sing N N 343 
SER   OG  HG   sing N N 344 
SER   OXT HXT  sing N N 345 
THR   N   CA   sing N N 346 
THR   N   H    sing N N 347 
THR   N   H2   sing N N 348 
THR   CA  C    sing N N 349 
THR   CA  CB   sing N N 350 
THR   CA  HA   sing N N 351 
THR   C   O    doub N N 352 
THR   C   OXT  sing N N 353 
THR   CB  OG1  sing N N 354 
THR   CB  CG2  sing N N 355 
THR   CB  HB   sing N N 356 
THR   OG1 HG1  sing N N 357 
THR   CG2 HG21 sing N N 358 
THR   CG2 HG22 sing N N 359 
THR   CG2 HG23 sing N N 360 
THR   OXT HXT  sing N N 361 
TRP   N   CA   sing N N 362 
TRP   N   H    sing N N 363 
TRP   N   H2   sing N N 364 
TRP   CA  C    sing N N 365 
TRP   CA  CB   sing N N 366 
TRP   CA  HA   sing N N 367 
TRP   C   O    doub N N 368 
TRP   C   OXT  sing N N 369 
TRP   CB  CG   sing N N 370 
TRP   CB  HB2  sing N N 371 
TRP   CB  HB3  sing N N 372 
TRP   CG  CD1  doub Y N 373 
TRP   CG  CD2  sing Y N 374 
TRP   CD1 NE1  sing Y N 375 
TRP   CD1 HD1  sing N N 376 
TRP   CD2 CE2  doub Y N 377 
TRP   CD2 CE3  sing Y N 378 
TRP   NE1 CE2  sing Y N 379 
TRP   NE1 HE1  sing N N 380 
TRP   CE2 CZ2  sing Y N 381 
TRP   CE3 CZ3  doub Y N 382 
TRP   CE3 HE3  sing N N 383 
TRP   CZ2 CH2  doub Y N 384 
TRP   CZ2 HZ2  sing N N 385 
TRP   CZ3 CH2  sing Y N 386 
TRP   CZ3 HZ3  sing N N 387 
TRP   CH2 HH2  sing N N 388 
TRP   OXT HXT  sing N N 389 
TYR   N   CA   sing N N 390 
TYR   N   H    sing N N 391 
TYR   N   H2   sing N N 392 
TYR   CA  C    sing N N 393 
TYR   CA  CB   sing N N 394 
TYR   CA  HA   sing N N 395 
TYR   C   O    doub N N 396 
TYR   C   OXT  sing N N 397 
TYR   CB  CG   sing N N 398 
TYR   CB  HB2  sing N N 399 
TYR   CB  HB3  sing N N 400 
TYR   CG  CD1  doub Y N 401 
TYR   CG  CD2  sing Y N 402 
TYR   CD1 CE1  sing Y N 403 
TYR   CD1 HD1  sing N N 404 
TYR   CD2 CE2  doub Y N 405 
TYR   CD2 HD2  sing N N 406 
TYR   CE1 CZ   doub Y N 407 
TYR   CE1 HE1  sing N N 408 
TYR   CE2 CZ   sing Y N 409 
TYR   CE2 HE2  sing N N 410 
TYR   CZ  OH   sing N N 411 
TYR   OH  HH   sing N N 412 
TYR   OXT HXT  sing N N 413 
VAL   N   CA   sing N N 414 
VAL   N   H    sing N N 415 
VAL   N   H2   sing N N 416 
VAL   CA  C    sing N N 417 
VAL   CA  CB   sing N N 418 
VAL   CA  HA   sing N N 419 
VAL   C   O    doub N N 420 
VAL   C   OXT  sing N N 421 
VAL   CB  CG1  sing N N 422 
VAL   CB  CG2  sing N N 423 
VAL   CB  HB   sing N N 424 
VAL   CG1 HG11 sing N N 425 
VAL   CG1 HG12 sing N N 426 
VAL   CG1 HG13 sing N N 427 
VAL   CG2 HG21 sing N N 428 
VAL   CG2 HG22 sing N N 429 
VAL   CG2 HG23 sing N N 430 
VAL   OXT HXT  sing N N 431 
# 
_pdbx_audit_support.funding_organization   'Not funded' 
_pdbx_audit_support.country                ? 
_pdbx_audit_support.grant_number           ? 
_pdbx_audit_support.ordinal                1 
# 
_pdbx_initial_refinement_model.id               1 
_pdbx_initial_refinement_model.entity_id_list   ? 
_pdbx_initial_refinement_model.type             'experimental model' 
_pdbx_initial_refinement_model.source_name      Other 
_pdbx_initial_refinement_model.accession_code   ? 
_pdbx_initial_refinement_model.details          'Internal model' 
# 
_atom_sites.entry_id                    9FOE 
_atom_sites.Cartn_transf_matrix[1][1]   ? 
_atom_sites.Cartn_transf_matrix[1][2]   ? 
_atom_sites.Cartn_transf_matrix[1][3]   ? 
_atom_sites.Cartn_transf_matrix[2][1]   ? 
_atom_sites.Cartn_transf_matrix[2][2]   ? 
_atom_sites.Cartn_transf_matrix[2][3]   ? 
_atom_sites.Cartn_transf_matrix[3][1]   ? 
_atom_sites.Cartn_transf_matrix[3][2]   ? 
_atom_sites.Cartn_transf_matrix[3][3]   ? 
_atom_sites.Cartn_transf_vector[1]      ? 
_atom_sites.Cartn_transf_vector[2]      ? 
_atom_sites.Cartn_transf_vector[3]      ? 
_atom_sites.Cartn_transform_axes        ? 
_atom_sites.fract_transf_matrix[1][1]   -0.00989326 
_atom_sites.fract_transf_matrix[1][2]   -0.01173211 
_atom_sites.fract_transf_matrix[1][3]   0.01019797 
_atom_sites.fract_transf_matrix[2][1]   0.00397999 
_atom_sites.fract_transf_matrix[2][2]   0.00977348 
_atom_sites.fract_transf_matrix[2][3]   0.01510484 
_atom_sites.fract_transf_matrix[3][1]   -0.00648578 
_atom_sites.fract_transf_matrix[3][2]   0.00445120 
_atom_sites.fract_transf_matrix[3][3]   -0.00117117 
_atom_sites.fract_transf_vector[1]      -0.028205 
_atom_sites.fract_transf_vector[2]      -0.232892 
_atom_sites.fract_transf_vector[3]      0.129895 
_atom_sites.solution_primary            ? 
_atom_sites.solution_secondary          ? 
_atom_sites.solution_hydrogens          ? 
_atom_sites.special_details             ? 
# 
loop_
_atom_type.symbol 
C 
N 
O 
S 
# 
loop_
_atom_site.group_PDB 
_atom_site.id 
_atom_site.type_symbol 
_atom_site.label_atom_id 
_atom_site.label_alt_id 
_atom_site.label_comp_id 
_atom_site.label_asym_id 
_atom_site.label_entity_id 
_atom_site.label_seq_id 
_atom_site.pdbx_PDB_ins_code 
_atom_site.Cartn_x 
_atom_site.Cartn_y 
_atom_site.Cartn_z 
_atom_site.occupancy 
_atom_site.B_iso_or_equiv 
_atom_site.pdbx_formal_charge 
_atom_site.auth_seq_id 
_atom_site.auth_comp_id 
_atom_site.auth_asym_id 
_atom_site.auth_atom_id 
_atom_site.pdbx_PDB_model_num 
ATOM   1    N N   . LEU   A 1 15  ? -6.203  14.247  10.644  1.00 55.81 ? 218 LEU   A N   1 
ATOM   2    C CA  . LEU   A 1 15  ? -5.780  13.051  9.903   1.00 56.00 ? 218 LEU   A CA  1 
ATOM   3    C C   . LEU   A 1 15  ? -4.692  13.339  8.874   1.00 55.70 ? 218 LEU   A C   1 
ATOM   4    O O   . LEU   A 1 15  ? -4.920  14.114  7.944   1.00 55.93 ? 218 LEU   A O   1 
ATOM   5    C CB  . LEU   A 1 15  ? -6.965  12.413  9.184   1.00 56.37 ? 218 LEU   A CB  1 
ATOM   6    C CG  . LEU   A 1 15  ? -8.123  12.007  10.063  1.00 58.55 ? 218 LEU   A CG  1 
ATOM   7    C CD1 . LEU   A 1 15  ? -9.250  11.441  9.232   1.00 59.22 ? 218 LEU   A CD1 1 
ATOM   8    C CD2 . LEU   A 1 15  ? -7.688  11.017  11.115  1.00 59.29 ? 218 LEU   A CD2 1 
ATOM   9    N N   . LYS   A 1 16  ? -3.536  12.660  8.991   1.00 54.50 ? 219 LYS   A N   1 
ATOM   10   C CA  . LYS   A 1 16  ? -2.444  12.867  8.059   1.00 53.74 ? 219 LYS   A CA  1 
ATOM   11   C C   . LYS   A 1 16  ? -2.696  12.224  6.693   1.00 52.37 ? 219 LYS   A C   1 
ATOM   12   O O   . LYS   A 1 16  ? -2.114  12.676  5.702   1.00 53.16 ? 219 LYS   A O   1 
ATOM   13   C CB  . LYS   A 1 16  ? -1.108  12.399  8.668   1.00 56.21 ? 219 LYS   A CB  1 
ATOM   14   N N   . TYR   A 1 17  ? -3.549  11.177  6.620   1.00 49.90 ? 220 TYR   A N   1 
ATOM   15   C CA  . TYR   A 1 17  ? -3.791  10.515  5.338   1.00 48.47 ? 220 TYR   A CA  1 
ATOM   16   C C   . TYR   A 1 17  ? -5.262  10.344  4.998   1.00 48.27 ? 220 TYR   A C   1 
ATOM   17   O O   . TYR   A 1 17  ? -6.128  10.318  5.873   1.00 48.61 ? 220 TYR   A O   1 
ATOM   18   C CB  . TYR   A 1 17  ? -3.071  9.145   5.250   1.00 47.57 ? 220 TYR   A CB  1 
ATOM   19   C CG  . TYR   A 1 17  ? -1.623  9.172   5.679   1.00 48.00 ? 220 TYR   A CG  1 
ATOM   20   C CD1 . TYR   A 1 17  ? -0.644  9.721   4.861   1.00 48.60 ? 220 TYR   A CD1 1 
ATOM   21   C CD2 . TYR   A 1 17  ? -1.237  8.679   6.914   1.00 48.59 ? 220 TYR   A CD2 1 
ATOM   22   C CE1 . TYR   A 1 17  ? 0.680   9.800   5.275   1.00 49.01 ? 220 TYR   A CE1 1 
ATOM   23   C CE2 . TYR   A 1 17  ? 0.086   8.731   7.329   1.00 49.39 ? 220 TYR   A CE2 1 
ATOM   24   C CZ  . TYR   A 1 17  ? 1.046   9.284   6.502   1.00 49.68 ? 220 TYR   A CZ  1 
ATOM   25   O OH  . TYR   A 1 17  ? 2.349   9.335   6.926   1.00 50.67 ? 220 TYR   A OH  1 
ATOM   26   N N   . ASN   A 1 18  ? -5.521  10.139  3.726   1.00 47.38 ? 221 ASN   A N   1 
ATOM   27   C CA  . ASN   A 1 18  ? -6.847  9.897   3.207   1.00 47.77 ? 221 ASN   A CA  1 
ATOM   28   C C   . ASN   A 1 18  ? -6.723  8.790   2.166   1.00 45.68 ? 221 ASN   A C   1 
ATOM   29   O O   . ASN   A 1 18  ? -5.627  8.505   1.676   1.00 44.72 ? 221 ASN   A O   1 
ATOM   30   C CB  . ASN   A 1 18  ? -7.368  11.184  2.543   1.00 51.72 ? 221 ASN   A CB  1 
ATOM   31   C CG  . ASN   A 1 18  ? -8.873  11.308  2.512   1.00 60.06 ? 221 ASN   A CG  1 
ATOM   32   O OD1 . ASN   A 1 18  ? -9.633  10.370  2.857   1.00 62.50 ? 221 ASN   A OD1 1 
ATOM   33   N ND2 . ASN   A 1 18  ? -9.335  12.480  2.088   1.00 62.09 ? 221 ASN   A ND2 1 
ATOM   34   N N   . VAL   A 1 19  ? -7.851  8.190   1.771   1.00 44.29 ? 222 VAL   A N   1 
ATOM   35   C CA  . VAL   A 1 19  ? -7.899  7.142   0.759   1.00 43.30 ? 222 VAL   A CA  1 
ATOM   36   C C   . VAL   A 1 19  ? -7.208  7.604   -0.522  1.00 42.53 ? 222 VAL   A C   1 
ATOM   37   O O   . VAL   A 1 19  ? -7.390  8.755   -0.927  1.00 42.80 ? 222 VAL   A O   1 
ATOM   38   C CB  . VAL   A 1 19  ? -9.364  6.732   0.511   1.00 44.34 ? 222 VAL   A CB  1 
ATOM   39   C CG1 . VAL   A 1 19  ? -9.486  5.795   -0.679  1.00 44.94 ? 222 VAL   A CG1 1 
ATOM   40   C CG2 . VAL   A 1 19  ? -9.955  6.090   1.756   1.00 45.09 ? 222 VAL   A CG2 1 
ATOM   41   N N   . GLY   A 1 20  ? -6.329  6.768   -1.061  1.00 40.88 ? 223 GLY   A N   1 
ATOM   42   C CA  . GLY   A 1 20  ? -5.597  7.085   -2.275  1.00 40.48 ? 223 GLY   A CA  1 
ATOM   43   C C   . GLY   A 1 20  ? -4.197  7.609   -2.043  1.00 39.92 ? 223 GLY   A C   1 
ATOM   44   O O   . GLY   A 1 20  ? -3.405  7.635   -2.974  1.00 39.97 ? 223 GLY   A O   1 
ATOM   45   N N   . ASP   A 1 21  ? -3.879  8.031   -0.821  1.00 39.39 ? 224 ASP   A N   1 
ATOM   46   C CA  . ASP   A 1 21  ? -2.543  8.488   -0.488  1.00 40.19 ? 224 ASP   A CA  1 
ATOM   47   C C   . ASP   A 1 21  ? -1.498  7.360   -0.554  1.00 41.04 ? 224 ASP   A C   1 
ATOM   48   O O   . ASP   A 1 21  ? -1.766  6.223   -0.150  1.00 41.47 ? 224 ASP   A O   1 
ATOM   49   C CB  . ASP   A 1 21  ? -2.519  9.193   0.871   1.00 42.53 ? 224 ASP   A CB  1 
ATOM   50   C CG  . ASP   A 1 21  ? -3.163  10.586  0.847   1.00 49.92 ? 224 ASP   A CG  1 
ATOM   51   O OD1 . ASP   A 1 21  ? -3.571  11.039  -0.247  1.00 51.53 ? 224 ASP   A OD1 1 
ATOM   52   O OD2 . ASP   A 1 21  ? -3.272  11.211  1.924   1.00 53.40 ? 224 ASP   A OD2 1 
ATOM   53   N N   . LEU   A 1 22  ? -0.343  7.669   -1.135  1.00 40.02 ? 225 LEU   A N   1 
ATOM   54   C CA  . LEU   A 1 22  ? 0.714   6.713   -1.286  1.00 40.58 ? 225 LEU   A CA  1 
ATOM   55   C C   . LEU   A 1 22  ? 1.631   6.802   -0.098  1.00 40.95 ? 225 LEU   A C   1 
ATOM   56   O O   . LEU   A 1 22  ? 2.088   7.892   0.247   1.00 41.51 ? 225 LEU   A O   1 
ATOM   57   C CB  . LEU   A 1 22  ? 1.467   6.967   -2.568  1.00 40.95 ? 225 LEU   A CB  1 
ATOM   58   C CG  . LEU   A 1 22  ? 0.620   6.864   -3.819  1.00 43.06 ? 225 LEU   A CG  1 
ATOM   59   C CD1 . LEU   A 1 22  ? 1.423   7.266   -5.015  1.00 44.07 ? 225 LEU   A CD1 1 
ATOM   60   C CD2 . LEU   A 1 22  ? 0.093   5.448   -4.019  1.00 43.39 ? 225 LEU   A CD2 1 
ATOM   61   N N   . VAL   A 1 23  ? 1.847   5.665   0.584   1.00 39.71 ? 226 VAL   A N   1 
ATOM   62   C CA  . VAL   A 1 23  ? 2.710   5.648   1.752   1.00 39.23 ? 226 VAL   A CA  1 
ATOM   63   C C   . VAL   A 1 23  ? 3.713   4.473   1.690   1.00 37.83 ? 226 VAL   A C   1 
ATOM   64   O O   . VAL   A 1 23  ? 3.572   3.547   0.889   1.00 37.15 ? 226 VAL   A O   1 
ATOM   65   C CB  . VAL   A 1 23  ? 1.849   5.555   3.051   1.00 40.36 ? 226 VAL   A CB  1 
ATOM   66   C CG1 . VAL   A 1 23  ? 1.057   6.833   3.317   1.00 40.38 ? 226 VAL   A CG1 1 
ATOM   67   C CG2 . VAL   A 1 23  ? 0.933   4.337   3.005   1.00 40.78 ? 226 VAL   A CG2 1 
ATOM   68   N N   . TRP   A 1 24  ? 4.738   4.535   2.532   1.00 36.77 ? 227 TRP   A N   1 
ATOM   69   C CA  . TRP   A 1 24  ? 5.638   3.435   2.794   1.00 36.44 ? 227 TRP   A CA  1 
ATOM   70   C C   . TRP   A 1 24  ? 5.125   2.922   4.145   1.00 36.83 ? 227 TRP   A C   1 
ATOM   71   O O   . TRP   A 1 24  ? 4.895   3.741   5.054   1.00 36.95 ? 227 TRP   A O   1 
ATOM   72   C CB  . TRP   A 1 24  ? 7.076   3.910   3.033   1.00 35.55 ? 227 TRP   A CB  1 
ATOM   73   C CG  . TRP   A 1 24  ? 7.820   4.400   1.832   1.00 35.68 ? 227 TRP   A CG  1 
ATOM   74   C CD1 . TRP   A 1 24  ? 8.007   5.696   1.459   1.00 36.34 ? 227 TRP   A CD1 1 
ATOM   75   C CD2 . TRP   A 1 24  ? 8.575   3.603   0.912   1.00 35.66 ? 227 TRP   A CD2 1 
ATOM   76   N NE1 . TRP   A 1 24  ? 8.825   5.755   0.357   1.00 36.98 ? 227 TRP   A NE1 1 
ATOM   77   C CE2 . TRP   A 1 24  ? 9.205   4.485   0.012   1.00 36.58 ? 227 TRP   A CE2 1 
ATOM   78   C CE3 . TRP   A 1 24  ? 8.809   2.227   0.782   1.00 35.94 ? 227 TRP   A CE3 1 
ATOM   79   C CZ2 . TRP   A 1 24  ? 10.007  4.037   -1.031  1.00 37.02 ? 227 TRP   A CZ2 1 
ATOM   80   C CZ3 . TRP   A 1 24  ? 9.610   1.786   -0.243  1.00 36.89 ? 227 TRP   A CZ3 1 
ATOM   81   C CH2 . TRP   A 1 24  ? 10.212  2.684   -1.130  1.00 37.38 ? 227 TRP   A CH2 1 
ATOM   82   N N   . SER   A 1 25  ? 4.973   1.611   4.301   1.00 36.30 ? 228 SER   A N   1 
ATOM   83   C CA  . SER   A 1 25  ? 4.614   1.078   5.622   1.00 37.77 ? 228 SER   A CA  1 
ATOM   84   C C   . SER   A 1 25  ? 5.528   0.005   6.059   1.00 37.78 ? 228 SER   A C   1 
ATOM   85   O O   . SER   A 1 25  ? 6.014   -0.783  5.250   1.00 38.69 ? 228 SER   A O   1 
ATOM   86   C CB  . SER   A 1 25  ? 3.159   0.646   5.730   1.00 41.12 ? 228 SER   A CB  1 
ATOM   87   O OG  . SER   A 1 25  ? 2.808   -0.181  4.640   1.00 47.26 ? 228 SER   A OG  1 
ATOM   88   N N   . LYS   A 1 26  ? 5.832   0.024   7.333   1.00 37.85 ? 229 LYS   A N   1 
ATOM   89   C CA  . LYS   A 1 26  ? 6.730   -0.913  7.962   1.00 39.33 ? 229 LYS   A CA  1 
ATOM   90   C C   . LYS   A 1 26  ? 5.950   -2.007  8.692   1.00 41.07 ? 229 LYS   A C   1 
ATOM   91   O O   . LYS   A 1 26  ? 5.233   -1.727  9.653   1.00 40.57 ? 229 LYS   A O   1 
ATOM   92   C CB  . LYS   A 1 26  ? 7.638   -0.159  8.956   1.00 41.14 ? 229 LYS   A CB  1 
ATOM   93   C CG  . LYS   A 1 26  ? 8.818   -0.978  9.510   1.00 44.22 ? 229 LYS   A CG  1 
ATOM   94   C CD  . LYS   A 1 26  ? 9.718   -1.534  8.408   1.00 47.95 ? 229 LYS   A CD  1 
ATOM   95   C CE  . LYS   A 1 26  ? 10.907  -2.297  8.948   1.00 51.66 ? 229 LYS   A CE  1 
ATOM   96   N NZ  . LYS   A 1 26  ? 10.536  -3.691  9.337   1.00 53.36 ? 229 LYS   A NZ  1 
ATOM   97   N N   . VAL   A 1 27  ? 6.101   -3.251  8.231   1.00 43.08 ? 230 VAL   A N   1 
ATOM   98   C CA  . VAL   A 1 27  ? 5.534   -4.471  8.829   1.00 44.90 ? 230 VAL   A CA  1 
ATOM   99   C C   . VAL   A 1 27  ? 6.715   -5.295  9.369   1.00 47.05 ? 230 VAL   A C   1 
ATOM   100  O O   . VAL   A 1 27  ? 7.728   -5.427  8.685   1.00 46.48 ? 230 VAL   A O   1 
ATOM   101  C CB  . VAL   A 1 27  ? 4.721   -5.311  7.814   1.00 45.60 ? 230 VAL   A CB  1 
ATOM   102  C CG1 . VAL   A 1 27  ? 4.190   -6.580  8.470   1.00 46.44 ? 230 VAL   A CG1 1 
ATOM   103  C CG2 . VAL   A 1 27  ? 3.576   -4.509  7.229   1.00 46.13 ? 230 VAL   A CG2 1 
ATOM   104  N N   . SER   A 1 28  ? 6.595   -5.858  10.585  1.00 49.12 ? 231 SER   A N   1 
ATOM   105  C CA  . SER   A 1 28  ? 7.687   -6.646  11.166  1.00 51.14 ? 231 SER   A CA  1 
ATOM   106  C C   . SER   A 1 28  ? 8.086   -7.830  10.283  1.00 51.65 ? 231 SER   A C   1 
ATOM   107  O O   . SER   A 1 28  ? 7.227   -8.580  9.802   1.00 52.02 ? 231 SER   A O   1 
ATOM   108  C CB  . SER   A 1 28  ? 7.324   -7.127  12.565  1.00 54.62 ? 231 SER   A CB  1 
ATOM   109  O OG  . SER   A 1 28  ? 8.495   -7.689  13.133  1.00 59.80 ? 231 SER   A OG  1 
ATOM   110  N N   . GLY   A 1 29  ? 9.385   -7.954  10.040  1.00 51.52 ? 232 GLY   A N   1 
ATOM   111  C CA  . GLY   A 1 29  ? 9.922   -9.006  9.186   1.00 51.81 ? 232 GLY   A CA  1 
ATOM   112  C C   . GLY   A 1 29  ? 9.957   -8.647  7.712   1.00 51.75 ? 232 GLY   A C   1 
ATOM   113  O O   . GLY   A 1 29  ? 10.217  -9.504  6.862   1.00 52.49 ? 232 GLY   A O   1 
ATOM   114  N N   . TYR   A 1 30  ? 9.684   -7.375  7.391   1.00 49.88 ? 233 TYR   A N   1 
ATOM   115  C CA  . TYR   A 1 30  ? 9.669   -6.924  6.014   1.00 48.04 ? 233 TYR   A CA  1 
ATOM   116  C C   . TYR   A 1 30  ? 10.344  -5.600  5.912   1.00 45.26 ? 233 TYR   A C   1 
ATOM   117  O O   . TYR   A 1 30  ? 10.238  -4.790  6.833   1.00 45.36 ? 233 TYR   A O   1 
ATOM   118  C CB  . TYR   A 1 30  ? 8.215   -6.746  5.567   1.00 48.50 ? 233 TYR   A CB  1 
ATOM   119  C CG  . TYR   A 1 30  ? 7.537   -8.049  5.250   1.00 49.50 ? 233 TYR   A CG  1 
ATOM   120  C CD1 . TYR   A 1 30  ? 7.685   -8.643  4.008   1.00 50.28 ? 233 TYR   A CD1 1 
ATOM   121  C CD2 . TYR   A 1 30  ? 6.728   -8.679  6.183   1.00 50.92 ? 233 TYR   A CD2 1 
ATOM   122  C CE1 . TYR   A 1 30  ? 7.050   -9.835  3.701   1.00 51.72 ? 233 TYR   A CE1 1 
ATOM   123  C CE2 . TYR   A 1 30  ? 6.085   -9.875  5.887   1.00 51.96 ? 233 TYR   A CE2 1 
ATOM   124  C CZ  . TYR   A 1 30  ? 6.256   -10.453 4.646   1.00 53.10 ? 233 TYR   A CZ  1 
ATOM   125  O OH  . TYR   A 1 30  ? 5.639   -11.636 4.334   1.00 55.85 ? 233 TYR   A OH  1 
ATOM   126  N N   . PRO   A 1 31  ? 10.960  -5.296  4.766   1.00 42.73 ? 234 PRO   A N   1 
ATOM   127  C CA  . PRO   A 1 31  ? 11.462  -3.936  4.576   1.00 41.37 ? 234 PRO   A CA  1 
ATOM   128  C C   . PRO   A 1 31  ? 10.278  -2.957  4.456   1.00 40.15 ? 234 PRO   A C   1 
ATOM   129  O O   . PRO   A 1 31  ? 9.136   -3.344  4.164   1.00 40.61 ? 234 PRO   A O   1 
ATOM   130  C CB  . PRO   A 1 31  ? 12.211  -4.027  3.254   1.00 41.81 ? 234 PRO   A CB  1 
ATOM   131  C CG  . PRO   A 1 31  ? 11.526  -5.091  2.512   1.00 42.76 ? 234 PRO   A CG  1 
ATOM   132  C CD  . PRO   A 1 31  ? 11.094  -6.106  3.541   1.00 41.79 ? 234 PRO   A CD  1 
ATOM   133  N N   . TRP   A 1 32  ? 10.548  -1.659  4.558   1.00 38.47 ? 235 TRP   A N   1 
ATOM   134  C CA  . TRP   A 1 32  ? 9.567   -0.601  4.291   1.00 37.24 ? 235 TRP   A CA  1 
ATOM   135  C C   . TRP   A 1 32  ? 8.974   -0.849  2.892   1.00 35.29 ? 235 TRP   A C   1 
ATOM   136  O O   . TRP   A 1 32  ? 9.727   -1.242  1.983   1.00 34.69 ? 235 TRP   A O   1 
ATOM   137  C CB  . TRP   A 1 32  ? 10.253  0.740   4.340   1.00 37.36 ? 235 TRP   A CB  1 
ATOM   138  C CG  . TRP   A 1 32  ? 10.451  1.256   5.731   1.00 38.47 ? 235 TRP   A CG  1 
ATOM   139  C CD1 . TRP   A 1 32  ? 11.574  1.158   6.494   1.00 39.43 ? 235 TRP   A CD1 1 
ATOM   140  C CD2 . TRP   A 1 32  ? 9.501   1.994   6.506   1.00 38.60 ? 235 TRP   A CD2 1 
ATOM   141  N NE1 . TRP   A 1 32  ? 11.397  1.824   7.682   1.00 40.06 ? 235 TRP   A NE1 1 
ATOM   142  C CE2 . TRP   A 1 32  ? 10.122  2.328   7.726   1.00 39.90 ? 235 TRP   A CE2 1 
ATOM   143  C CE3 . TRP   A 1 32  ? 8.180   2.405   6.289   1.00 38.50 ? 235 TRP   A CE3 1 
ATOM   144  C CZ2 . TRP   A 1 32  ? 9.464   3.046   8.726   1.00 40.32 ? 235 TRP   A CZ2 1 
ATOM   145  C CZ3 . TRP   A 1 32  ? 7.550   3.160   7.255   1.00 39.09 ? 235 TRP   A CZ3 1 
ATOM   146  C CH2 . TRP   A 1 32  ? 8.178   3.456   8.465   1.00 39.62 ? 235 TRP   A CH2 1 
ATOM   147  N N   . TRP   A 1 33  ? 7.635   -0.900  2.804   1.00 33.80 ? 236 TRP   A N   1 
ATOM   148  C CA  . TRP   A 1 33  ? 7.002   -1.359  1.577   1.00 32.90 ? 236 TRP   A CA  1 
ATOM   149  C C   . TRP   A 1 33  ? 6.084   -0.308  0.998   1.00 34.75 ? 236 TRP   A C   1 
ATOM   150  O O   . TRP   A 1 33  ? 5.378   0.358   1.747   1.00 34.89 ? 236 TRP   A O   1 
ATOM   151  C CB  . TRP   A 1 33  ? 6.204   -2.634  1.901   1.00 31.62 ? 236 TRP   A CB  1 
ATOM   152  C CG  . TRP   A 1 33  ? 5.961   -3.539  0.730   1.00 31.44 ? 236 TRP   A CG  1 
ATOM   153  C CD1 . TRP   A 1 33  ? 4.981   -3.427  -0.212  1.00 31.83 ? 236 TRP   A CD1 1 
ATOM   154  C CD2 . TRP   A 1 33  ? 6.781   -4.639  0.332   1.00 31.34 ? 236 TRP   A CD2 1 
ATOM   155  N NE1 . TRP   A 1 33  ? 5.149   -4.385  -1.185  1.00 32.30 ? 236 TRP   A NE1 1 
ATOM   156  C CE2 . TRP   A 1 33  ? 6.218   -5.176  -0.846  1.00 32.15 ? 236 TRP   A CE2 1 
ATOM   157  C CE3 . TRP   A 1 33  ? 7.889   -5.272  0.899   1.00 32.09 ? 236 TRP   A CE3 1 
ATOM   158  C CZ2 . TRP   A 1 33  ? 6.767   -6.275  -1.498  1.00 32.52 ? 236 TRP   A CZ2 1 
ATOM   159  C CZ3 . TRP   A 1 33  ? 8.436   -6.361  0.248   1.00 33.19 ? 236 TRP   A CZ3 1 
ATOM   160  C CH2 . TRP   A 1 33  ? 7.854   -6.876  -0.915  1.00 32.86 ? 236 TRP   A CH2 1 
ATOM   161  N N   . PRO   A 1 34  ? 6.037   -0.181  -0.344  1.00 35.53 ? 237 PRO   A N   1 
ATOM   162  C CA  . PRO   A 1 34  ? 5.129   0.801   -0.956  1.00 36.01 ? 237 PRO   A CA  1 
ATOM   163  C C   . PRO   A 1 34  ? 3.670   0.361   -0.840  1.00 36.17 ? 237 PRO   A C   1 
ATOM   164  O O   . PRO   A 1 34  ? 3.337   -0.795  -1.160  1.00 37.20 ? 237 PRO   A O   1 
ATOM   165  C CB  . PRO   A 1 34  ? 5.553   0.798   -2.427  1.00 36.81 ? 237 PRO   A CB  1 
ATOM   166  C CG  . PRO   A 1 34  ? 6.106   -0.575  -2.649  1.00 37.43 ? 237 PRO   A CG  1 
ATOM   167  C CD  . PRO   A 1 34  ? 6.857   -0.864  -1.361  1.00 35.33 ? 237 PRO   A CD  1 
ATOM   168  N N   . CYS   A 1 35  ? 2.803   1.281   -0.397  1.00 35.17 ? 238 CYS   A N   1 
ATOM   169  C CA  A CYS   A 1 35  ? 1.388   0.960   -0.331  0.50 35.53 ? 238 CYS   A CA  1 
ATOM   170  C CA  B CYS   A 1 35  ? 1.369   1.042   -0.150  0.50 34.80 ? 238 CYS   A CA  1 
ATOM   171  C C   . CYS   A 1 35  ? 0.480   2.185   -0.576  1.00 35.81 ? 238 CYS   A C   1 
ATOM   172  O O   . CYS   A 1 35  ? 0.962   3.301   -0.803  1.00 37.02 ? 238 CYS   A O   1 
ATOM   173  C CB  A CYS   A 1 35  ? 1.053   0.222   0.964   0.50 36.03 ? 238 CYS   A CB  1 
ATOM   174  C CB  B CYS   A 1 35  ? 1.132   0.762   1.329   0.50 33.44 ? 238 CYS   A CB  1 
ATOM   175  S SG  A CYS   A 1 35  ? 1.728   0.984   2.448   0.50 41.36 ? 238 CYS   A SG  1 
ATOM   176  S SG  B CYS   A 1 35  ? 2.137   -0.552  2.007   0.50 32.13 ? 238 CYS   A SG  1 
ATOM   177  N N   . MET   A 1 36  ? -0.847  1.953   -0.585  1.00 36.07 ? 239 MET   A N   1 
ATOM   178  C CA  . MET   A 1 36  ? -1.837  2.976   -0.805  1.00 36.45 ? 239 MET   A CA  1 
ATOM   179  C C   . MET   A 1 36  ? -2.862  2.867   0.319   1.00 37.02 ? 239 MET   A C   1 
ATOM   180  O O   . MET   A 1 36  ? -3.381  1.772   0.587   1.00 36.52 ? 239 MET   A O   1 
ATOM   181  C CB  . MET   A 1 36  ? -2.510  2.818   -2.172  1.00 36.91 ? 239 MET   A CB  1 
ATOM   182  C CG  . MET   A 1 36  ? -3.494  3.943   -2.463  1.00 39.35 ? 239 MET   A CG  1 
ATOM   183  S SD  . MET   A 1 36  ? -4.299  3.658   -4.044  1.00 44.60 ? 239 MET   A SD  1 
ATOM   184  C CE  . MET   A 1 36  ? -5.364  2.180   -3.609  1.00 42.80 ? 239 MET   A CE  1 
ATOM   185  N N   . VAL   A 1 37  ? -3.142  3.992   1.001   1.00 37.45 ? 240 VAL   A N   1 
ATOM   186  C CA  . VAL   A 1 37  ? -4.165  4.051   2.034   1.00 38.82 ? 240 VAL   A CA  1 
ATOM   187  C C   . VAL   A 1 37  ? -5.518  3.803   1.345   1.00 40.15 ? 240 VAL   A C   1 
ATOM   188  O O   . VAL   A 1 37  ? -5.770  4.352   0.266   1.00 39.92 ? 240 VAL   A O   1 
ATOM   189  C CB  . VAL   A 1 37  ? -4.149  5.412   2.752   1.00 39.65 ? 240 VAL   A CB  1 
ATOM   190  C CG1 . VAL   A 1 37  ? -5.387  5.578   3.635   1.00 40.16 ? 240 VAL   A CG1 1 
ATOM   191  C CG2 . VAL   A 1 37  ? -2.869  5.586   3.567   1.00 39.55 ? 240 VAL   A CG2 1 
ATOM   192  N N   . SER   A 1 38  ? -6.305  2.870   1.877   1.00 40.59 ? 241 SER   A N   1 
ATOM   193  C CA  . SER   A 1 38  ? -7.569  2.510   1.255   1.00 41.19 ? 241 SER   A CA  1 
ATOM   194  C C   . SER   A 1 38  ? -8.579  2.086   2.304   1.00 41.09 ? 241 SER   A C   1 
ATOM   195  O O   . SER   A 1 38  ? -8.199  1.802   3.445   1.00 41.24 ? 241 SER   A O   1 
ATOM   196  C CB  . SER   A 1 38  ? -7.355  1.376   0.256   1.00 43.38 ? 241 SER   A CB  1 
ATOM   197  O OG  . SER   A 1 38  ? -7.259  0.131   0.939   1.00 47.06 ? 241 SER   A OG  1 
ATOM   198  N N   . ALA   A 1 39  ? -9.864  1.997   1.908   1.00 40.04 ? 242 ALA   A N   1 
ATOM   199  C CA  . ALA   A 1 39  ? -10.868 1.554   2.843   1.00 39.76 ? 242 ALA   A CA  1 
ATOM   200  C C   . ALA   A 1 39  ? -10.745 0.059   2.963   1.00 39.05 ? 242 ALA   A C   1 
ATOM   201  O O   . ALA   A 1 39  ? -10.614 -0.658  1.957   1.00 39.07 ? 242 ALA   A O   1 
ATOM   202  C CB  . ALA   A 1 39  ? -12.258 1.917   2.353   1.00 39.63 ? 242 ALA   A CB  1 
ATOM   203  N N   . ASP   A 1 40  ? -10.858 -0.445  4.196   1.00 38.59 ? 243 ASP   A N   1 
ATOM   204  C CA  . ASP   A 1 40  ? -10.926 -1.893  4.447   1.00 38.95 ? 243 ASP   A CA  1 
ATOM   205  C C   . ASP   A 1 40  ? -12.259 -2.338  3.831   1.00 40.30 ? 243 ASP   A C   1 
ATOM   206  O O   . ASP   A 1 40  ? -13.296 -1.801  4.197   1.00 40.41 ? 243 ASP   A O   1 
ATOM   207  C CB  . ASP   A 1 40  ? -10.982 -2.122  5.947   1.00 40.08 ? 243 ASP   A CB  1 
ATOM   208  C CG  . ASP   A 1 40  ? -10.952 -3.571  6.351   1.00 41.12 ? 243 ASP   A CG  1 
ATOM   209  O OD1 . ASP   A 1 40  ? -11.639 -4.389  5.703   1.00 41.40 ? 243 ASP   A OD1 1 
ATOM   210  O OD2 . ASP   A 1 40  ? -10.222 -3.894  7.278   1.00 41.49 ? 243 ASP   A OD2 1 
ATOM   211  N N   . PRO   A 1 41  ? -12.231 -3.219  2.839   1.00 41.47 ? 244 PRO   A N   1 
ATOM   212  C CA  . PRO   A 1 41  ? -13.479 -3.602  2.173   1.00 43.02 ? 244 PRO   A CA  1 
ATOM   213  C C   . PRO   A 1 41  ? -14.473 -4.380  3.038   1.00 45.32 ? 244 PRO   A C   1 
ATOM   214  O O   . PRO   A 1 41  ? -15.635 -4.494  2.642   1.00 47.67 ? 244 PRO   A O   1 
ATOM   215  C CB  . PRO   A 1 41  ? -13.022 -4.389  0.944   1.00 43.65 ? 244 PRO   A CB  1 
ATOM   216  C CG  . PRO   A 1 41  ? -11.559 -4.570  1.075   1.00 43.90 ? 244 PRO   A CG  1 
ATOM   217  C CD  . PRO   A 1 41  ? -11.057 -3.933  2.308   1.00 41.85 ? 244 PRO   A CD  1 
ATOM   218  N N   . LEU   A 1 42  ? -14.073 -4.847  4.228   1.00 43.96 ? 245 LEU   A N   1 
ATOM   219  C CA  . LEU   A 1 42  ? -14.996 -5.547  5.112   1.00 43.35 ? 245 LEU   A CA  1 
ATOM   220  C C   . LEU   A 1 42  ? -15.581 -4.583  6.160   1.00 44.64 ? 245 LEU   A C   1 
ATOM   221  O O   . LEU   A 1 42  ? -16.750 -4.685  6.522   1.00 45.01 ? 245 LEU   A O   1 
ATOM   222  C CB  . LEU   A 1 42  ? -14.275 -6.703  5.810   1.00 42.38 ? 245 LEU   A CB  1 
ATOM   223  C CG  . LEU   A 1 42  ? -13.569 -7.702  4.912   1.00 42.80 ? 245 LEU   A CG  1 
ATOM   224  C CD1 . LEU   A 1 42  ? -12.856 -8.757  5.731   1.00 42.97 ? 245 LEU   A CD1 1 
ATOM   225  C CD2 . LEU   A 1 42  ? -14.537 -8.363  3.938   1.00 43.53 ? 245 LEU   A CD2 1 
ATOM   226  N N   . LEU   A 1 43  ? -14.768 -3.656  6.656   1.00 44.72 ? 246 LEU   A N   1 
ATOM   227  C CA  . LEU   A 1 43  ? -15.173 -2.735  7.707   1.00 45.16 ? 246 LEU   A CA  1 
ATOM   228  C C   . LEU   A 1 43  ? -15.665 -1.377  7.212   1.00 46.48 ? 246 LEU   A C   1 
ATOM   229  O O   . LEU   A 1 43  ? -16.210 -0.608  8.005   1.00 46.78 ? 246 LEU   A O   1 
ATOM   230  C CB  . LEU   A 1 43  ? -13.982 -2.533  8.650   1.00 44.88 ? 246 LEU   A CB  1 
ATOM   231  C CG  . LEU   A 1 43  ? -13.493 -3.798  9.350   1.00 46.07 ? 246 LEU   A CG  1 
ATOM   232  C CD1 . LEU   A 1 43  ? -12.219 -3.546  10.084  1.00 46.15 ? 246 LEU   A CD1 1 
ATOM   233  C CD2 . LEU   A 1 43  ? -14.527 -4.283  10.346  1.00 47.20 ? 246 LEU   A CD2 1 
ATOM   234  N N   . HIS   A 1 44  ? -15.424 -1.056  5.933   1.00 47.51 ? 247 HIS   A N   1 
ATOM   235  C CA  . HIS   A 1 44  ? -15.776 0.214   5.298   1.00 49.18 ? 247 HIS   A CA  1 
ATOM   236  C C   . HIS   A 1 44  ? -15.163 1.412   5.995   1.00 49.36 ? 247 HIS   A C   1 
ATOM   237  O O   . HIS   A 1 44  ? -15.820 2.436   6.170   1.00 50.57 ? 247 HIS   A O   1 
ATOM   238  C CB  . HIS   A 1 44  ? -17.295 0.379   5.119   1.00 51.66 ? 247 HIS   A CB  1 
ATOM   239  C CG  . HIS   A 1 44  ? -17.872 -0.725  4.310   1.00 57.45 ? 247 HIS   A CG  1 
ATOM   240  N ND1 . HIS   A 1 44  ? -17.500 -0.915  2.991   1.00 60.45 ? 247 HIS   A ND1 1 
ATOM   241  C CD2 . HIS   A 1 44  ? -18.718 -1.719  4.680   1.00 59.67 ? 247 HIS   A CD2 1 
ATOM   242  C CE1 . HIS   A 1 44  ? -18.130 -2.011  2.597   1.00 61.45 ? 247 HIS   A CE1 1 
ATOM   243  N NE2 . HIS   A 1 44  ? -18.899 -2.515  3.571   1.00 61.27 ? 247 HIS   A NE2 1 
ATOM   244  N N   . SER   A 1 45  ? -13.926 1.277   6.424   1.00 48.55 ? 248 SER   A N   1 
ATOM   245  C CA  . SER   A 1 45  ? -13.202 2.376   7.049   1.00 48.57 ? 248 SER   A CA  1 
ATOM   246  C C   . SER   A 1 45  ? -11.710 2.330   6.712   1.00 47.36 ? 248 SER   A C   1 
ATOM   247  O O   . SER   A 1 45  ? -11.164 1.256   6.488   1.00 46.64 ? 248 SER   A O   1 
ATOM   248  C CB  . SER   A 1 45  ? -13.462 2.456   8.549   1.00 50.50 ? 248 SER   A CB  1 
ATOM   249  O OG  . SER   A 1 45  ? -12.878 1.384   9.255   1.00 54.58 ? 248 SER   A OG  1 
ATOM   250  N N   . TYR   A 1 46  ? -11.085 3.498   6.563   1.00 47.10 ? 249 TYR   A N   1 
ATOM   251  C CA  . TYR   A 1 46  ? -9.660  3.570   6.239   1.00 47.68 ? 249 TYR   A CA  1 
ATOM   252  C C   . TYR   A 1 46  ? -8.798  3.976   7.441   1.00 46.59 ? 249 TYR   A C   1 
ATOM   253  O O   . TYR   A 1 46  ? -7.586  3.918   7.340   1.00 45.64 ? 249 TYR   A O   1 
ATOM   254  C CB  . TYR   A 1 46  ? -9.401  4.516   5.052   1.00 49.07 ? 249 TYR   A CB  1 
ATOM   255  C CG  . TYR   A 1 46  ? -9.614  5.978   5.391   1.00 51.79 ? 249 TYR   A CG  1 
ATOM   256  C CD1 . TYR   A 1 46  ? -10.884 6.538   5.374   1.00 53.71 ? 249 TYR   A CD1 1 
ATOM   257  C CD2 . TYR   A 1 46  ? -8.549  6.791   5.755   1.00 53.19 ? 249 TYR   A CD2 1 
ATOM   258  C CE1 . TYR   A 1 46  ? -11.091 7.869   5.722   1.00 55.14 ? 249 TYR   A CE1 1 
ATOM   259  C CE2 . TYR   A 1 46  ? -8.746  8.114   6.128   1.00 54.70 ? 249 TYR   A CE2 1 
ATOM   260  C CZ  . TYR   A 1 46  ? -10.016 8.654   6.096   1.00 56.54 ? 249 TYR   A CZ  1 
ATOM   261  O OH  . TYR   A 1 46  ? -10.210 9.972   6.429   1.00 59.42 ? 249 TYR   A OH  1 
ATOM   262  N N   . THR   A 1 47  ? -9.402  4.457   8.531   1.00 46.89 ? 250 THR   A N   1 
ATOM   263  C CA  . THR   A 1 47  ? -8.677  4.890   9.716   1.00 48.33 ? 250 THR   A CA  1 
ATOM   264  C C   . THR   A 1 47  ? -9.482  4.622   10.981  1.00 51.12 ? 250 THR   A C   1 
ATOM   265  O O   . THR   A 1 47  ? -10.706 4.564   10.937  1.00 51.67 ? 250 THR   A O   1 
ATOM   266  C CB  . THR   A 1 47  ? -8.275  6.369   9.627   1.00 48.49 ? 250 THR   A CB  1 
ATOM   267  O OG1 . THR   A 1 47  ? -7.377  6.640   10.698  1.00 48.60 ? 250 THR   A OG1 1 
ATOM   268  C CG2 . THR   A 1 47  ? -9.476  7.317   9.745   1.00 49.03 ? 250 THR   A CG2 1 
ATOM   269  N N   . LYS   A 1 48  ? -8.798  4.445   12.104  1.00 52.96 ? 251 LYS   A N   1 
ATOM   270  C CA  . LYS   A 1 48  ? -9.451  4.187   13.384  1.00 55.36 ? 251 LYS   A CA  1 
ATOM   271  C C   . LYS   A 1 48  ? -8.469  4.365   14.572  1.00 57.78 ? 251 LYS   A C   1 
ATOM   272  O O   . LYS   A 1 48  ? -7.275  4.592   14.356  1.00 57.98 ? 251 LYS   A O   1 
ATOM   273  C CB  . LYS   A 1 48  ? -10.092 2.792   13.382  1.00 56.77 ? 251 LYS   A CB  1 
ATOM   274  C CG  . LYS   A 1 48  ? -9.084  1.657   13.344  1.00 60.22 ? 251 LYS   A CG  1 
ATOM   275  C CD  . LYS   A 1 48  ? -9.787  0.324   13.469  1.00 63.38 ? 251 LYS   A CD  1 
ATOM   276  C CE  . LYS   A 1 48  ? -8.890  -0.817  13.104  1.00 67.19 ? 251 LYS   A CE  1 
ATOM   277  N NZ  . LYS   A 1 48  ? -9.638  -2.097  13.080  1.00 69.49 ? 251 LYS   A NZ  1 
ATOM   278  N N   . LEU   A 1 49  ? -8.965  4.276   15.818  1.00 59.01 ? 252 LEU   A N   1 
ATOM   279  C CA  . LEU   A 1 49  ? -8.111  4.385   17.000  1.00 60.50 ? 252 LEU   A CA  1 
ATOM   280  C C   . LEU   A 1 49  ? -7.983  3.031   17.714  1.00 61.33 ? 252 LEU   A C   1 
ATOM   281  O O   . LEU   A 1 49  ? -6.880  2.485   17.834  1.00 61.72 ? 252 LEU   A O   1 
ATOM   282  C CB  . LEU   A 1 49  ? -8.667  5.444   17.957  1.00 61.09 ? 252 LEU   A CB  1 
ATOM   283  C CG  . LEU   A 1 49  ? -8.628  6.850   17.405  1.00 63.12 ? 252 LEU   A CG  1 
ATOM   284  C CD1 . LEU   A 1 49  ? -9.615  7.744   18.117  1.00 64.08 ? 252 LEU   A CD1 1 
ATOM   285  C CD2 . LEU   A 1 49  ? -7.220  7.424   17.481  1.00 64.00 ? 252 LEU   A CD2 1 
ATOM   286  N N   . ALA   A 1 56  ? -3.812  5.159   19.929  1.00 54.92 ? 259 ALA   A N   1 
ATOM   287  C CA  . ALA   A 1 56  ? -3.048  5.590   18.752  1.00 54.92 ? 259 ALA   A CA  1 
ATOM   288  C C   . ALA   A 1 56  ? -3.775  5.257   17.437  1.00 53.85 ? 259 ALA   A C   1 
ATOM   289  O O   . ALA   A 1 56  ? -4.517  4.277   17.353  1.00 54.68 ? 259 ALA   A O   1 
ATOM   290  C CB  . ALA   A 1 56  ? -1.650  4.984   18.769  1.00 55.20 ? 259 ALA   A CB  1 
ATOM   291  N N   . ARG   A 1 57  ? -3.572  6.092   16.422  1.00 51.78 ? 260 ARG   A N   1 
ATOM   292  C CA  . ARG   A 1 57  ? -4.233  5.951   15.143  1.00 50.28 ? 260 ARG   A CA  1 
ATOM   293  C C   . ARG   A 1 57  ? -3.637  4.909   14.204  1.00 48.74 ? 260 ARG   A C   1 
ATOM   294  O O   . ARG   A 1 57  ? -2.424  4.778   14.085  1.00 48.83 ? 260 ARG   A O   1 
ATOM   295  C CB  . ARG   A 1 57  ? -4.300  7.307   14.429  1.00 51.32 ? 260 ARG   A CB  1 
ATOM   296  C CG  . ARG   A 1 57  ? -5.174  7.262   13.191  1.00 54.72 ? 260 ARG   A CG  1 
ATOM   297  C CD  . ARG   A 1 57  ? -5.708  8.615   12.832  1.00 58.60 ? 260 ARG   A CD  1 
ATOM   298  N NE  . ARG   A 1 57  ? -6.633  9.102   13.849  1.00 61.37 ? 260 ARG   A NE  1 
ATOM   299  C CZ  . ARG   A 1 57  ? -7.932  8.828   13.881  1.00 63.06 ? 260 ARG   A CZ  1 
ATOM   300  N NH1 . ARG   A 1 57  ? -8.481  8.068   12.942  1.00 61.47 ? 260 ARG   A NH1 1 
ATOM   301  N NH2 . ARG   A 1 57  ? -8.698  9.326   14.844  1.00 62.93 ? 260 ARG   A NH2 1 
ATOM   302  N N   . GLN   A 1 58  ? -4.509  4.243   13.461  1.00 47.22 ? 261 GLN   A N   1 
ATOM   303  C CA  . GLN   A 1 58  ? -4.151  3.258   12.468  1.00 45.70 ? 261 GLN   A CA  1 
ATOM   304  C C   . GLN   A 1 58  ? -4.778  3.626   11.145  1.00 43.46 ? 261 GLN   A C   1 
ATOM   305  O O   . GLN   A 1 58  ? -5.768  4.335   11.097  1.00 43.04 ? 261 GLN   A O   1 
ATOM   306  C CB  . GLN   A 1 58  ? -4.640  1.871   12.884  1.00 47.40 ? 261 GLN   A CB  1 
ATOM   307  C CG  . GLN   A 1 58  ? -3.737  1.160   13.862  1.00 51.63 ? 261 GLN   A CG  1 
ATOM   308  C CD  . GLN   A 1 58  ? -4.190  -0.268  14.068  1.00 57.56 ? 261 GLN   A CD  1 
ATOM   309  O OE1 . GLN   A 1 58  ? -5.387  -0.577  14.066  1.00 58.56 ? 261 GLN   A OE1 1 
ATOM   310  N NE2 . GLN   A 1 58  ? -3.242  -1.174  14.231  1.00 59.19 ? 261 GLN   A NE2 1 
ATOM   311  N N   . TYR   A 1 59  ? -4.177  3.165   10.062  1.00 41.94 ? 262 TYR   A N   1 
ATOM   312  C CA  . TYR   A 1 59  ? -4.693  3.378   8.728   1.00 41.63 ? 262 TYR   A CA  1 
ATOM   313  C C   . TYR   A 1 59  ? -4.636  2.058   8.000   1.00 38.90 ? 262 TYR   A C   1 
ATOM   314  O O   . TYR   A 1 59  ? -3.691  1.295   8.186   1.00 39.71 ? 262 TYR   A O   1 
ATOM   315  C CB  . TYR   A 1 59  ? -3.835  4.394   7.958   1.00 43.29 ? 262 TYR   A CB  1 
ATOM   316  C CG  . TYR   A 1 59  ? -3.994  5.824   8.421   1.00 46.12 ? 262 TYR   A CG  1 
ATOM   317  C CD1 . TYR   A 1 59  ? -3.239  6.321   9.474   1.00 47.77 ? 262 TYR   A CD1 1 
ATOM   318  C CD2 . TYR   A 1 59  ? -4.857  6.693   7.770   1.00 47.91 ? 262 TYR   A CD2 1 
ATOM   319  C CE1 . TYR   A 1 59  ? -3.381  7.636   9.904   1.00 49.59 ? 262 TYR   A CE1 1 
ATOM   320  C CE2 . TYR   A 1 59  ? -4.995  8.014   8.179   1.00 49.71 ? 262 TYR   A CE2 1 
ATOM   321  C CZ  . TYR   A 1 59  ? -4.261  8.480   9.255   1.00 51.36 ? 262 TYR   A CZ  1 
ATOM   322  O OH  . TYR   A 1 59  ? -4.370  9.793   9.646   1.00 54.22 ? 262 TYR   A OH  1 
ATOM   323  N N   . HIS   A 1 60  ? -5.613  1.799   7.159   1.00 35.80 ? 263 HIS   A N   1 
ATOM   324  C CA  . HIS   A 1 60  ? -5.645  0.607   6.351   1.00 34.28 ? 263 HIS   A CA  1 
ATOM   325  C C   . HIS   A 1 60  ? -4.902  0.895   5.070   1.00 34.62 ? 263 HIS   A C   1 
ATOM   326  O O   . HIS   A 1 60  ? -5.126  1.931   4.420   1.00 34.68 ? 263 HIS   A O   1 
ATOM   327  C CB  . HIS   A 1 60  ? -7.085  0.199   6.025   1.00 33.37 ? 263 HIS   A CB  1 
ATOM   328  C CG  . HIS   A 1 60  ? -7.186  -1.054  5.206   1.00 32.80 ? 263 HIS   A CG  1 
ATOM   329  N ND1 . HIS   A 1 60  ? -7.315  -1.009  3.843   1.00 33.53 ? 263 HIS   A ND1 1 
ATOM   330  C CD2 . HIS   A 1 60  ? -7.228  -2.351  5.601   1.00 33.02 ? 263 HIS   A CD2 1 
ATOM   331  C CE1 . HIS   A 1 60  ? -7.427  -2.263  3.438   1.00 33.68 ? 263 HIS   A CE1 1 
ATOM   332  N NE2 . HIS   A 1 60  ? -7.386  -3.108  4.460   1.00 33.61 ? 263 HIS   A NE2 1 
ATOM   333  N N   . VAL   A 1 61  ? -4.021  -0.031  4.683   1.00 33.74 ? 264 VAL   A N   1 
ATOM   334  C CA  . VAL   A 1 61  ? -3.270  0.113   3.455   1.00 33.29 ? 264 VAL   A CA  1 
ATOM   335  C C   . VAL   A 1 61  ? -3.364  -1.162  2.638   1.00 33.20 ? 264 VAL   A C   1 
ATOM   336  O O   . VAL   A 1 61  ? -3.527  -2.264  3.184   1.00 33.09 ? 264 VAL   A O   1 
ATOM   337  C CB  . VAL   A 1 61  ? -1.769  0.442   3.756   1.00 34.04 ? 264 VAL   A CB  1 
ATOM   338  C CG1 . VAL   A 1 61  ? -1.617  1.723   4.561   1.00 34.85 ? 264 VAL   A CG1 1 
ATOM   339  C CG2 . VAL   A 1 61  ? -1.066  -0.723  4.478   1.00 34.38 ? 264 VAL   A CG2 1 
ATOM   340  N N   . GLN   A 1 62  ? -3.200  -1.031  1.336   1.00 33.17 ? 265 GLN   A N   1 
ATOM   341  C CA  . GLN   A 1 62  ? -3.016  -2.181  0.464   1.00 34.54 ? 265 GLN   A CA  1 
ATOM   342  C C   . GLN   A 1 62  ? -1.577  -2.086  -0.031  1.00 35.47 ? 265 GLN   A C   1 
ATOM   343  O O   . GLN   A 1 62  ? -1.137  -1.006  -0.391  1.00 36.02 ? 265 GLN   A O   1 
ATOM   344  C CB  . GLN   A 1 62  ? -3.897  -2.217  -0.763  1.00 36.14 ? 265 GLN   A CB  1 
ATOM   345  C CG  . GLN   A 1 62  ? -4.908  -1.132  -0.962  1.00 39.57 ? 265 GLN   A CG  1 
ATOM   346  C CD  . GLN   A 1 62  ? -5.567  -1.425  -2.295  1.00 41.31 ? 265 GLN   A CD  1 
ATOM   347  O OE1 . GLN   A 1 62  ? -6.772  -1.620  -2.369  1.00 41.80 ? 265 GLN   A OE1 1 
ATOM   348  N NE2 . GLN   A 1 62  ? -4.771  -1.503  -3.379  1.00 40.01 ? 265 GLN   A NE2 1 
ATOM   349  N N   . PHE   A 1 63  ? -0.882  -3.200  -0.111  1.00 35.05 ? 266 PHE   A N   1 
ATOM   350  C CA  . PHE   A 1 63  ? 0.501   -3.227  -0.530  1.00 35.47 ? 266 PHE   A CA  1 
ATOM   351  C C   . PHE   A 1 63  ? 0.585   -3.449  -2.002  1.00 36.72 ? 266 PHE   A C   1 
ATOM   352  O O   . PHE   A 1 63  ? -0.021  -4.399  -2.515  1.00 36.76 ? 266 PHE   A O   1 
ATOM   353  C CB  . PHE   A 1 63  ? 1.239   -4.372  0.180   1.00 35.21 ? 266 PHE   A CB  1 
ATOM   354  C CG  . PHE   A 1 63  ? 1.265   -4.226  1.683   1.00 35.72 ? 266 PHE   A CG  1 
ATOM   355  C CD1 . PHE   A 1 63  ? 2.225   -3.452  2.299   1.00 36.30 ? 266 PHE   A CD1 1 
ATOM   356  C CD2 . PHE   A 1 63  ? 0.332   -4.874  2.476   1.00 36.38 ? 266 PHE   A CD2 1 
ATOM   357  C CE1 . PHE   A 1 63  ? 2.239   -3.302  3.677   1.00 37.61 ? 266 PHE   A CE1 1 
ATOM   358  C CE2 . PHE   A 1 63  ? 0.339   -4.718  3.854   1.00 37.41 ? 266 PHE   A CE2 1 
ATOM   359  C CZ  . PHE   A 1 63  ? 1.292   -3.934  4.449   1.00 37.77 ? 266 PHE   A CZ  1 
ATOM   360  N N   . PHE   A 1 64  ? 1.391   -2.620  -2.692  1.00 36.37 ? 267 PHE   A N   1 
ATOM   361  C CA  . PHE   A 1 64  ? 1.642   -2.847  -4.104  1.00 36.74 ? 267 PHE   A CA  1 
ATOM   362  C C   . PHE   A 1 64  ? 2.565   -4.081  -4.233  1.00 38.08 ? 267 PHE   A C   1 
ATOM   363  O O   . PHE   A 1 64  ? 3.406   -4.330  -3.368  1.00 38.21 ? 267 PHE   A O   1 
ATOM   364  C CB  . PHE   A 1 64  ? 2.324   -1.617  -4.736  1.00 35.75 ? 267 PHE   A CB  1 
ATOM   365  C CG  . PHE   A 1 64  ? 1.479   -0.372  -4.799  1.00 35.14 ? 267 PHE   A CG  1 
ATOM   366  C CD1 . PHE   A 1 64  ? 0.511   -0.221  -5.772  1.00 35.82 ? 267 PHE   A CD1 1 
ATOM   367  C CD2 . PHE   A 1 64  ? 1.682   0.665   -3.915  1.00 35.54 ? 267 PHE   A CD2 1 
ATOM   368  C CE1 . PHE   A 1 64  ? -0.242  0.943   -5.856  1.00 35.79 ? 267 PHE   A CE1 1 
ATOM   369  C CE2 . PHE   A 1 64  ? 0.917   1.827   -3.990  1.00 35.43 ? 267 PHE   A CE2 1 
ATOM   370  C CZ  . PHE   A 1 64  ? -0.039  1.957   -4.967  1.00 34.98 ? 267 PHE   A CZ  1 
ATOM   371  N N   . GLY   A 1 65  ? 2.396   -4.843  -5.300  1.00 39.17 ? 268 GLY   A N   1 
ATOM   372  C CA  . GLY   A 1 65  ? 3.206   -6.035  -5.523  1.00 42.34 ? 268 GLY   A CA  1 
ATOM   373  C C   . GLY   A 1 65  ? 2.483   -7.036  -6.396  1.00 46.08 ? 268 GLY   A C   1 
ATOM   374  O O   . GLY   A 1 65  ? 1.593   -6.652  -7.160  1.00 47.91 ? 268 GLY   A O   1 
ATOM   375  N N   . ASP   A 1 66  ? 2.806   -8.323  -6.261  1.00 47.80 ? 269 ASP   A N   1 
ATOM   376  C CA  . ASP   A 1 66  ? 2.141   -9.353  -7.067  1.00 49.96 ? 269 ASP   A CA  1 
ATOM   377  C C   . ASP   A 1 66  ? 0.993   -10.093 -6.315  1.00 49.71 ? 269 ASP   A C   1 
ATOM   378  O O   . ASP   A 1 66  ? 0.310   -10.925 -6.920  1.00 50.65 ? 269 ASP   A O   1 
ATOM   379  C CB  . ASP   A 1 66  ? 3.162   -10.341 -7.676  1.00 54.20 ? 269 ASP   A CB  1 
ATOM   380  C CG  . ASP   A 1 66  ? 3.909   -11.241 -6.711  1.00 63.50 ? 269 ASP   A CG  1 
ATOM   381  O OD1 . ASP   A 1 66  ? 3.686   -11.117 -5.478  1.00 65.51 ? 269 ASP   A OD1 1 
ATOM   382  O OD2 . ASP   A 1 66  ? 4.722   -12.080 -7.189  1.00 67.70 ? 269 ASP   A OD2 1 
ATOM   383  N N   . ALA   A 1 67  ? 0.757   -9.763  -5.036  1.00 48.18 ? 270 ALA   A N   1 
ATOM   384  C CA  . ALA   A 1 67  ? -0.323  -10.398 -4.291  1.00 47.92 ? 270 ALA   A CA  1 
ATOM   385  C C   . ALA   A 1 67  ? -1.205  -9.359  -3.603  1.00 47.73 ? 270 ALA   A C   1 
ATOM   386  O O   . ALA   A 1 67  ? -0.730  -8.280  -3.247  1.00 47.04 ? 270 ALA   A O   1 
ATOM   387  C CB  . ALA   A 1 67  ? 0.246   -11.391 -3.283  1.00 47.59 ? 270 ALA   A CB  1 
ATOM   388  N N   . PRO   A 1 68  ? -2.505  -9.659  -3.394  1.00 48.13 ? 271 PRO   A N   1 
ATOM   389  C CA  . PRO   A 1 68  ? -3.378  -8.679  -2.743  1.00 47.71 ? 271 PRO   A CA  1 
ATOM   390  C C   . PRO   A 1 68  ? -3.247  -8.674  -1.229  1.00 47.09 ? 271 PRO   A C   1 
ATOM   391  O O   . PRO   A 1 68  ? -4.130  -9.180  -0.530  1.00 48.88 ? 271 PRO   A O   1 
ATOM   392  C CB  . PRO   A 1 68  ? -4.788  -9.078  -3.196  1.00 48.61 ? 271 PRO   A CB  1 
ATOM   393  C CG  . PRO   A 1 68  ? -4.623  -10.335 -4.002  1.00 49.59 ? 271 PRO   A CG  1 
ATOM   394  C CD  . PRO   A 1 68  ? -3.255  -10.866 -3.782  1.00 47.93 ? 271 PRO   A CD  1 
ATOM   395  N N   . GLU   A 1 69  ? -2.190  -8.054  -0.716  1.00 44.63 ? 272 GLU   A N   1 
ATOM   396  C CA  . GLU   A 1 69  ? -1.979  -7.990  0.719   1.00 43.02 ? 272 GLU   A CA  1 
ATOM   397  C C   . GLU   A 1 69  ? -2.433  -6.669  1.261   1.00 41.85 ? 272 GLU   A C   1 
ATOM   398  O O   . GLU   A 1 69  ? -2.267  -5.622  0.619   1.00 42.27 ? 272 GLU   A O   1 
ATOM   399  C CB  . GLU   A 1 69  ? -0.517  -8.281  1.081   1.00 44.30 ? 272 GLU   A CB  1 
ATOM   400  C CG  . GLU   A 1 69  ? -0.060  -9.618  0.521   1.00 50.21 ? 272 GLU   A CG  1 
ATOM   401  C CD  . GLU   A 1 69  ? -0.692  -10.855 1.152   1.00 57.31 ? 272 GLU   A CD  1 
ATOM   402  O OE1 . GLU   A 1 69  ? -0.752  -11.903 0.466   1.00 59.08 ? 272 GLU   A OE1 1 
ATOM   403  O OE2 . GLU   A 1 69  ? -1.102  -10.785 2.335   1.00 58.38 ? 272 GLU   A OE2 1 
ATOM   404  N N   . ARG   A 1 70  ? -3.025  -6.715  2.430   1.00 39.89 ? 273 ARG   A N   1 
ATOM   405  C CA  . ARG   A 1 70  ? -3.523  -5.521  3.086   1.00 39.33 ? 273 ARG   A CA  1 
ATOM   406  C C   . ARG   A 1 70  ? -3.284  -5.590  4.574   1.00 38.68 ? 273 ARG   A C   1 
ATOM   407  O O   . ARG   A 1 70  ? -2.981  -6.667  5.085   1.00 39.01 ? 273 ARG   A O   1 
ATOM   408  C CB  . ARG   A 1 70  ? -4.991  -5.281  2.732   1.00 40.56 ? 273 ARG   A CB  1 
ATOM   409  C CG  . ARG   A 1 70  ? -5.918  -6.432  3.024   1.00 44.55 ? 273 ARG   A CG  1 
ATOM   410  C CD  . ARG   A 1 70  ? -7.359  -6.058  2.647   1.00 49.13 ? 273 ARG   A CD  1 
ATOM   411  N NE  . ARG   A 1 70  ? -8.324  -6.925  3.329   1.00 51.00 ? 273 ARG   A NE  1 
ATOM   412  C CZ  . ARG   A 1 70  ? -8.816  -6.689  4.541   1.00 52.83 ? 273 ARG   A CZ  1 
ATOM   413  N NH1 . ARG   A 1 70  ? -8.496  -5.572  5.192   1.00 50.50 ? 273 ARG   A NH1 1 
ATOM   414  N NH2 . ARG   A 1 70  ? -9.632  -7.564  5.114   1.00 53.27 ? 273 ARG   A NH2 1 
ATOM   415  N N   . ALA   A 1 71  ? -3.367  -4.461  5.284   1.00 37.92 ? 274 ALA   A N   1 
ATOM   416  C CA  . ALA   A 1 71  ? -3.098  -4.442  6.727   1.00 37.98 ? 274 ALA   A CA  1 
ATOM   417  C C   . ALA   A 1 71  ? -3.491  -3.120  7.380   1.00 37.98 ? 274 ALA   A C   1 
ATOM   418  O O   . ALA   A 1 71  ? -3.594  -2.095  6.724   1.00 37.86 ? 274 ALA   A O   1 
ATOM   419  C CB  . ALA   A 1 71  ? -1.598  -4.727  6.996   1.00 38.27 ? 274 ALA   A CB  1 
ATOM   420  N N   . TRP   A 1 72  ? -3.723  -3.154  8.679   1.00 38.89 ? 275 TRP   A N   1 
ATOM   421  C CA  . TRP   A 1 72  ? -3.959  -1.961  9.476   1.00 39.95 ? 275 TRP   A CA  1 
ATOM   422  C C   . TRP   A 1 72  ? -2.598  -1.638  10.075  1.00 41.24 ? 275 TRP   A C   1 
ATOM   423  O O   . TRP   A 1 72  ? -2.013  -2.491  10.739  1.00 41.25 ? 275 TRP   A O   1 
ATOM   424  C CB  . TRP   A 1 72  ? -4.991  -2.254  10.578  1.00 39.52 ? 275 TRP   A CB  1 
ATOM   425  C CG  . TRP   A 1 72  ? -6.387  -2.258  10.031  1.00 39.71 ? 275 TRP   A CG  1 
ATOM   426  C CD1 . TRP   A 1 72  ? -7.039  -3.312  9.455   1.00 40.16 ? 275 TRP   A CD1 1 
ATOM   427  C CD2 . TRP   A 1 72  ? -7.227  -1.113  9.833   1.00 39.93 ? 275 TRP   A CD2 1 
ATOM   428  N NE1 . TRP   A 1 72  ? -8.284  -2.917  9.017   1.00 40.01 ? 275 TRP   A NE1 1 
ATOM   429  C CE2 . TRP   A 1 72  ? -8.419  -1.566  9.221   1.00 40.54 ? 275 TRP   A CE2 1 
ATOM   430  C CE3 . TRP   A 1 72  ? -7.093  0.251   10.123  1.00 40.62 ? 275 TRP   A CE3 1 
ATOM   431  C CZ2 . TRP   A 1 72  ? -9.469  -0.700  8.898   1.00 41.43 ? 275 TRP   A CZ2 1 
ATOM   432  C CZ3 . TRP   A 1 72  ? -8.146  1.105   9.825   1.00 41.63 ? 275 TRP   A CZ3 1 
ATOM   433  C CH2 . TRP   A 1 72  ? -9.303  0.633   9.192   1.00 41.96 ? 275 TRP   A CH2 1 
ATOM   434  N N   . ILE   A 1 73  ? -2.054  -0.448  9.778   1.00 41.82 ? 276 ILE   A N   1 
ATOM   435  C CA  . ILE   A 1 73  ? -0.734  -0.042  10.252  1.00 42.60 ? 276 ILE   A CA  1 
ATOM   436  C C   . ILE   A 1 73  ? -0.841  1.173   11.190  1.00 43.12 ? 276 ILE   A C   1 
ATOM   437  O O   . ILE   A 1 73  ? -1.594  2.087   10.885  1.00 42.70 ? 276 ILE   A O   1 
ATOM   438  C CB  . ILE   A 1 73  ? 0.142   0.308   9.014   1.00 43.42 ? 276 ILE   A CB  1 
ATOM   439  C CG1 . ILE   A 1 73  ? 0.180   -0.824  7.973   1.00 44.91 ? 276 ILE   A CG1 1 
ATOM   440  C CG2 . ILE   A 1 73  ? 1.546   0.709   9.416   1.00 43.85 ? 276 ILE   A CG2 1 
ATOM   441  C CD1 . ILE   A 1 73  ? 0.812   -2.140  8.507   1.00 46.59 ? 276 ILE   A CD1 1 
ATOM   442  N N   . PHE   A 1 74  ? -0.056  1.225   12.291  1.00 44.02 ? 277 PHE   A N   1 
ATOM   443  C CA  . PHE   A 1 74  ? -0.035  2.415   13.156  1.00 45.94 ? 277 PHE   A CA  1 
ATOM   444  C C   . PHE   A 1 74  ? 0.637   3.570   12.396  1.00 47.36 ? 277 PHE   A C   1 
ATOM   445  O O   . PHE   A 1 74  ? 1.558   3.333   11.606  1.00 47.28 ? 277 PHE   A O   1 
ATOM   446  C CB  . PHE   A 1 74  ? 0.727   2.149   14.470  1.00 46.66 ? 277 PHE   A CB  1 
ATOM   447  C CG  . PHE   A 1 74  ? -0.120  1.418   15.476  1.00 48.82 ? 277 PHE   A CG  1 
ATOM   448  C CD1 . PHE   A 1 74  ? -1.127  2.070   16.162  1.00 50.06 ? 277 PHE   A CD1 1 
ATOM   449  C CD2 . PHE   A 1 74  ? 0.041   0.060   15.685  1.00 50.64 ? 277 PHE   A CD2 1 
ATOM   450  C CE1 . PHE   A 1 74  ? -1.937  1.381   17.062  1.00 51.10 ? 277 PHE   A CE1 1 
ATOM   451  C CE2 . PHE   A 1 74  ? -0.743  -0.617  16.614  1.00 51.44 ? 277 PHE   A CE2 1 
ATOM   452  C CZ  . PHE   A 1 74  ? -1.734  0.047   17.287  1.00 50.87 ? 277 PHE   A CZ  1 
ATOM   453  N N   . GLU   A 1 75  ? 0.184   4.811   12.628  1.00 48.04 ? 278 GLU   A N   1 
ATOM   454  C CA  . GLU   A 1 75  ? 0.719   5.990   11.952  1.00 49.23 ? 278 GLU   A CA  1 
ATOM   455  C C   . GLU   A 1 75  ? 2.233   6.130   12.126  1.00 50.27 ? 278 GLU   A C   1 
ATOM   456  O O   . GLU   A 1 75  ? 2.882   6.651   11.222  1.00 51.22 ? 278 GLU   A O   1 
ATOM   457  C CB  . GLU   A 1 75  ? -0.008  7.274   12.390  1.00 50.53 ? 278 GLU   A CB  1 
ATOM   458  N N   . LYS   A 1 76  ? 2.805   5.640   13.245  1.00 49.74 ? 279 LYS   A N   1 
ATOM   459  C CA  . LYS   A 1 76  ? 4.259   5.717   13.439  1.00 50.01 ? 279 LYS   A CA  1 
ATOM   460  C C   . LYS   A 1 76  ? 5.032   4.822   12.472  1.00 49.72 ? 279 LYS   A C   1 
ATOM   461  O O   . LYS   A 1 76  ? 6.213   5.050   12.248  1.00 51.15 ? 279 LYS   A O   1 
ATOM   462  C CB  . LYS   A 1 76  ? 4.663   5.397   14.884  1.00 52.98 ? 279 LYS   A CB  1 
ATOM   463  C CG  . LYS   A 1 76  ? 4.375   3.961   15.285  1.00 58.64 ? 279 LYS   A CG  1 
ATOM   464  C CD  . LYS   A 1 76  ? 5.250   3.516   16.437  1.00 64.61 ? 279 LYS   A CD  1 
ATOM   465  C CE  . LYS   A 1 76  ? 5.107   2.034   16.704  1.00 69.12 ? 279 LYS   A CE  1 
ATOM   466  N NZ  . LYS   A 1 76  ? 3.697   1.657   17.017  1.00 71.15 ? 279 LYS   A NZ  1 
ATOM   467  N N   . SER   A 1 77  ? 4.374   3.800   11.903  1.00 47.64 ? 280 SER   A N   1 
ATOM   468  C CA  . SER   A 1 77  ? 4.927   2.877   10.939  1.00 45.37 ? 280 SER   A CA  1 
ATOM   469  C C   . SER   A 1 77  ? 4.517   3.216   9.507   1.00 43.25 ? 280 SER   A C   1 
ATOM   470  O O   . SER   A 1 77  ? 4.572   2.349   8.648   1.00 42.87 ? 280 SER   A O   1 
ATOM   471  C CB  . SER   A 1 77  ? 4.477   1.462   11.272  1.00 46.37 ? 280 SER   A CB  1 
ATOM   472  O OG  . SER   A 1 77  ? 4.959   1.119   12.556  1.00 48.89 ? 280 SER   A OG  1 
ATOM   473  N N   . LEU   A 1 78  ? 4.148   4.470   9.244   1.00 42.38 ? 281 LEU   A N   1 
ATOM   474  C CA  . LEU   A 1 78  ? 3.780   4.967   7.927   1.00 41.90 ? 281 LEU   A CA  1 
ATOM   475  C C   . LEU   A 1 78  ? 4.494   6.273   7.684   1.00 41.49 ? 281 LEU   A C   1 
ATOM   476  O O   . LEU   A 1 78  ? 4.620   7.090   8.590   1.00 41.97 ? 281 LEU   A O   1 
ATOM   477  C CB  . LEU   A 1 78  ? 2.286   5.308   7.866   1.00 41.93 ? 281 LEU   A CB  1 
ATOM   478  C CG  . LEU   A 1 78  ? 1.293   4.187   7.897   1.00 43.60 ? 281 LEU   A CG  1 
ATOM   479  C CD1 . LEU   A 1 78  ? -0.109  4.748   8.074   1.00 44.70 ? 281 LEU   A CD1 1 
ATOM   480  C CD2 . LEU   A 1 78  ? 1.354   3.378   6.612   1.00 43.59 ? 281 LEU   A CD2 1 
ATOM   481  N N   . VAL   A 1 79  ? 4.835   6.532   6.439   1.00 40.43 ? 282 VAL   A N   1 
ATOM   482  C CA  . VAL   A 1 79  ? 5.394   7.806   5.993   1.00 40.35 ? 282 VAL   A CA  1 
ATOM   483  C C   . VAL   A 1 79  ? 4.943   7.978   4.560   1.00 40.49 ? 282 VAL   A C   1 
ATOM   484  O O   . VAL   A 1 79  ? 4.729   6.996   3.856   1.00 40.34 ? 282 VAL   A O   1 
ATOM   485  C CB  . VAL   A 1 79  ? 6.944   7.917   6.087   1.00 41.05 ? 282 VAL   A CB  1 
ATOM   486  C CG1 . VAL   A 1 79  ? 7.428   7.941   7.524   1.00 42.06 ? 282 VAL   A CG1 1 
ATOM   487  C CG2 . VAL   A 1 79  ? 7.644   6.810   5.305   1.00 41.33 ? 282 VAL   A CG2 1 
ATOM   488  N N   . ALA   A 1 80  ? 4.841   9.213   4.092   1.00 40.94 ? 283 ALA   A N   1 
ATOM   489  C CA  . ALA   A 1 80  ? 4.462   9.497   2.706   1.00 41.51 ? 283 ALA   A CA  1 
ATOM   490  C C   . ALA   A 1 80  ? 5.477   8.899   1.737   1.00 41.43 ? 283 ALA   A C   1 
ATOM   491  O O   . ALA   A 1 80  ? 6.667   8.847   2.043   1.00 41.25 ? 283 ALA   A O   1 
ATOM   492  C CB  . ALA   A 1 80  ? 4.402   11.014  2.481   1.00 41.68 ? 283 ALA   A CB  1 
ATOM   493  N N   . PHE   A 1 81  ? 4.988   8.416   0.594   1.00 41.12 ? 284 PHE   A N   1 
ATOM   494  C CA  . PHE   A 1 81  ? 5.791   7.895   -0.492  1.00 41.95 ? 284 PHE   A CA  1 
ATOM   495  C C   . PHE   A 1 81  ? 5.767   9.000   -1.558  1.00 43.52 ? 284 PHE   A C   1 
ATOM   496  O O   . PHE   A 1 81  ? 4.674   9.416   -1.953  1.00 43.89 ? 284 PHE   A O   1 
ATOM   497  C CB  . PHE   A 1 81  ? 5.133   6.627   -1.078  1.00 41.28 ? 284 PHE   A CB  1 
ATOM   498  C CG  . PHE   A 1 81  ? 5.790   6.085   -2.326  1.00 41.25 ? 284 PHE   A CG  1 
ATOM   499  C CD1 . PHE   A 1 81  ? 5.413   6.536   -3.583  1.00 41.87 ? 284 PHE   A CD1 1 
ATOM   500  C CD2 . PHE   A 1 81  ? 6.744   5.082   -2.246  1.00 41.57 ? 284 PHE   A CD2 1 
ATOM   501  C CE1 . PHE   A 1 81  ? 6.019   6.031   -4.734  1.00 42.38 ? 284 PHE   A CE1 1 
ATOM   502  C CE2 . PHE   A 1 81  ? 7.326   4.555   -3.399  1.00 41.81 ? 284 PHE   A CE2 1 
ATOM   503  C CZ  . PHE   A 1 81  ? 6.979   5.046   -4.630  1.00 42.09 ? 284 PHE   A CZ  1 
ATOM   504  N N   . ALA   A 1 82  ? 6.946   9.460   -2.028  1.00 43.96 ? 285 ALA   A N   1 
ATOM   505  C CA  . ALA   A 1 82  ? 7.053   10.500  -3.067  1.00 45.56 ? 285 ALA   A CA  1 
ATOM   506  C C   . ALA   A 1 82  ? 6.264   11.790  -2.768  1.00 46.40 ? 285 ALA   A C   1 
ATOM   507  O O   . ALA   A 1 82  ? 6.303   12.275  -1.631  1.00 47.56 ? 285 ALA   A O   1 
ATOM   508  C CB  . ALA   A 1 82  ? 6.659   9.936   -4.437  1.00 45.83 ? 285 ALA   A CB  1 
ATOM   509  N N   . ALA   A 1 101 ? 9.032   13.689  9.234   1.00 70.17 ? 304 ALA   A N   1 
ATOM   510  C CA  . ALA   A 1 101 ? 8.751   12.284  9.546   1.00 70.39 ? 304 ALA   A CA  1 
ATOM   511  C C   . ALA   A 1 101 ? 9.375   11.350  8.498   1.00 69.64 ? 304 ALA   A C   1 
ATOM   512  O O   . ALA   A 1 101 ? 9.984   10.336  8.856   1.00 70.00 ? 304 ALA   A O   1 
ATOM   513  C CB  . ALA   A 1 101 ? 7.244   12.048  9.637   1.00 70.61 ? 304 ALA   A CB  1 
ATOM   514  N N   . ALA   A 1 102 ? 9.232   11.700  7.208   1.00 68.16 ? 305 ALA   A N   1 
ATOM   515  C CA  . ALA   A 1 102 ? 9.811   10.925  6.121   1.00 67.02 ? 305 ALA   A CA  1 
ATOM   516  C C   . ALA   A 1 102 ? 11.333  10.967  6.179   1.00 65.77 ? 305 ALA   A C   1 
ATOM   517  O O   . ALA   A 1 102 ? 11.969  9.982   5.834   1.00 65.78 ? 305 ALA   A O   1 
ATOM   518  C CB  . ALA   A 1 102 ? 9.326   11.450  4.780   1.00 67.02 ? 305 ALA   A CB  1 
ATOM   519  N N   . GLU   A 1 103 ? 11.925  12.079  6.637   1.00 64.74 ? 306 GLU   A N   1 
ATOM   520  C CA  . GLU   A 1 103 ? 13.378  12.196  6.722   1.00 64.30 ? 306 GLU   A CA  1 
ATOM   521  C C   . GLU   A 1 103 ? 13.998  11.425  7.878   1.00 63.02 ? 306 GLU   A C   1 
ATOM   522  O O   . GLU   A 1 103 ? 15.217  11.281  7.899   1.00 63.63 ? 306 GLU   A O   1 
ATOM   523  C CB  . GLU   A 1 103 ? 13.803  13.671  6.780   1.00 67.59 ? 306 GLU   A CB  1 
ATOM   524  C CG  . GLU   A 1 103 ? 13.733  14.373  5.438   1.00 74.13 ? 306 GLU   A CG  1 
ATOM   525  C CD  . GLU   A 1 103 ? 13.430  15.858  5.496   1.00 82.83 ? 306 GLU   A CD  1 
ATOM   526  O OE1 . GLU   A 1 103 ? 14.187  16.600  6.167   1.00 84.50 ? 306 GLU   A OE1 1 
ATOM   527  O OE2 . GLU   A 1 103 ? 12.441  16.284  4.854   1.00 85.36 ? 306 GLU   A OE2 1 
ATOM   528  N N   . LYS   A 1 104 ? 13.196  10.933  8.838   1.00 61.42 ? 307 LYS   A N   1 
ATOM   529  C CA  . LYS   A 1 104 ? 13.750  10.219  9.996   1.00 60.31 ? 307 LYS   A CA  1 
ATOM   530  C C   . LYS   A 1 104 ? 13.827  8.700   9.818   1.00 58.54 ? 307 LYS   A C   1 
ATOM   531  O O   . LYS   A 1 104 ? 14.582  8.050   10.543  1.00 59.05 ? 307 LYS   A O   1 
ATOM   532  C CB  . LYS   A 1 104 ? 12.991  10.580  11.289  1.00 62.01 ? 307 LYS   A CB  1 
ATOM   533  N N   . ILE   A 1 105 ? 13.086  8.129   8.860   1.00 56.42 ? 308 ILE   A N   1 
ATOM   534  C CA  . ILE   A 1 105 ? 13.113  6.681   8.673   1.00 54.84 ? 308 ILE   A CA  1 
ATOM   535  C C   . ILE   A 1 105 ? 14.314  6.223   7.840   1.00 53.85 ? 308 ILE   A C   1 
ATOM   536  O O   . ILE   A 1 105 ? 14.892  7.006   7.096   1.00 53.88 ? 308 ILE   A O   1 
ATOM   537  C CB  . ILE   A 1 105 ? 11.776  6.149   8.124   1.00 54.73 ? 308 ILE   A CB  1 
ATOM   538  C CG1 . ILE   A 1 105 ? 11.606  6.482   6.651   1.00 55.11 ? 308 ILE   A CG1 1 
ATOM   539  C CG2 . ILE   A 1 105 ? 10.596  6.654   8.955   1.00 55.09 ? 308 ILE   A CG2 1 
ATOM   540  C CD1 . ILE   A 1 105 ? 11.323  5.322   5.898   1.00 55.87 ? 308 ILE   A CD1 1 
ATOM   541  N N   . LYS   A 1 106 ? 14.689  4.956   7.975   1.00 53.07 ? 309 LYS   A N   1 
ATOM   542  C CA  . LYS   A 1 106 ? 15.786  4.385   7.213   1.00 53.00 ? 309 LYS   A CA  1 
ATOM   543  C C   . LYS   A 1 106 ? 15.204  3.437   6.158   1.00 51.43 ? 309 LYS   A C   1 
ATOM   544  O O   . LYS   A 1 106 ? 14.767  2.341   6.482   1.00 51.57 ? 309 LYS   A O   1 
ATOM   545  C CB  . LYS   A 1 106 ? 16.751  3.629   8.136   1.00 56.10 ? 309 LYS   A CB  1 
ATOM   546  C CG  . LYS   A 1 106 ? 17.404  4.505   9.205   1.00 61.91 ? 309 LYS   A CG  1 
ATOM   547  C CD  . LYS   A 1 106 ? 18.442  5.441   8.600   1.00 68.24 ? 309 LYS   A CD  1 
ATOM   548  C CE  . LYS   A 1 106 ? 19.692  5.534   9.459   1.00 73.28 ? 309 LYS   A CE  1 
ATOM   549  N NZ  . LYS   A 1 106 ? 19.413  6.053   10.832  1.00 75.82 ? 309 LYS   A NZ  1 
ATOM   550  N N   . LEU   A 1 107 ? 15.180  3.873   4.910   1.00 50.01 ? 310 LEU   A N   1 
ATOM   551  C CA  . LEU   A 1 107 ? 14.670  3.073   3.807   1.00 49.55 ? 310 LEU   A CA  1 
ATOM   552  C C   . LEU   A 1 107 ? 15.718  2.061   3.365   1.00 47.55 ? 310 LEU   A C   1 
ATOM   553  O O   . LEU   A 1 107 ? 16.756  2.455   2.840   1.00 47.32 ? 310 LEU   A O   1 
ATOM   554  C CB  . LEU   A 1 107 ? 14.358  4.011   2.638   1.00 50.26 ? 310 LEU   A CB  1 
ATOM   555  C CG  . LEU   A 1 107 ? 13.045  3.835   1.894   1.00 52.55 ? 310 LEU   A CG  1 
ATOM   556  C CD1 . LEU   A 1 107 ? 11.866  3.728   2.847   1.00 53.35 ? 310 LEU   A CD1 1 
ATOM   557  C CD2 . LEU   A 1 107 ? 12.818  5.008   0.947   1.00 52.92 ? 310 LEU   A CD2 1 
ATOM   558  N N   . LEU   A 1 108 ? 15.449  0.772   3.557   1.00 46.38 ? 311 LEU   A N   1 
ATOM   559  C CA  . LEU   A 1 108 ? 16.393  -0.271  3.149   1.00 46.62 ? 311 LEU   A CA  1 
ATOM   560  C C   . LEU   A 1 108 ? 15.716  -1.237  2.172   1.00 47.26 ? 311 LEU   A C   1 
ATOM   561  O O   . LEU   A 1 108 ? 14.636  -1.749  2.458   1.00 47.84 ? 311 LEU   A O   1 
ATOM   562  C CB  . LEU   A 1 108 ? 16.898  -1.031  4.377   1.00 46.16 ? 311 LEU   A CB  1 
ATOM   563  C CG  . LEU   A 1 108 ? 17.610  -0.190  5.431   1.00 47.83 ? 311 LEU   A CG  1 
ATOM   564  C CD1 . LEU   A 1 108 ? 17.877  -0.988  6.686   1.00 48.80 ? 311 LEU   A CD1 1 
ATOM   565  C CD2 . LEU   A 1 108 ? 18.879  0.386   4.895   1.00 47.88 ? 311 LEU   A CD2 1 
ATOM   566  N N   . ALA   A 1 109 ? 16.336  -1.476  1.029   1.00 47.25 ? 312 ALA   A N   1 
ATOM   567  C CA  . ALA   A 1 109 ? 15.785  -2.363  0.008   1.00 48.25 ? 312 ALA   A CA  1 
ATOM   568  C C   . ALA   A 1 109 ? 16.183  -3.805  0.260   1.00 49.01 ? 312 ALA   A C   1 
ATOM   569  O O   . ALA   A 1 109 ? 17.316  -4.078  0.622   1.00 48.92 ? 312 ALA   A O   1 
ATOM   570  C CB  . ALA   A 1 109 ? 16.283  -1.942  -1.370  1.00 48.18 ? 312 ALA   A CB  1 
ATOM   571  N N   . PRO   A 1 110 ? 15.282  -4.748  0.000   1.00 49.70 ? 313 PRO   A N   1 
ATOM   572  C CA  . PRO   A 1 110 ? 15.646  -6.161  0.152   1.00 50.44 ? 313 PRO   A CA  1 
ATOM   573  C C   . PRO   A 1 110 ? 16.669  -6.604  -0.904  1.00 51.79 ? 313 PRO   A C   1 
ATOM   574  O O   . PRO   A 1 110 ? 16.697  -6.063  -2.006  1.00 51.07 ? 313 PRO   A O   1 
ATOM   575  C CB  . PRO   A 1 110 ? 14.313  -6.879  -0.014  1.00 50.69 ? 313 PRO   A CB  1 
ATOM   576  C CG  . PRO   A 1 110 ? 13.525  -5.967  -0.912  1.00 50.87 ? 313 PRO   A CG  1 
ATOM   577  C CD  . PRO   A 1 110 ? 13.896  -4.587  -0.479  1.00 49.25 ? 313 PRO   A CD  1 
ATOM   578  N N   . ILE   A 1 111 ? 17.547  -7.546  -0.525  1.00 53.59 ? 314 ILE   A N   1 
ATOM   579  C CA  . ILE   A 1 111 ? 18.596  -8.138  -1.366  1.00 55.82 ? 314 ILE   A CA  1 
ATOM   580  C C   . ILE   A 1 111 ? 18.155  -9.533  -1.853  1.00 57.96 ? 314 ILE   A C   1 
ATOM   581  O O   . ILE   A 1 111 ? 18.286  -9.824  -3.048  1.00 58.76 ? 314 ILE   A O   1 
ATOM   582  C CB  . ILE   A 1 111 ? 19.943  -8.160  -0.583  1.00 55.96 ? 314 ILE   A CB  1 
ATOM   583  C CG1 . ILE   A 1 111 ? 20.570  -6.757  -0.530  1.00 56.30 ? 314 ILE   A CG1 1 
ATOM   584  C CG2 . ILE   A 1 111 ? 20.926  -9.205  -1.123  1.00 56.35 ? 314 ILE   A CG2 1 
ATOM   585  C CD1 . ILE   A 1 111 ? 20.764  -6.093  -1.900  1.00 57.87 ? 314 ILE   A CD1 1 
ATOM   586  N N   . SER   A 1 112 ? 17.560  -10.361 -0.940  1.00 58.41 ? 315 SER   A N   1 
ATOM   587  C CA  . SER   A 1 112 ? 17.035  -11.709 -1.245  1.00 59.10 ? 315 SER   A CA  1 
ATOM   588  C C   . SER   A 1 112 ? 16.140  -11.684 -2.480  1.00 58.41 ? 315 SER   A C   1 
ATOM   589  O O   . SER   A 1 112 ? 15.121  -11.011 -2.465  1.00 58.83 ? 315 SER   A O   1 
ATOM   590  C CB  . SER   A 1 112 ? 16.216  -12.252 -0.074  1.00 61.60 ? 315 SER   A CB  1 
ATOM   591  O OG  . SER   A 1 112 ? 16.943  -12.278 1.142   1.00 64.80 ? 315 SER   A OG  1 
ATOM   592  N N   . GLY   A 1 113 ? 16.549  -12.408 -3.517  1.00 57.39 ? 316 GLY   A N   1 
ATOM   593  C CA  . GLY   A 1 113 ? 15.885  -12.500 -4.814  1.00 56.32 ? 316 GLY   A CA  1 
ATOM   594  C C   . GLY   A 1 113 ? 14.371  -12.505 -4.867  1.00 55.11 ? 316 GLY   A C   1 
ATOM   595  O O   . GLY   A 1 113 ? 13.784  -11.689 -5.583  1.00 55.79 ? 316 GLY   A O   1 
ATOM   596  N N   . LYS   A 1 114 ? 13.723  -13.459 -4.180  1.00 53.11 ? 317 LYS   A N   1 
ATOM   597  C CA  . LYS   A 1 114 ? 12.263  -13.611 -4.201  1.00 51.59 ? 317 LYS   A CA  1 
ATOM   598  C C   . LYS   A 1 114 ? 11.510  -12.362 -3.678  1.00 49.82 ? 317 LYS   A C   1 
ATOM   599  O O   . LYS   A 1 114 ? 10.633  -11.820 -4.362  1.00 49.96 ? 317 LYS   A O   1 
ATOM   600  C CB  . LYS   A 1 114 ? 11.852  -14.877 -3.406  1.00 53.51 ? 317 LYS   A CB  1 
ATOM   601  N N   . LEU   A 1 115 ? 11.864  -11.908 -2.480  1.00 48.20 ? 318 LEU   A N   1 
ATOM   602  C CA  . LEU   A 1 115 ? 11.249  -10.731 -1.899  1.00 47.29 ? 318 LEU   A CA  1 
ATOM   603  C C   . LEU   A 1 115 ? 11.603  -9.490  -2.727  1.00 46.44 ? 318 LEU   A C   1 
ATOM   604  O O   . LEU   A 1 115 ? 10.740  -8.648  -2.946  1.00 45.52 ? 318 LEU   A O   1 
ATOM   605  C CB  . LEU   A 1 115 ? 11.702  -10.558 -0.455  1.00 47.19 ? 318 LEU   A CB  1 
ATOM   606  C CG  . LEU   A 1 115 ? 10.841  -9.634  0.368   1.00 48.68 ? 318 LEU   A CG  1 
ATOM   607  C CD1 . LEU   A 1 115 ? 9.450   -10.216 0.546   1.00 49.81 ? 318 LEU   A CD1 1 
ATOM   608  C CD2 . LEU   A 1 115 ? 11.467  -9.366  1.695   1.00 49.27 ? 318 LEU   A CD2 1 
ATOM   609  N N   . ARG   A 1 116 ? 12.855  -9.404  -3.227  1.00 46.32 ? 319 ARG   A N   1 
ATOM   610  C CA  . ARG   A 1 116 ? 13.262  -8.264  -4.019  1.00 46.37 ? 319 ARG   A CA  1 
ATOM   611  C C   . ARG   A 1 116 ? 12.451  -8.081  -5.264  1.00 45.63 ? 319 ARG   A C   1 
ATOM   612  O O   . ARG   A 1 116 ? 12.049  -6.959  -5.536  1.00 45.54 ? 319 ARG   A O   1 
ATOM   613  C CB  . ARG   A 1 116 ? 14.755  -8.233  -4.362  1.00 48.75 ? 319 ARG   A CB  1 
ATOM   614  C CG  . ARG   A 1 116 ? 15.076  -6.792  -4.667  1.00 53.90 ? 319 ARG   A CG  1 
ATOM   615  C CD  . ARG   A 1 116 ? 16.320  -6.466  -5.424  1.00 60.04 ? 319 ARG   A CD  1 
ATOM   616  N NE  . ARG   A 1 116 ? 16.187  -5.119  -6.004  1.00 65.97 ? 319 ARG   A NE  1 
ATOM   617  C CZ  . ARG   A 1 116 ? 16.473  -3.983  -5.369  1.00 69.42 ? 319 ARG   A CZ  1 
ATOM   618  N NH1 . ARG   A 1 116 ? 16.298  -2.814  -5.977  1.00 69.74 ? 319 ARG   A NH1 1 
ATOM   619  N NH2 . ARG   A 1 116 ? 16.943  -4.007  -4.129  1.00 69.69 ? 319 ARG   A NH2 1 
ATOM   620  N N   . ALA   A 1 117 ? 12.179  -9.158  -6.019  1.00 44.94 ? 320 ALA   A N   1 
ATOM   621  C CA  . ALA   A 1 117 ? 11.374  -9.033  -7.235  1.00 44.31 ? 320 ALA   A CA  1 
ATOM   622  C C   . ALA   A 1 117 ? 9.944   -8.566  -6.919  1.00 43.41 ? 320 ALA   A C   1 
ATOM   623  O O   . ALA   A 1 117 ? 9.384   -7.783  -7.678  1.00 44.54 ? 320 ALA   A O   1 
ATOM   624  C CB  . ALA   A 1 117 ? 11.339  -10.360 -7.982  1.00 44.74 ? 320 ALA   A CB  1 
ATOM   625  N N   . GLN   A 1 118 ? 9.348   -9.045  -5.814  1.00 41.50 ? 321 GLN   A N   1 
ATOM   626  C CA  . GLN   A 1 118 ? 8.015   -8.606  -5.418  1.00 40.64 ? 321 GLN   A CA  1 
ATOM   627  C C   . GLN   A 1 118 ? 8.056   -7.133  -5.006  1.00 38.99 ? 321 GLN   A C   1 
ATOM   628  O O   . GLN   A 1 118 ? 7.182   -6.359  -5.386  1.00 39.56 ? 321 GLN   A O   1 
ATOM   629  C CB  . GLN   A 1 118 ? 7.470   -9.461  -4.254  1.00 42.68 ? 321 GLN   A CB  1 
ATOM   630  C CG  . GLN   A 1 118 ? 7.386   -10.936 -4.567  1.00 45.96 ? 321 GLN   A CG  1 
ATOM   631  C CD  . GLN   A 1 118 ? 6.872   -11.691 -3.360  1.00 52.25 ? 321 GLN   A CD  1 
ATOM   632  O OE1 . GLN   A 1 118 ? 7.302   -11.465 -2.229  1.00 54.32 ? 321 GLN   A OE1 1 
ATOM   633  N NE2 . GLN   A 1 118 ? 5.943   -12.607 -3.572  1.00 53.94 ? 321 GLN   A NE2 1 
ATOM   634  N N   . TRP   A 1 119 ? 9.083   -6.739  -4.252  1.00 37.55 ? 322 TRP   A N   1 
ATOM   635  C CA  . TRP   A 1 119 ? 9.263   -5.362  -3.828  1.00 37.01 ? 322 TRP   A CA  1 
ATOM   636  C C   . TRP   A 1 119 ? 9.450   -4.435  -5.047  1.00 37.98 ? 322 TRP   A C   1 
ATOM   637  O O   . TRP   A 1 119 ? 8.863   -3.352  -5.087  1.00 37.79 ? 322 TRP   A O   1 
ATOM   638  C CB  . TRP   A 1 119 ? 10.477  -5.283  -2.907  1.00 35.72 ? 322 TRP   A CB  1 
ATOM   639  C CG  . TRP   A 1 119 ? 10.679  -3.960  -2.246  1.00 35.45 ? 322 TRP   A CG  1 
ATOM   640  C CD1 . TRP   A 1 119 ? 10.124  -3.530  -1.075  1.00 36.17 ? 322 TRP   A CD1 1 
ATOM   641  C CD2 . TRP   A 1 119 ? 11.602  -2.952  -2.647  1.00 34.92 ? 322 TRP   A CD2 1 
ATOM   642  N NE1 . TRP   A 1 119 ? 10.653  -2.312  -0.726  1.00 36.38 ? 322 TRP   A NE1 1 
ATOM   643  C CE2 . TRP   A 1 119 ? 11.577  -1.943  -1.669  1.00 35.69 ? 322 TRP   A CE2 1 
ATOM   644  C CE3 . TRP   A 1 119 ? 12.467  -2.811  -3.739  1.00 35.80 ? 322 TRP   A CE3 1 
ATOM   645  C CZ2 . TRP   A 1 119 ? 12.332  -0.775  -1.785  1.00 36.16 ? 322 TRP   A CZ2 1 
ATOM   646  C CZ3 . TRP   A 1 119 ? 13.255  -1.677  -3.820  1.00 36.28 ? 322 TRP   A CZ3 1 
ATOM   647  C CH2 . TRP   A 1 119 ? 13.180  -0.677  -2.853  1.00 36.14 ? 322 TRP   A CH2 1 
ATOM   648  N N   . GLU   A 1 120 ? 10.214  -4.879  -6.048  1.00 38.90 ? 323 GLU   A N   1 
ATOM   649  C CA  . GLU   A 1 120 ? 10.428  -4.090  -7.269  1.00 41.62 ? 323 GLU   A CA  1 
ATOM   650  C C   . GLU   A 1 120 ? 9.138   -3.912  -8.046  1.00 42.57 ? 323 GLU   A C   1 
ATOM   651  O O   . GLU   A 1 120 ? 8.918   -2.848  -8.612  1.00 42.61 ? 323 GLU   A O   1 
ATOM   652  C CB  . GLU   A 1 120 ? 11.473  -4.742  -8.177  1.00 44.57 ? 323 GLU   A CB  1 
ATOM   653  C CG  . GLU   A 1 120 ? 12.892  -4.493  -7.714  1.00 52.34 ? 323 GLU   A CG  1 
ATOM   654  C CD  . GLU   A 1 120 ? 13.953  -4.797  -8.759  1.00 65.29 ? 323 GLU   A CD  1 
ATOM   655  O OE1 . GLU   A 1 120 ? 13.603  -5.286  -9.863  1.00 67.30 ? 323 GLU   A OE1 1 
ATOM   656  O OE2 . GLU   A 1 120 ? 15.145  -4.541  -8.466  1.00 69.38 ? 323 GLU   A OE2 1 
ATOM   657  N N   . MET   A 1 121 ? 8.280   -4.939  -8.061  1.00 42.82 ? 324 MET   A N   1 
ATOM   658  C CA  . MET   A 1 121 ? 6.973   -4.853  -8.711  1.00 43.59 ? 324 MET   A CA  1 
ATOM   659  C C   . MET   A 1 121 ? 6.116   -3.825  -8.001  1.00 42.50 ? 324 MET   A C   1 
ATOM   660  O O   . MET   A 1 121 ? 5.424   -3.058  -8.651  1.00 42.97 ? 324 MET   A O   1 
ATOM   661  C CB  . MET   A 1 121 ? 6.246   -6.203  -8.674  1.00 46.63 ? 324 MET   A CB  1 
ATOM   662  C CG  . MET   A 1 121 ? 6.756   -7.186  -9.681  1.00 53.64 ? 324 MET   A CG  1 
ATOM   663  S SD  . MET   A 1 121 ? 5.746   -8.686  -9.665  1.00 69.78 ? 324 MET   A SD  1 
ATOM   664  C CE  . MET   A 1 121 ? 4.201   -8.002  -10.355 1.00 69.61 ? 324 MET   A CE  1 
ATOM   665  N N   . GLY   A 1 122 ? 6.169   -3.807  -6.675  1.00 40.75 ? 325 GLY   A N   1 
ATOM   666  C CA  . GLY   A 1 122 ? 5.445   -2.835  -5.879  1.00 39.07 ? 325 GLY   A CA  1 
ATOM   667  C C   . GLY   A 1 122 ? 5.932   -1.427  -6.152  1.00 37.21 ? 325 GLY   A C   1 
ATOM   668  O O   . GLY   A 1 122 ? 5.132   -0.502  -6.223  1.00 36.65 ? 325 GLY   A O   1 
ATOM   669  N N   . ILE   A 1 123 ? 7.247   -1.249  -6.267  1.00 36.52 ? 326 ILE   A N   1 
ATOM   670  C CA  . ILE   A 1 123 ? 7.835   0.062   -6.547  1.00 35.41 ? 326 ILE   A CA  1 
ATOM   671  C C   . ILE   A 1 123 ? 7.388   0.585   -7.918  1.00 35.42 ? 326 ILE   A C   1 
ATOM   672  O O   . ILE   A 1 123 ? 6.898   1.689   -7.992  1.00 35.05 ? 326 ILE   A O   1 
ATOM   673  C CB  . ILE   A 1 123 ? 9.350   0.046   -6.388  1.00 34.78 ? 326 ILE   A CB  1 
ATOM   674  C CG1 . ILE   A 1 123 ? 9.750   -0.274  -4.896  1.00 35.87 ? 326 ILE   A CG1 1 
ATOM   675  C CG2 . ILE   A 1 123 ? 9.974   1.373   -6.910  1.00 34.05 ? 326 ILE   A CG2 1 
ATOM   676  C CD1 . ILE   A 1 123 ? 9.467   0.812   -3.936  1.00 36.46 ? 326 ILE   A CD1 1 
ATOM   677  N N   . VAL   A 1 124 ? 7.472   -0.234  -8.962  1.00 36.34 ? 327 VAL   A N   1 
ATOM   678  C CA  . VAL   A 1 124 ? 7.012   0.098   -10.325 1.00 37.78 ? 327 VAL   A CA  1 
ATOM   679  C C   . VAL   A 1 124 ? 5.531   0.554   -10.295 1.00 37.57 ? 327 VAL   A C   1 
ATOM   680  O O   . VAL   A 1 124 ? 5.180   1.579   -10.887 1.00 38.83 ? 327 VAL   A O   1 
ATOM   681  C CB  . VAL   A 1 124 ? 7.198   -1.169  -11.208 1.00 39.87 ? 327 VAL   A CB  1 
ATOM   682  C CG1 . VAL   A 1 124 ? 6.393   -1.091  -12.500 1.00 41.17 ? 327 VAL   A CG1 1 
ATOM   683  C CG2 . VAL   A 1 124 ? 8.670   -1.429  -11.500 1.00 40.33 ? 327 VAL   A CG2 1 
ATOM   684  N N   . GLN   A 1 125 ? 4.675   -0.182  -9.567  1.00 35.77 ? 328 GLN   A N   1 
ATOM   685  C CA  . GLN   A 1 125 ? 3.262   0.157   -9.448  1.00 35.67 ? 328 GLN   A CA  1 
ATOM   686  C C   . GLN   A 1 125 ? 3.068   1.425   -8.663  1.00 36.10 ? 328 GLN   A C   1 
ATOM   687  O O   . GLN   A 1 125 ? 2.221   2.223   -9.050  1.00 36.88 ? 328 GLN   A O   1 
ATOM   688  C CB  . GLN   A 1 125 ? 2.480   -0.961  -8.739  1.00 36.44 ? 328 GLN   A CB  1 
ATOM   689  C CG  . GLN   A 1 125 ? 2.351   -2.260  -9.521  1.00 39.94 ? 328 GLN   A CG  1 
ATOM   690  C CD  . GLN   A 1 125 ? 1.593   -3.308  -8.702  1.00 46.69 ? 328 GLN   A CD  1 
ATOM   691  O OE1 . GLN   A 1 125 ? 0.970   -3.019  -7.660  1.00 49.44 ? 328 GLN   A OE1 1 
ATOM   692  N NE2 . GLN   A 1 125 ? 1.622   -4.551  -9.152  1.00 45.93 ? 328 GLN   A NE2 1 
ATOM   693  N N   . ALA   A 1 126 ? 3.790   1.613   -7.518  1.00 35.13 ? 329 ALA   A N   1 
ATOM   694  C CA  . ALA   A 1 126 ? 3.611   2.845   -6.748  1.00 35.36 ? 329 ALA   A CA  1 
ATOM   695  C C   . ALA   A 1 126 ? 4.118   4.051   -7.547  1.00 37.49 ? 329 ALA   A C   1 
ATOM   696  O O   . ALA   A 1 126 ? 3.559   5.120   -7.393  1.00 38.68 ? 329 ALA   A O   1 
ATOM   697  C CB  . ALA   A 1 126 ? 4.315   2.772   -5.395  1.00 34.24 ? 329 ALA   A CB  1 
ATOM   698  N N   . GLU   A 1 127 ? 5.146   3.887   -8.395  1.00 38.06 ? 330 GLU   A N   1 
ATOM   699  C CA  . GLU   A 1 127 ? 5.652   4.993   -9.193  1.00 40.21 ? 330 GLU   A CA  1 
ATOM   700  C C   . GLU   A 1 127 ? 4.599   5.373   -10.230 1.00 43.27 ? 330 GLU   A C   1 
ATOM   701  O O   . GLU   A 1 127 ? 4.295   6.552   -10.336 1.00 44.30 ? 330 GLU   A O   1 
ATOM   702  C CB  . GLU   A 1 127 ? 6.978   4.616   -9.862  1.00 41.10 ? 330 GLU   A CB  1 
ATOM   703  C CG  . GLU   A 1 127 ? 8.138   4.714   -8.895  1.00 43.21 ? 330 GLU   A CG  1 
ATOM   704  C CD  . GLU   A 1 127 ? 9.470   4.264   -9.456  1.00 46.67 ? 330 GLU   A CD  1 
ATOM   705  O OE1 . GLU   A 1 127 ? 10.492  4.441   -8.752  1.00 41.59 ? 330 GLU   A OE1 1 
ATOM   706  O OE2 . GLU   A 1 127 ? 9.491   3.700   -10.578 1.00 50.13 ? 330 GLU   A OE2 1 
ATOM   707  N N   . GLU   A 1 128 ? 4.008   4.385   -10.946 1.00 44.48 ? 331 GLU   A N   1 
ATOM   708  C CA  . GLU   A 1 128 ? 2.929   4.623   -11.911 1.00 46.63 ? 331 GLU   A CA  1 
ATOM   709  C C   . GLU   A 1 128 ? 1.739   5.288   -11.207 1.00 47.55 ? 331 GLU   A C   1 
ATOM   710  O O   . GLU   A 1 128 ? 1.180   6.246   -11.742 1.00 47.91 ? 331 GLU   A O   1 
ATOM   711  C CB  . GLU   A 1 128 ? 2.459   3.302   -12.565 1.00 50.93 ? 331 GLU   A CB  1 
ATOM   712  C CG  . GLU   A 1 128 ? 3.442   2.730   -13.571 1.00 59.32 ? 331 GLU   A CG  1 
ATOM   713  C CD  . GLU   A 1 128 ? 3.220   1.286   -14.000 1.00 71.40 ? 331 GLU   A CD  1 
ATOM   714  O OE1 . GLU   A 1 128 ? 2.152   0.723   -13.665 1.00 75.10 ? 331 GLU   A OE1 1 
ATOM   715  O OE2 . GLU   A 1 128 ? 4.116   0.717   -14.672 1.00 73.70 ? 331 GLU   A OE2 1 
ATOM   716  N N   . ALA   A 1 129 ? 1.380   4.822   -9.992  1.00 47.24 ? 332 ALA   A N   1 
ATOM   717  C CA  . ALA   A 1 129 ? 0.289   5.447   -9.238  1.00 47.77 ? 332 ALA   A CA  1 
ATOM   718  C C   . ALA   A 1 129 ? 0.620   6.883   -8.845  1.00 48.78 ? 332 ALA   A C   1 
ATOM   719  O O   . ALA   A 1 129 ? -0.277  7.727   -8.792  1.00 48.87 ? 332 ALA   A O   1 
ATOM   720  C CB  . ALA   A 1 129 ? -0.049  4.642   -7.994  1.00 47.30 ? 332 ALA   A CB  1 
ATOM   721  N N   . ALA   A 1 130 ? 1.891   7.167   -8.548  1.00 49.29 ? 333 ALA   A N   1 
ATOM   722  C CA  . ALA   A 1 130 ? 2.295   8.532   -8.168  1.00 50.46 ? 333 ALA   A CA  1 
ATOM   723  C C   . ALA   A 1 130 ? 2.164   9.523   -9.342  1.00 51.62 ? 333 ALA   A C   1 
ATOM   724  O O   . ALA   A 1 130 ? 1.984   10.710  -9.115  1.00 51.80 ? 333 ALA   A O   1 
ATOM   725  C CB  . ALA   A 1 130 ? 3.717   8.540   -7.627  1.00 50.20 ? 333 ALA   A CB  1 
ATOM   726  N N   . SER   A 1 131 ? 2.232   9.029   -10.581 1.00 52.48 ? 334 SER   A N   1 
ATOM   727  C CA  . SER   A 1 131 ? 2.112   9.856   -11.773 1.00 54.23 ? 334 SER   A CA  1 
ATOM   728  C C   . SER   A 1 131 ? 0.654   10.172  -12.134 1.00 55.97 ? 334 SER   A C   1 
ATOM   729  O O   . SER   A 1 131 ? 0.429   10.961  -13.049 1.00 56.72 ? 334 SER   A O   1 
ATOM   730  C CB  . SER   A 1 131 ? 2.801   9.177   -12.953 1.00 55.29 ? 334 SER   A CB  1 
ATOM   731  O OG  . SER   A 1 131 ? 2.108   8.014   -13.387 1.00 56.98 ? 334 SER   A OG  1 
ATOM   732  N N   . MET   A 1 132 ? -0.337  9.553   -11.435 1.00 55.86 ? 335 MET   A N   1 
ATOM   733  C CA  . MET   A 1 132 ? -1.772  9.722   -11.678 1.00 55.62 ? 335 MET   A CA  1 
ATOM   734  C C   . MET   A 1 132 ? -2.438  10.560  -10.593 1.00 55.58 ? 335 MET   A C   1 
ATOM   735  O O   . MET   A 1 132 ? -1.883  10.751  -9.508  1.00 55.98 ? 335 MET   A O   1 
ATOM   736  C CB  . MET   A 1 132 ? -2.456  8.343   -11.682 1.00 56.17 ? 335 MET   A CB  1 
ATOM   737  C CG  . MET   A 1 132 ? -1.887  7.378   -12.647 1.00 58.04 ? 335 MET   A CG  1 
ATOM   738  S SD  . MET   A 1 132 ? -2.628  5.744   -12.377 1.00 63.28 ? 335 MET   A SD  1 
ATOM   739  C CE  . MET   A 1 132 ? -1.808  4.839   -13.688 1.00 59.55 ? 335 MET   A CE  1 
ATOM   740  N N   . SER   A 1 133 ? -3.661  11.025  -10.861 1.00 55.28 ? 336 SER   A N   1 
ATOM   741  C CA  . SER   A 1 133 ? -4.441  11.747  -9.862  1.00 55.27 ? 336 SER   A CA  1 
ATOM   742  C C   . SER   A 1 133 ? -4.979  10.720  -8.846  1.00 54.58 ? 336 SER   A C   1 
ATOM   743  O O   . SER   A 1 133 ? -5.098  9.536   -9.169  1.00 54.42 ? 336 SER   A O   1 
ATOM   744  C CB  . SER   A 1 133 ? -5.618  12.462  -10.525 1.00 56.45 ? 336 SER   A CB  1 
ATOM   745  O OG  . SER   A 1 133 ? -6.572  11.534  -11.023 1.00 58.06 ? 336 SER   A OG  1 
ATOM   746  N N   . VAL   A 1 134 ? -5.388  11.187  -7.658  1.00 54.40 ? 337 VAL   A N   1 
ATOM   747  C CA  . VAL   A 1 134 ? -5.971  10.330  -6.629  1.00 55.13 ? 337 VAL   A CA  1 
ATOM   748  C C   . VAL   A 1 134 ? -7.120  9.464   -7.150  1.00 55.57 ? 337 VAL   A C   1 
ATOM   749  O O   . VAL   A 1 134 ? -7.115  8.255   -6.925  1.00 55.38 ? 337 VAL   A O   1 
ATOM   750  C CB  . VAL   A 1 134 ? -6.394  11.145  -5.408  1.00 55.89 ? 337 VAL   A CB  1 
ATOM   751  C CG1 . VAL   A 1 134 ? -7.026  10.243  -4.355  1.00 56.46 ? 337 VAL   A CG1 1 
ATOM   752  C CG2 . VAL   A 1 134 ? -5.202  11.903  -4.833  1.00 56.45 ? 337 VAL   A CG2 1 
ATOM   753  N N   . GLU   A 1 135 ? -8.050  10.063  -7.927  1.00 55.34 ? 338 GLU   A N   1 
ATOM   754  C CA  . GLU   A 1 135 ? -9.179  9.307   -8.468  1.00 55.72 ? 338 GLU   A CA  1 
ATOM   755  C C   . GLU   A 1 135 ? -8.774  8.284   -9.529  1.00 54.51 ? 338 GLU   A C   1 
ATOM   756  O O   . GLU   A 1 135 ? -9.404  7.226   -9.612  1.00 54.68 ? 338 GLU   A O   1 
ATOM   757  C CB  . GLU   A 1 135 ? -10.303 10.230  -8.985  1.00 59.56 ? 338 GLU   A CB  1 
ATOM   758  C CG  . GLU   A 1 135 ? -10.943 11.102  -7.910  1.00 67.46 ? 338 GLU   A CG  1 
ATOM   759  C CD  . GLU   A 1 135 ? -11.603 10.405  -6.727  1.00 78.48 ? 338 GLU   A CD  1 
ATOM   760  O OE1 . GLU   A 1 135 ? -12.150 9.291   -6.908  1.00 80.70 ? 338 GLU   A OE1 1 
ATOM   761  O OE2 . GLU   A 1 135 ? -11.588 10.988  -5.617  1.00 81.94 ? 338 GLU   A OE2 1 
ATOM   762  N N   . GLU   A 1 136 ? -7.748  8.584   -10.339 1.00 53.13 ? 339 GLU   A N   1 
ATOM   763  C CA  . GLU   A 1 136 ? -7.299  7.626   -11.356 1.00 52.74 ? 339 GLU   A CA  1 
ATOM   764  C C   . GLU   A 1 136 ? -6.605  6.446   -10.677 1.00 51.32 ? 339 GLU   A C   1 
ATOM   765  O O   . GLU   A 1 136 ? -6.700  5.328   -11.187 1.00 51.25 ? 339 GLU   A O   1 
ATOM   766  C CB  . GLU   A 1 136 ? -6.288  8.254   -12.330 1.00 56.67 ? 339 GLU   A CB  1 
ATOM   767  C CG  . GLU   A 1 136 ? -6.841  9.195   -13.381 1.00 64.80 ? 339 GLU   A CG  1 
ATOM   768  C CD  . GLU   A 1 136 ? -5.734  9.935   -14.116 1.00 75.71 ? 339 GLU   A CD  1 
ATOM   769  O OE1 . GLU   A 1 136 ? -4.839  10.497  -13.439 1.00 77.26 ? 339 GLU   A OE1 1 
ATOM   770  O OE2 . GLU   A 1 136 ? -5.757  9.950   -15.369 1.00 79.41 ? 339 GLU   A OE2 1 
ATOM   771  N N   . ARG   A 1 137 ? -5.824  6.700   -9.591  1.00 50.02 ? 340 ARG   A N   1 
ATOM   772  C CA  . ARG   A 1 137 ? -5.121  5.581   -8.967  1.00 49.83 ? 340 ARG   A CA  1 
ATOM   773  C C   . ARG   A 1 137 ? -6.080  4.723   -8.131  1.00 50.33 ? 340 ARG   A C   1 
ATOM   774  O O   . ARG   A 1 137 ? -5.920  3.507   -8.131  1.00 50.99 ? 340 ARG   A O   1 
ATOM   775  C CB  . ARG   A 1 137 ? -3.848  5.973   -8.223  1.00 49.15 ? 340 ARG   A CB  1 
ATOM   776  C CG  . ARG   A 1 137 ? -3.996  6.837   -7.014  1.00 48.12 ? 340 ARG   A CG  1 
ATOM   777  C CD  . ARG   A 1 137 ? -2.612  7.383   -6.804  1.00 48.89 ? 340 ARG   A CD  1 
ATOM   778  N NE  . ARG   A 1 137 ? -2.523  8.179   -5.600  1.00 50.10 ? 340 ARG   A NE  1 
ATOM   779  C CZ  . ARG   A 1 137 ? -1.981  9.381   -5.528  1.00 51.47 ? 340 ARG   A CZ  1 
ATOM   780  N NH1 . ARG   A 1 137 ? -1.960  10.033  -4.376  1.00 51.05 ? 340 ARG   A NH1 1 
ATOM   781  N NH2 . ARG   A 1 137 ? -1.454  9.947   -6.607  1.00 52.49 ? 340 ARG   A NH2 1 
ATOM   782  N N   . LYS   A 1 138 ? -7.141  5.311   -7.552  1.00 49.88 ? 341 LYS   A N   1 
ATOM   783  C CA  . LYS   A 1 138 ? -8.146  4.523   -6.834  1.00 50.31 ? 341 LYS   A CA  1 
ATOM   784  C C   . LYS   A 1 138 ? -8.841  3.565   -7.796  1.00 51.56 ? 341 LYS   A C   1 
ATOM   785  O O   . LYS   A 1 138 ? -8.968  2.382   -7.482  1.00 52.23 ? 341 LYS   A O   1 
ATOM   786  C CB  . LYS   A 1 138 ? -9.168  5.421   -6.138  1.00 51.15 ? 341 LYS   A CB  1 
ATOM   787  C CG  . LYS   A 1 138 ? -8.609  5.992   -4.855  1.00 54.65 ? 341 LYS   A CG  1 
ATOM   788  C CD  . LYS   A 1 138 ? -9.191  7.327   -4.501  1.00 58.96 ? 341 LYS   A CD  1 
ATOM   789  C CE  . LYS   A 1 138 ? -10.564 7.285   -3.917  1.00 62.19 ? 341 LYS   A CE  1 
ATOM   790  N NZ  . LYS   A 1 138 ? -10.839 8.551   -3.186  1.00 64.38 ? 341 LYS   A NZ  1 
ATOM   791  N N   . ALA   A 1 139 ? -9.188  4.035   -9.006  1.00 51.16 ? 342 ALA   A N   1 
ATOM   792  C CA  . ALA   A 1 139 ? -9.859  3.176   -9.984  1.00 51.05 ? 342 ALA   A CA  1 
ATOM   793  C C   . ALA   A 1 139 ? -8.974  2.104   -10.554 1.00 50.59 ? 342 ALA   A C   1 
ATOM   794  O O   . ALA   A 1 139 ? -9.464  1.036   -10.923 1.00 51.82 ? 342 ALA   A O   1 
ATOM   795  C CB  . ALA   A 1 139 ? -10.434 4.015   -11.115 1.00 51.54 ? 342 ALA   A CB  1 
ATOM   796  N N   . LYS   A 1 140 ? -7.680  2.375   -10.655 1.00 49.21 ? 343 LYS   A N   1 
ATOM   797  C CA  . LYS   A 1 140 ? -6.758  1.411   -11.220 1.00 48.38 ? 343 LYS   A CA  1 
ATOM   798  C C   . LYS   A 1 140 ? -6.181  0.407   -10.210 1.00 47.02 ? 343 LYS   A C   1 
ATOM   799  O O   . LYS   A 1 140 ? -5.897  -0.717  -10.609 1.00 46.91 ? 343 LYS   A O   1 
ATOM   800  C CB  . LYS   A 1 140 ? -5.622  2.125   -11.964 1.00 50.12 ? 343 LYS   A CB  1 
ATOM   801  C CG  . LYS   A 1 140 ? -4.707  1.133   -12.691 1.00 54.61 ? 343 LYS   A CG  1 
ATOM   802  C CD  . LYS   A 1 140 ? -3.417  1.766   -13.154 1.00 59.63 ? 343 LYS   A CD  1 
ATOM   803  C CE  . LYS   A 1 140 ? -2.468  0.746   -13.720 1.00 64.37 ? 343 LYS   A CE  1 
ATOM   804  N NZ  . LYS   A 1 140 ? -2.998  0.137   -14.963 1.00 67.78 ? 343 LYS   A NZ  1 
ATOM   805  N N   . PHE   A 1 141 ? -5.970  0.799   -8.937  1.00 45.63 ? 344 PHE   A N   1 
ATOM   806  C CA  . PHE   A 1 141 ? -5.260  -0.078  -8.010  1.00 45.40 ? 344 PHE   A CA  1 
ATOM   807  C C   . PHE   A 1 141 ? -6.077  -0.677  -6.848  1.00 46.05 ? 344 PHE   A C   1 
ATOM   808  O O   . PHE   A 1 141 ? -5.582  -1.611  -6.201  1.00 46.21 ? 344 PHE   A O   1 
ATOM   809  C CB  . PHE   A 1 141 ? -4.020  0.634   -7.462  1.00 44.25 ? 344 PHE   A CB  1 
ATOM   810  C CG  . PHE   A 1 141 ? -2.936  0.837   -8.499  1.00 44.02 ? 344 PHE   A CG  1 
ATOM   811  C CD1 . PHE   A 1 141 ? -2.148  -0.223  -8.918  1.00 44.09 ? 344 PHE   A CD1 1 
ATOM   812  C CD2 . PHE   A 1 141 ? -2.741  2.076   -9.091  1.00 44.40 ? 344 PHE   A CD2 1 
ATOM   813  C CE1 . PHE   A 1 141 ? -1.171  -0.048  -9.897  1.00 44.42 ? 344 PHE   A CE1 1 
ATOM   814  C CE2 . PHE   A 1 141 ? -1.756  2.250   -10.065 1.00 45.05 ? 344 PHE   A CE2 1 
ATOM   815  C CZ  . PHE   A 1 141 ? -0.964  1.191   -10.448 1.00 44.41 ? 344 PHE   A CZ  1 
ATOM   816  N N   . THR   A 1 142 ? -7.290  -0.191  -6.592  1.00 45.79 ? 345 THR   A N   1 
ATOM   817  C CA  . THR   A 1 142 ? -8.093  -0.703  -5.476  1.00 46.06 ? 345 THR   A CA  1 
ATOM   818  C C   . THR   A 1 142 ? -8.393  -2.175  -5.635  1.00 45.57 ? 345 THR   A C   1 
ATOM   819  O O   . THR   A 1 142 ? -8.859  -2.588  -6.695  1.00 45.24 ? 345 THR   A O   1 
ATOM   820  C CB  . THR   A 1 142 ? -9.384  0.104   -5.308  1.00 47.43 ? 345 THR   A CB  1 
ATOM   821  O OG1 . THR   A 1 142 ? -9.026  1.471   -5.086  1.00 48.68 ? 345 THR   A OG1 1 
ATOM   822  C CG2 . THR   A 1 142 ? -10.252 -0.393  -4.130  1.00 47.31 ? 345 THR   A CG2 1 
ATOM   823  N N   . PHE   A 1 143 ? -8.107  -2.973  -4.597  1.00 45.24 ? 346 PHE   A N   1 
ATOM   824  C CA  . PHE   A 1 143 ? -8.394  -4.404  -4.648  1.00 45.74 ? 346 PHE   A CA  1 
ATOM   825  C C   . PHE   A 1 143 ? -9.876  -4.664  -4.757  1.00 46.98 ? 346 PHE   A C   1 
ATOM   826  O O   . PHE   A 1 143 ? -10.683 -3.882  -4.265  1.00 46.69 ? 346 PHE   A O   1 
ATOM   827  C CB  . PHE   A 1 143 ? -7.844  -5.149  -3.409  1.00 44.51 ? 346 PHE   A CB  1 
ATOM   828  C CG  . PHE   A 1 143 ? -6.341  -5.151  -3.293  1.00 44.23 ? 346 PHE   A CG  1 
ATOM   829  C CD1 . PHE   A 1 143 ? -5.543  -5.034  -4.417  1.00 44.39 ? 346 PHE   A CD1 1 
ATOM   830  C CD2 . PHE   A 1 143 ? -5.727  -5.243  -2.060  1.00 44.41 ? 346 PHE   A CD2 1 
ATOM   831  C CE1 . PHE   A 1 143 ? -4.160  -4.990  -4.302  1.00 44.62 ? 346 PHE   A CE1 1 
ATOM   832  C CE2 . PHE   A 1 143 ? -4.350  -5.256  -1.959  1.00 44.70 ? 346 PHE   A CE2 1 
ATOM   833  C CZ  . PHE   A 1 143 ? -3.578  -5.082  -3.074  1.00 44.41 ? 346 PHE   A CZ  1 
ATOM   834  N N   . LEU   A 1 144 ? -10.225 -5.802  -5.343  1.00 48.74 ? 347 LEU   A N   1 
ATOM   835  C CA  . LEU   A 1 144 ? -11.625 -6.173  -5.485  1.00 50.40 ? 347 LEU   A CA  1 
ATOM   836  C C   . LEU   A 1 144 ? -11.980 -7.488  -4.805  1.00 49.54 ? 347 LEU   A C   1 
ATOM   837  O O   . LEU   A 1 144 ? -11.377 -8.490  -5.145  1.00 49.41 ? 347 LEU   A O   1 
ATOM   838  C CB  . LEU   A 1 144 ? -11.906 -6.339  -6.985  1.00 51.84 ? 347 LEU   A CB  1 
ATOM   839  C CG  . LEU   A 1 144 ? -13.345 -6.108  -7.345  1.00 54.93 ? 347 LEU   A CG  1 
ATOM   840  C CD1 . LEU   A 1 144 ? -13.710 -4.635  -7.140  1.00 55.44 ? 347 LEU   A CD1 1 
ATOM   841  C CD2 . LEU   A 1 144 ? -13.628 -6.597  -8.765  1.00 55.93 ? 347 LEU   A CD2 1 
ATOM   842  N N   . TYR   A 1 145 ? -13.017 -7.524  -3.954  1.00 49.45 ? 348 TYR   A N   1 
ATOM   843  C CA  . TYR   A 1 145 ? -13.495 -8.804  -3.413  1.00 49.64 ? 348 TYR   A CA  1 
ATOM   844  C C   . TYR   A 1 145 ? -14.391 -9.425  -4.467  1.00 49.48 ? 348 TYR   A C   1 
ATOM   845  O O   . TYR   A 1 145 ? -15.318 -8.767  -4.938  1.00 49.65 ? 348 TYR   A O   1 
ATOM   846  C CB  . TYR   A 1 145 ? -14.326 -8.625  -2.142  1.00 49.85 ? 348 TYR   A CB  1 
ATOM   847  C CG  . TYR   A 1 145 ? -13.524 -8.850  -0.888  1.00 51.61 ? 348 TYR   A CG  1 
ATOM   848  C CD1 . TYR   A 1 145 ? -13.215 -10.131 -0.458  1.00 53.19 ? 348 TYR   A CD1 1 
ATOM   849  C CD2 . TYR   A 1 145 ? -13.051 -7.785  -0.143  1.00 52.84 ? 348 TYR   A CD2 1 
ATOM   850  C CE1 . TYR   A 1 145 ? -12.424 -10.343 0.670   1.00 54.96 ? 348 TYR   A CE1 1 
ATOM   851  C CE2 . TYR   A 1 145 ? -12.280 -7.983  0.994   1.00 54.46 ? 348 TYR   A CE2 1 
ATOM   852  C CZ  . TYR   A 1 145 ? -11.961 -9.261  1.399   1.00 56.44 ? 348 TYR   A CZ  1 
ATOM   853  O OH  . TYR   A 1 145 ? -11.169 -9.425  2.521   1.00 60.01 ? 348 TYR   A OH  1 
ATOM   854  N N   . VAL   A 1 146 ? -14.097 -10.646 -4.875  1.00 49.27 ? 349 VAL   A N   1 
ATOM   855  C CA  . VAL   A 1 146 ? -14.953 -11.388 -5.787  1.00 50.11 ? 349 VAL   A CA  1 
ATOM   856  C C   . VAL   A 1 146 ? -15.335 -12.602 -4.950  1.00 50.05 ? 349 VAL   A C   1 
ATOM   857  O O   . VAL   A 1 146 ? -14.483 -13.448 -4.664  1.00 50.22 ? 349 VAL   A O   1 
ATOM   858  C CB  . VAL   A 1 146 ? -14.240 -11.775 -7.085  1.00 51.95 ? 349 VAL   A CB  1 
ATOM   859  C CG1 . VAL   A 1 146 ? -15.099 -12.747 -7.897  1.00 53.01 ? 349 VAL   A CG1 1 
ATOM   860  C CG2 . VAL   A 1 146 ? -13.902 -10.524 -7.907  1.00 52.61 ? 349 VAL   A CG2 1 
ATOM   861  N N   . GLY   A 1 147 ? -16.562 -12.610 -4.442  1.00 49.20 ? 350 GLY   A N   1 
ATOM   862  C CA  . GLY   A 1 147 ? -16.974 -13.610 -3.472  1.00 48.83 ? 350 GLY   A CA  1 
ATOM   863  C C   . GLY   A 1 147 ? -16.278 -13.298 -2.158  1.00 48.33 ? 350 GLY   A C   1 
ATOM   864  O O   . GLY   A 1 147 ? -16.275 -12.153 -1.713  1.00 48.09 ? 350 GLY   A O   1 
ATOM   865  N N   . ALA   A 1 148 ? -15.615 -14.291 -1.574  1.00 48.42 ? 351 ALA   A N   1 
ATOM   866  C CA  . ALA   A 1 148 ? -14.790 -14.166 -0.371  1.00 48.62 ? 351 ALA   A CA  1 
ATOM   867  C C   . ALA   A 1 148 ? -13.285 -14.040 -0.720  1.00 49.13 ? 351 ALA   A C   1 
ATOM   868  O O   . ALA   A 1 148 ? -12.445 -14.007 0.185   1.00 49.43 ? 351 ALA   A O   1 
ATOM   869  C CB  . ALA   A 1 148 ? -14.989 -15.390 0.510   1.00 48.66 ? 351 ALA   A CB  1 
ATOM   870  N N   . GLN   A 1 149 ? -12.944 -13.970 -2.010  1.00 49.16 ? 352 GLN   A N   1 
ATOM   871  C CA  . GLN   A 1 149 ? -11.579 -13.899 -2.496  1.00 50.21 ? 352 GLN   A CA  1 
ATOM   872  C C   . GLN   A 1 149 ? -11.127 -12.480 -2.781  1.00 49.56 ? 352 GLN   A C   1 
ATOM   873  O O   . GLN   A 1 149 ? -11.711 -11.822 -3.642  1.00 49.94 ? 352 GLN   A O   1 
ATOM   874  C CB  . GLN   A 1 149 ? -11.473 -14.731 -3.780  1.00 53.40 ? 352 GLN   A CB  1 
ATOM   875  C CG  . GLN   A 1 149 ? -10.063 -14.907 -4.293  1.00 60.01 ? 352 GLN   A CG  1 
ATOM   876  C CD  . GLN   A 1 149 ? -9.434  -16.109 -3.670  1.00 67.48 ? 352 GLN   A CD  1 
ATOM   877  O OE1 . GLN   A 1 149 ? -9.054  -16.086 -2.500  1.00 70.42 ? 352 GLN   A OE1 1 
ATOM   878  N NE2 . GLN   A 1 149 ? -9.325  -17.194 -4.433  1.00 68.70 ? 352 GLN   A NE2 1 
ATOM   879  N N   . LEU   A 1 150 ? -10.079 -12.006 -2.089  1.00 48.86 ? 353 LEU   A N   1 
ATOM   880  C CA  . LEU   A 1 150 ? -9.552  -10.675 -2.387  1.00 49.36 ? 353 LEU   A CA  1 
ATOM   881  C C   . LEU   A 1 150 ? -8.685  -10.762 -3.637  1.00 49.96 ? 353 LEU   A C   1 
ATOM   882  O O   . LEU   A 1 150 ? -7.835  -11.634 -3.743  1.00 49.93 ? 353 LEU   A O   1 
ATOM   883  C CB  . LEU   A 1 150 ? -8.775  -10.022 -1.232  1.00 49.23 ? 353 LEU   A CB  1 
ATOM   884  C CG  . LEU   A 1 150 ? -8.380  -8.561  -1.497  1.00 49.67 ? 353 LEU   A CG  1 
ATOM   885  C CD1 . LEU   A 1 150 ? -9.596  -7.695  -1.711  1.00 49.29 ? 353 LEU   A CD1 1 
ATOM   886  C CD2 . LEU   A 1 150 ? -7.560  -8.007  -0.348  1.00 50.99 ? 353 LEU   A CD2 1 
ATOM   887  N N   . HIS   A 1 151 ? -8.950  -9.904  -4.602  1.00 50.45 ? 354 HIS   A N   1 
ATOM   888  C CA  . HIS   A 1 151 ? -8.233  -9.904  -5.861  1.00 51.71 ? 354 HIS   A CA  1 
ATOM   889  C C   . HIS   A 1 151 ? -7.510  -8.608  -6.076  1.00 51.40 ? 354 HIS   A C   1 
ATOM   890  O O   . HIS   A 1 151 ? -7.944  -7.553  -5.612  1.00 50.27 ? 354 HIS   A O   1 
ATOM   891  C CB  . HIS   A 1 151 ? -9.225  -10.058 -7.029  1.00 54.05 ? 354 HIS   A CB  1 
ATOM   892  C CG  . HIS   A 1 151 ? -9.546  -11.472 -7.387  1.00 58.91 ? 354 HIS   A CG  1 
ATOM   893  N ND1 . HIS   A 1 151 ? -10.642 -12.121 -6.843  1.00 61.40 ? 354 HIS   A ND1 1 
ATOM   894  C CD2 . HIS   A 1 151 ? -8.913  -12.316 -8.234  1.00 60.69 ? 354 HIS   A CD2 1 
ATOM   895  C CE1 . HIS   A 1 151 ? -10.641 -13.333 -7.376  1.00 62.19 ? 354 HIS   A CE1 1 
ATOM   896  N NE2 . HIS   A 1 151 ? -9.613  -13.502 -8.208  1.00 62.24 ? 354 HIS   A NE2 1 
ATOM   897  N N   . LEU   A 1 152 ? -6.463  -8.658  -6.902  1.00 52.24 ? 355 LEU   A N   1 
ATOM   898  C CA  . LEU   A 1 152 ? -5.814  -7.444  -7.384  1.00 53.62 ? 355 LEU   A CA  1 
ATOM   899  C C   . LEU   A 1 152 ? -6.835  -6.758  -8.307  1.00 54.58 ? 355 LEU   A C   1 
ATOM   900  O O   . LEU   A 1 152 ? -7.701  -7.438  -8.879  1.00 54.53 ? 355 LEU   A O   1 
ATOM   901  C CB  . LEU   A 1 152 ? -4.627  -7.827  -8.262  1.00 53.97 ? 355 LEU   A CB  1 
ATOM   902  C CG  . LEU   A 1 152 ? -3.450  -8.442  -7.559  1.00 55.96 ? 355 LEU   A CG  1 
ATOM   903  C CD1 . LEU   A 1 152 ? -2.527  -9.110  -8.569  1.00 56.70 ? 355 LEU   A CD1 1 
ATOM   904  C CD2 . LEU   A 1 152 ? -2.716  -7.399  -6.730  1.00 56.16 ? 355 LEU   A CD2 1 
ATOM   905  N N   . ASN   A 1 153 ? -6.723  -5.439  -8.513  1.00 55.75 ? 356 ASN   A N   1 
ATOM   906  C CA  . ASN   A 1 153 ? -7.615  -4.756  -9.452  1.00 57.10 ? 356 ASN   A CA  1 
ATOM   907  C C   . ASN   A 1 153 ? -7.391  -5.369  -10.854 1.00 58.72 ? 356 ASN   A C   1 
ATOM   908  O O   . ASN   A 1 153 ? -6.250  -5.634  -11.228 1.00 58.08 ? 356 ASN   A O   1 
ATOM   909  C CB  . ASN   A 1 153 ? -7.358  -3.270  -9.459  1.00 57.68 ? 356 ASN   A CB  1 
ATOM   910  C CG  . ASN   A 1 153 ? -8.423  -2.505  -10.182 1.00 58.93 ? 356 ASN   A CG  1 
ATOM   911  O OD1 . ASN   A 1 153 ? -8.612  -2.670  -11.389 1.00 59.85 ? 356 ASN   A OD1 1 
ATOM   912  N ND2 . ASN   A 1 153 ? -9.132  -1.648  -9.455  1.00 58.76 ? 356 ASN   A ND2 1 
ATOM   913  N N   . PRO   A 1 154 ? -8.469  -5.812  -11.512 1.00 60.63 ? 357 PRO   A N   1 
ATOM   914  C CA  . PRO   A 1 154 ? -8.303  -6.497  -12.812 1.00 62.26 ? 357 PRO   A CA  1 
ATOM   915  C C   . PRO   A 1 154 ? -7.418  -5.751  -13.833 1.00 64.15 ? 357 PRO   A C   1 
ATOM   916  O O   . PRO   A 1 154 ? -6.749  -6.406  -14.628 1.00 64.51 ? 357 PRO   A O   1 
ATOM   917  C CB  . PRO   A 1 154 ? -9.738  -6.715  -13.304 1.00 62.68 ? 357 PRO   A CB  1 
ATOM   918  C CG  . PRO   A 1 154 ? -10.614 -5.874  -12.408 1.00 62.75 ? 357 PRO   A CG  1 
ATOM   919  C CD  . PRO   A 1 154 ? -9.886  -5.696  -11.119 1.00 60.60 ? 357 PRO   A CD  1 
ATOM   920  N N   . GLN   A 1 155 ? -7.328  -4.408  -13.749 1.00 65.18 ? 358 GLN   A N   1 
ATOM   921  C CA  . GLN   A 1 155 ? -6.442  -3.636  -14.627 1.00 67.14 ? 358 GLN   A CA  1 
ATOM   922  C C   . GLN   A 1 155 ? -4.983  -4.028  -14.362 1.00 68.57 ? 358 GLN   A C   1 
ATOM   923  O O   . GLN   A 1 155 ? -4.226  -4.270  -15.303 1.00 69.12 ? 358 GLN   A O   1 
ATOM   924  C CB  . GLN   A 1 155 ? -6.648  -2.126  -14.418 1.00 69.37 ? 358 GLN   A CB  1 
ATOM   925  C CG  . GLN   A 1 155 ? -7.896  -1.605  -15.111 1.00 74.09 ? 358 GLN   A CG  1 
ATOM   926  C CD  . GLN   A 1 155 ? -8.550  -0.467  -14.369 1.00 79.86 ? 358 GLN   A CD  1 
ATOM   927  O OE1 . GLN   A 1 155 ? -9.475  -0.671  -13.560 1.00 82.28 ? 358 GLN   A OE1 1 
ATOM   928  N NE2 . GLN   A 1 155 ? -8.097  0.754   -14.639 1.00 79.85 ? 358 GLN   A NE2 1 
ATOM   929  N N   . VAL   A 1 156 ? -4.618  -4.152  -13.078 1.00 68.94 ? 359 VAL   A N   1 
ATOM   930  C CA  . VAL   A 1 156 ? -3.301  -4.571  -12.614 1.00 70.01 ? 359 VAL   A CA  1 
ATOM   931  C C   . VAL   A 1 156 ? -3.053  -6.042  -12.949 1.00 71.95 ? 359 VAL   A C   1 
ATOM   932  O O   . VAL   A 1 156 ? -1.976  -6.385  -13.449 1.00 72.16 ? 359 VAL   A O   1 
ATOM   933  C CB  . VAL   A 1 156 ? -3.197  -4.324  -11.097 1.00 70.07 ? 359 VAL   A CB  1 
ATOM   934  C CG1 . VAL   A 1 156 ? -1.877  -4.831  -10.534 1.00 70.37 ? 359 VAL   A CG1 1 
ATOM   935  C CG2 . VAL   A 1 156 ? -3.386  -2.858  -10.795 1.00 70.34 ? 359 VAL   A CG2 1 
ATOM   936  N N   . ALA   A 1 157 ? -4.053  -6.910  -12.683 1.00 73.08 ? 360 ALA   A N   1 
ATOM   937  C CA  . ALA   A 1 157 ? -3.958  -8.341  -12.972 1.00 74.84 ? 360 ALA   A CA  1 
ATOM   938  C C   . ALA   A 1 157 ? -3.681  -8.588  -14.474 1.00 76.54 ? 360 ALA   A C   1 
ATOM   939  O O   . ALA   A 1 157 ? -2.874  -9.457  -14.814 1.00 76.75 ? 360 ALA   A O   1 
ATOM   940  C CB  . ALA   A 1 157 ? -5.239  -9.048  -12.544 1.00 74.96 ? 360 ALA   A CB  1 
ATOM   941  N N   . LYS   A 1 158 ? -4.302  -7.793  -15.363 1.00 77.42 ? 361 LYS   A N   1 
ATOM   942  C CA  . LYS   A 1 158 ? -4.074  -7.907  -16.806 1.00 78.65 ? 361 LYS   A CA  1 
ATOM   943  C C   . LYS   A 1 158 ? -2.774  -7.189  -17.204 1.00 79.24 ? 361 LYS   A C   1 
ATOM   944  O O   . LYS   A 1 158 ? -1.674  -7.687  -16.960 1.00 79.54 ? 361 LYS   A O   1 
ATOM   945  C CB  . LYS   A 1 158 ? -5.266  -7.326  -17.588 1.00 80.54 ? 361 LYS   A CB  1 
HETATM 946  C C1  . A1IEF B 2 .   ? 4.318   -6.221  2.317   1.00 43.08 ? 401 A1IEF A C1  1 
HETATM 947  C C2  . A1IEF B 2 .   ? 4.988   -8.115  0.836   1.00 41.25 ? 401 A1IEF A C2  1 
HETATM 948  C C3  . A1IEF B 2 .   ? 4.222   -8.270  -0.457  1.00 39.61 ? 401 A1IEF A C3  1 
HETATM 949  N N6  . A1IEF B 2 .   ? 1.133   -14.392 -1.757  1.00 60.17 ? 401 A1IEF A N6  1 
HETATM 950  C C7  . A1IEF B 2 .   ? 3.095   -7.512  -0.722  1.00 39.04 ? 401 A1IEF A C7  1 
HETATM 951  C C8  . A1IEF B 2 .   ? 3.372   -8.508  2.669   1.00 46.08 ? 401 A1IEF A C8  1 
HETATM 952  C C9  . A1IEF B 2 .   ? 2.552   -8.081  3.707   1.00 47.25 ? 401 A1IEF A C9  1 
HETATM 953  C C10 . A1IEF B 2 .   ? 1.783   -9.031  4.365   1.00 48.50 ? 401 A1IEF A C10 1 
HETATM 954  C C11 . A1IEF B 2 .   ? 0.870   -8.654  5.494   1.00 48.44 ? 401 A1IEF A C11 1 
HETATM 955  C C12 . A1IEF B 2 .   ? 2.640   -10.645 3.003   1.00 49.88 ? 401 A1IEF A C12 1 
HETATM 956  C C13 . A1IEF B 2 .   ? 2.264   -13.077 3.475   1.00 52.91 ? 401 A1IEF A C13 1 
HETATM 957  C C14 . A1IEF B 2 .   ? 2.447   -14.294 2.609   1.00 53.21 ? 401 A1IEF A C14 1 
HETATM 958  C C15 . A1IEF B 2 .   ? 3.707   -13.970 1.841   1.00 53.74 ? 401 A1IEF A C15 1 
HETATM 959  C C16 . A1IEF B 2 .   ? 3.619   -12.461 1.569   1.00 54.11 ? 401 A1IEF A C16 1 
HETATM 960  O O   . A1IEF B 2 .   ? 3.371   -14.072 -1.799  1.00 60.54 ? 401 A1IEF A O   1 
HETATM 961  C C18 . A1IEF B 2 .   ? 2.251   -13.794 -1.336  1.00 59.84 ? 401 A1IEF A C18 1 
HETATM 962  N N5  . A1IEF B 2 .   ? 2.099   -12.868 -0.374  1.00 58.15 ? 401 A1IEF A N5  1 
HETATM 963  C C17 . A1IEF B 2 .   ? 3.229   -12.097 0.130   1.00 56.19 ? 401 A1IEF A C17 1 
HETATM 964  N N4  . A1IEF B 2 .   ? 2.704   -11.968 2.617   1.00 52.36 ? 401 A1IEF A N4  1 
HETATM 965  N N2  . A1IEF B 2 .   ? 1.810   -10.332 4.022   1.00 49.04 ? 401 A1IEF A N2  1 
HETATM 966  N N3  . A1IEF B 2 .   ? 3.418   -9.791  2.316   1.00 48.13 ? 401 A1IEF A N3  1 
HETATM 967  N N   . A1IEF B 2 .   ? 4.177   -7.641  1.957   1.00 43.47 ? 401 A1IEF A N   1 
HETATM 968  C C   . A1IEF B 2 .   ? 5.235   -5.923  3.478   1.00 42.72 ? 401 A1IEF A C   1 
HETATM 969  C C6  . A1IEF B 2 .   ? 2.428   -7.687  -1.920  1.00 39.16 ? 401 A1IEF A C6  1 
HETATM 970  N N1  . A1IEF B 2 .   ? 2.811   -8.563  -2.857  1.00 39.15 ? 401 A1IEF A N1  1 
HETATM 971  C C5  . A1IEF B 2 .   ? 3.902   -9.289  -2.590  1.00 38.90 ? 401 A1IEF A C5  1 
HETATM 972  C C4  . A1IEF B 2 .   ? 4.627   -9.176  -1.419  1.00 38.83 ? 401 A1IEF A C4  1 
HETATM 973  O O   . HOH   C 3 .   ? -8.103  -2.051  -0.271  1.00 42.36 ? 501 HOH   A O   1 
HETATM 974  O O   . HOH   C 3 .   ? -0.353  -5.897  -4.533  1.00 43.67 ? 502 HOH   A O   1 
HETATM 975  O O   . HOH   C 3 .   ? -5.952  11.144  -1.174  1.00 56.21 ? 503 HOH   A O   1 
HETATM 976  O O   . HOH   C 3 .   ? 18.551  -11.260 2.876   1.00 61.40 ? 504 HOH   A O   1 
HETATM 977  O O   . HOH   C 3 .   ? -11.761 -13.492 2.615   1.00 39.13 ? 505 HOH   A O   1 
HETATM 978  O O   . HOH   C 3 .   ? -11.191 -0.639  -0.562  1.00 54.85 ? 506 HOH   A O   1 
HETATM 979  O O   . HOH   C 3 .   ? 2.986   8.913   9.845   1.00 60.40 ? 507 HOH   A O   1 
HETATM 980  O O   . HOH   C 3 .   ? 6.157   8.143   -11.354 1.00 48.08 ? 508 HOH   A O   1 
HETATM 981  O O   . HOH   C 3 .   ? -4.580  -3.714  -7.501  1.00 41.99 ? 509 HOH   A O   1 
HETATM 982  O O   . HOH   C 3 .   ? 6.804   -3.415  5.478   1.00 44.50 ? 510 HOH   A O   1 
HETATM 983  O O   . HOH   C 3 .   ? 6.852   -12.632 0.146   1.00 63.29 ? 511 HOH   A O   1 
HETATM 984  O O   . HOH   C 3 .   ? 3.603   -0.403  14.324  1.00 52.62 ? 512 HOH   A O   1 
HETATM 985  O O   . HOH   C 3 .   ? -8.560  -4.278  11.869  1.00 56.05 ? 513 HOH   A O   1 
HETATM 986  O O   . HOH   C 3 .   ? -13.198 4.563   12.111  1.00 64.54 ? 514 HOH   A O   1 
HETATM 987  O O   . HOH   C 3 .   ? 3.159   -2.592  11.279  1.00 52.64 ? 515 HOH   A O   1 
HETATM 988  O O   . HOH   C 3 .   ? 7.726   0.926   12.755  1.00 57.05 ? 516 HOH   A O   1 
HETATM 989  O O   . HOH   C 3 .   ? 13.417  -0.905  4.821   1.00 40.08 ? 517 HOH   A O   1 
HETATM 990  O O   . HOH   C 3 .   ? 18.962  4.156   3.130   1.00 52.67 ? 518 HOH   A O   1 
HETATM 991  O O   . HOH   C 3 .   ? -11.889 6.508   -8.518  1.00 62.99 ? 519 HOH   A O   1 
HETATM 992  O O   . HOH   C 3 .   ? 6.694   2.850   -12.900 1.00 48.65 ? 520 HOH   A O   1 
HETATM 993  O O   . HOH   C 3 .   ? -2.025  -1.464  -4.072  1.00 48.77 ? 521 HOH   A O   1 
HETATM 994  O O   . HOH   C 3 .   ? 6.605   7.588   10.975  1.00 63.87 ? 522 HOH   A O   1 
HETATM 995  O O   . HOH   C 3 .   ? -0.729  -2.402  13.322  1.00 60.50 ? 523 HOH   A O   1 
HETATM 996  O O   . HOH   C 3 .   ? -5.658  -11.290 -7.800  1.00 70.52 ? 524 HOH   A O   1 
HETATM 997  O O   . HOH   C 3 .   ? -10.700 2.484   -0.838  1.00 48.71 ? 525 HOH   A O   1 
HETATM 998  O O   . HOH   C 3 .   ? -3.404  -9.536  3.637   1.00 57.08 ? 526 HOH   A O   1 
HETATM 999  O O   . HOH   C 3 .   ? -1.627  -3.660  -6.464  1.00 51.62 ? 527 HOH   A O   1 
HETATM 1000 O O   . HOH   C 3 .   ? -0.298  -11.937 5.324   1.00 77.52 ? 528 HOH   A O   1 
HETATM 1001 O O   . HOH   C 3 .   ? -9.951  3.397   -2.984  1.00 55.82 ? 529 HOH   A O   1 
HETATM 1002 O O   . HOH   C 3 .   ? 1.605   -1.243  12.718  1.00 45.76 ? 530 HOH   A O   1 
HETATM 1003 O O   . HOH   C 3 .   ? -4.082  -5.904  9.911   1.00 47.21 ? 531 HOH   A O   1 
HETATM 1004 O O   . HOH   C 3 .   ? 13.230  3.256   10.022  1.00 59.46 ? 532 HOH   A O   1 
HETATM 1005 O O   . HOH   C 3 .   ? -8.169  13.122  -8.151  1.00 58.77 ? 533 HOH   A O   1 
HETATM 1006 O O   . HOH   C 3 .   ? 4.390   -4.638  12.398  1.00 64.76 ? 534 HOH   A O   1 
HETATM 1007 O O   . HOH   C 3 .   ? -12.561 5.662   8.405   1.00 51.07 ? 535 HOH   A O   1 
HETATM 1008 O O   . HOH   C 3 .   ? 5.202   11.561  -10.128 1.00 65.85 ? 536 HOH   A O   1 
HETATM 1009 O O   . HOH   C 3 .   ? 14.123  -1.869  7.198   1.00 53.36 ? 537 HOH   A O   1 
HETATM 1010 O O   . HOH   C 3 .   ? -13.320 4.388   -0.154  1.00 57.78 ? 538 HOH   A O   1 
# 
